data_4KMC
# 
_entry.id   4KMC 
# 
_audit_conform.dict_name       mmcif_pdbx.dic 
_audit_conform.dict_version    5.388 
_audit_conform.dict_location   http://mmcif.pdb.org/dictionaries/ascii/mmcif_pdbx.dic 
# 
loop_
_database_2.database_id 
_database_2.database_code 
_database_2.pdbx_database_accession 
_database_2.pdbx_DOI 
PDB   4KMC         pdb_00004kmc 10.2210/pdb4kmc/pdb 
RCSB  RCSB079517   ?            ?                   
WWPDB D_1000079517 ?            ?                   
# 
loop_
_pdbx_audit_revision_history.ordinal 
_pdbx_audit_revision_history.data_content_type 
_pdbx_audit_revision_history.major_revision 
_pdbx_audit_revision_history.minor_revision 
_pdbx_audit_revision_history.revision_date 
1 'Structure model' 1 0 2014-02-19 
2 'Structure model' 1 1 2019-12-25 
3 'Structure model' 1 2 2024-03-20 
# 
_pdbx_audit_revision_details.ordinal             1 
_pdbx_audit_revision_details.revision_ordinal    1 
_pdbx_audit_revision_details.data_content_type   'Structure model' 
_pdbx_audit_revision_details.provider            repository 
_pdbx_audit_revision_details.type                'Initial release' 
_pdbx_audit_revision_details.description         ? 
_pdbx_audit_revision_details.details             ? 
# 
loop_
_pdbx_audit_revision_group.ordinal 
_pdbx_audit_revision_group.revision_ordinal 
_pdbx_audit_revision_group.data_content_type 
_pdbx_audit_revision_group.group 
1 2 'Structure model' 'Data collection'     
2 2 'Structure model' 'Database references' 
3 3 'Structure model' 'Data collection'     
4 3 'Structure model' 'Database references' 
# 
loop_
_pdbx_audit_revision_category.ordinal 
_pdbx_audit_revision_category.revision_ordinal 
_pdbx_audit_revision_category.data_content_type 
_pdbx_audit_revision_category.category 
1 2 'Structure model' citation       
2 2 'Structure model' reflns_shell   
3 3 'Structure model' chem_comp_atom 
4 3 'Structure model' chem_comp_bond 
5 3 'Structure model' database_2     
# 
loop_
_pdbx_audit_revision_item.ordinal 
_pdbx_audit_revision_item.revision_ordinal 
_pdbx_audit_revision_item.data_content_type 
_pdbx_audit_revision_item.item 
1 2 'Structure model' '_citation.country'                   
2 2 'Structure model' '_citation.journal_id_ASTM'           
3 2 'Structure model' '_citation.journal_id_ISSN'           
4 2 'Structure model' '_citation.pdbx_database_id_PubMed'   
5 2 'Structure model' '_citation.title'                     
6 2 'Structure model' '_reflns_shell.Rmerge_I_obs'          
7 3 'Structure model' '_database_2.pdbx_DOI'                
8 3 'Structure model' '_database_2.pdbx_database_accession' 
# 
_pdbx_database_status.entry_id                        4KMC 
_pdbx_database_status.methods_development_category    ? 
_pdbx_database_status.deposit_site                    RCSB 
_pdbx_database_status.process_site                    PDBJ 
_pdbx_database_status.recvd_initial_deposition_date   2013-05-08 
_pdbx_database_status.status_code                     REL 
_pdbx_database_status.status_code_sf                  REL 
_pdbx_database_status.status_code_mr                  ? 
_pdbx_database_status.SG_entry                        ? 
_pdbx_database_status.status_code_cs                  ? 
_pdbx_database_status.pdb_format_compatible           Y 
_pdbx_database_status.status_code_nmr_data            ? 
# 
loop_
_audit_author.name 
_audit_author.pdbx_ordinal 
_audit_author.identifier_ORCID 
'Gangwar, S.P.' 1 ? 
'Meena, S.R.'   2 ? 
'Saxena, A.K.'  3 ? 
# 
_citation.id                        primary 
_citation.title                     
'Structure of the carboxy-terminal domain of Mycobacterium tuberculosis CarD protein: an essential rRNA transcriptional regulator.' 
_citation.journal_abbrev            'Acta Crystallogr.,Sect.F' 
_citation.journal_volume            70 
_citation.page_first                160 
_citation.page_last                 165 
_citation.year                      2014 
_citation.journal_id_ASTM           ACSFEN 
_citation.country                   US 
_citation.journal_id_ISSN           2053-230X 
_citation.journal_id_CSD            ? 
_citation.book_publisher            ? 
_citation.pdbx_database_id_PubMed   24637748 
_citation.pdbx_database_id_DOI      10.1107/S2053230X13034407 
# 
loop_
_citation_author.citation_id 
_citation_author.name 
_citation_author.ordinal 
_citation_author.identifier_ORCID 
primary 'Gangwar, S.P.' 1 ? 
primary 'Meena, S.R.'   2 ? 
primary 'Saxena, A.K.'  3 ? 
# 
loop_
_entity.id 
_entity.type 
_entity.src_method 
_entity.pdbx_description 
_entity.formula_weight 
_entity.pdbx_number_of_molecules 
_entity.pdbx_ec 
_entity.pdbx_mutation 
_entity.pdbx_fragment 
_entity.details 
1 polymer man 'RNA polymerase-binding transcription factor CarD' 8883.027 1  ? ? 'C terminal domain, UNP residues 83-162' ? 
2 water   nat water                                              18.015   15 ? ? ?                                        ? 
# 
_entity_poly.entity_id                      1 
_entity_poly.type                           'polypeptide(L)' 
_entity_poly.nstd_linkage                   no 
_entity_poly.nstd_monomer                   no 
_entity_poly.pdbx_seq_one_letter_code       TNWSRRYKANLEKLASGDVNKVAEVVRDLWRRDQERGLSAGEKRMLAKARQILVGELALAESTDDAKAETILDEVLAAAS 
_entity_poly.pdbx_seq_one_letter_code_can   TNWSRRYKANLEKLASGDVNKVAEVVRDLWRRDQERGLSAGEKRMLAKARQILVGELALAESTDDAKAETILDEVLAAAS 
_entity_poly.pdbx_strand_id                 A 
_entity_poly.pdbx_target_identifier         ? 
# 
_pdbx_entity_nonpoly.entity_id   2 
_pdbx_entity_nonpoly.name        water 
_pdbx_entity_nonpoly.comp_id     HOH 
# 
loop_
_entity_poly_seq.entity_id 
_entity_poly_seq.num 
_entity_poly_seq.mon_id 
_entity_poly_seq.hetero 
1 1  THR n 
1 2  ASN n 
1 3  TRP n 
1 4  SER n 
1 5  ARG n 
1 6  ARG n 
1 7  TYR n 
1 8  LYS n 
1 9  ALA n 
1 10 ASN n 
1 11 LEU n 
1 12 GLU n 
1 13 LYS n 
1 14 LEU n 
1 15 ALA n 
1 16 SER n 
1 17 GLY n 
1 18 ASP n 
1 19 VAL n 
1 20 ASN n 
1 21 LYS n 
1 22 VAL n 
1 23 ALA n 
1 24 GLU n 
1 25 VAL n 
1 26 VAL n 
1 27 ARG n 
1 28 ASP n 
1 29 LEU n 
1 30 TRP n 
1 31 ARG n 
1 32 ARG n 
1 33 ASP n 
1 34 GLN n 
1 35 GLU n 
1 36 ARG n 
1 37 GLY n 
1 38 LEU n 
1 39 SER n 
1 40 ALA n 
1 41 GLY n 
1 42 GLU n 
1 43 LYS n 
1 44 ARG n 
1 45 MET n 
1 46 LEU n 
1 47 ALA n 
1 48 LYS n 
1 49 ALA n 
1 50 ARG n 
1 51 GLN n 
1 52 ILE n 
1 53 LEU n 
1 54 VAL n 
1 55 GLY n 
1 56 GLU n 
1 57 LEU n 
1 58 ALA n 
1 59 LEU n 
1 60 ALA n 
1 61 GLU n 
1 62 SER n 
1 63 THR n 
1 64 ASP n 
1 65 ASP n 
1 66 ALA n 
1 67 LYS n 
1 68 ALA n 
1 69 GLU n 
1 70 THR n 
1 71 ILE n 
1 72 LEU n 
1 73 ASP n 
1 74 GLU n 
1 75 VAL n 
1 76 LEU n 
1 77 ALA n 
1 78 ALA n 
1 79 ALA n 
1 80 SER n 
# 
_entity_src_gen.entity_id                          1 
_entity_src_gen.pdbx_src_id                        1 
_entity_src_gen.pdbx_alt_source_flag               sample 
_entity_src_gen.pdbx_seq_type                      ? 
_entity_src_gen.pdbx_beg_seq_num                   ? 
_entity_src_gen.pdbx_end_seq_num                   ? 
_entity_src_gen.gene_src_common_name               ? 
_entity_src_gen.gene_src_genus                     ? 
_entity_src_gen.pdbx_gene_src_gene                 'carD, MT3689, Rv3583c' 
_entity_src_gen.gene_src_species                   ? 
_entity_src_gen.gene_src_strain                    H37Rv 
_entity_src_gen.gene_src_tissue                    ? 
_entity_src_gen.gene_src_tissue_fraction           ? 
_entity_src_gen.gene_src_details                   ? 
_entity_src_gen.pdbx_gene_src_fragment             ? 
_entity_src_gen.pdbx_gene_src_scientific_name      'Mycobacterium tuberculosis' 
_entity_src_gen.pdbx_gene_src_ncbi_taxonomy_id     1773 
_entity_src_gen.pdbx_gene_src_variant              ? 
_entity_src_gen.pdbx_gene_src_cell_line            ? 
_entity_src_gen.pdbx_gene_src_atcc                 ? 
_entity_src_gen.pdbx_gene_src_organ                ? 
_entity_src_gen.pdbx_gene_src_organelle            ? 
_entity_src_gen.pdbx_gene_src_cell                 ? 
_entity_src_gen.pdbx_gene_src_cellular_location    ? 
_entity_src_gen.host_org_common_name               ? 
_entity_src_gen.pdbx_host_org_scientific_name      'Escherichia coli' 
_entity_src_gen.pdbx_host_org_ncbi_taxonomy_id     562 
_entity_src_gen.host_org_genus                     ? 
_entity_src_gen.pdbx_host_org_gene                 ? 
_entity_src_gen.pdbx_host_org_organ                ? 
_entity_src_gen.host_org_species                   ? 
_entity_src_gen.pdbx_host_org_tissue               ? 
_entity_src_gen.pdbx_host_org_tissue_fraction      ? 
_entity_src_gen.pdbx_host_org_strain               'BL21(DE3)' 
_entity_src_gen.pdbx_host_org_variant              ? 
_entity_src_gen.pdbx_host_org_cell_line            ? 
_entity_src_gen.pdbx_host_org_atcc                 ? 
_entity_src_gen.pdbx_host_org_culture_collection   ? 
_entity_src_gen.pdbx_host_org_cell                 ? 
_entity_src_gen.pdbx_host_org_organelle            ? 
_entity_src_gen.pdbx_host_org_cellular_location    ? 
_entity_src_gen.pdbx_host_org_vector_type          Plasmid 
_entity_src_gen.pdbx_host_org_vector               ? 
_entity_src_gen.host_org_details                   ? 
_entity_src_gen.expression_system_id               ? 
_entity_src_gen.plasmid_name                       'pET28a(+)' 
_entity_src_gen.plasmid_details                    ? 
_entity_src_gen.pdbx_description                   ? 
# 
loop_
_chem_comp.id 
_chem_comp.type 
_chem_comp.mon_nstd_flag 
_chem_comp.name 
_chem_comp.pdbx_synonyms 
_chem_comp.formula 
_chem_comp.formula_weight 
ALA 'L-peptide linking' y ALANINE         ? 'C3 H7 N O2'     89.093  
ARG 'L-peptide linking' y ARGININE        ? 'C6 H15 N4 O2 1' 175.209 
ASN 'L-peptide linking' y ASPARAGINE      ? 'C4 H8 N2 O3'    132.118 
ASP 'L-peptide linking' y 'ASPARTIC ACID' ? 'C4 H7 N O4'     133.103 
GLN 'L-peptide linking' y GLUTAMINE       ? 'C5 H10 N2 O3'   146.144 
GLU 'L-peptide linking' y 'GLUTAMIC ACID' ? 'C5 H9 N O4'     147.129 
GLY 'peptide linking'   y GLYCINE         ? 'C2 H5 N O2'     75.067  
HOH non-polymer         . WATER           ? 'H2 O'           18.015  
ILE 'L-peptide linking' y ISOLEUCINE      ? 'C6 H13 N O2'    131.173 
LEU 'L-peptide linking' y LEUCINE         ? 'C6 H13 N O2'    131.173 
LYS 'L-peptide linking' y LYSINE          ? 'C6 H15 N2 O2 1' 147.195 
MET 'L-peptide linking' y METHIONINE      ? 'C5 H11 N O2 S'  149.211 
SER 'L-peptide linking' y SERINE          ? 'C3 H7 N O3'     105.093 
THR 'L-peptide linking' y THREONINE       ? 'C4 H9 N O3'     119.119 
TRP 'L-peptide linking' y TRYPTOPHAN      ? 'C11 H12 N2 O2'  204.225 
TYR 'L-peptide linking' y TYROSINE        ? 'C9 H11 N O3'    181.189 
VAL 'L-peptide linking' y VALINE          ? 'C5 H11 N O2'    117.146 
# 
loop_
_pdbx_poly_seq_scheme.asym_id 
_pdbx_poly_seq_scheme.entity_id 
_pdbx_poly_seq_scheme.seq_id 
_pdbx_poly_seq_scheme.mon_id 
_pdbx_poly_seq_scheme.ndb_seq_num 
_pdbx_poly_seq_scheme.pdb_seq_num 
_pdbx_poly_seq_scheme.auth_seq_num 
_pdbx_poly_seq_scheme.pdb_mon_id 
_pdbx_poly_seq_scheme.auth_mon_id 
_pdbx_poly_seq_scheme.pdb_strand_id 
_pdbx_poly_seq_scheme.pdb_ins_code 
_pdbx_poly_seq_scheme.hetero 
A 1 1  THR 1  83  83  THR THR A . n 
A 1 2  ASN 2  84  84  ASN ASN A . n 
A 1 3  TRP 3  85  85  TRP TRP A . n 
A 1 4  SER 4  86  86  SER SER A . n 
A 1 5  ARG 5  87  87  ARG ARG A . n 
A 1 6  ARG 6  88  88  ARG ARG A . n 
A 1 7  TYR 7  89  89  TYR TYR A . n 
A 1 8  LYS 8  90  90  LYS LYS A . n 
A 1 9  ALA 9  91  91  ALA ALA A . n 
A 1 10 ASN 10 92  92  ASN ASN A . n 
A 1 11 LEU 11 93  93  LEU LEU A . n 
A 1 12 GLU 12 94  94  GLU GLU A . n 
A 1 13 LYS 13 95  95  LYS LYS A . n 
A 1 14 LEU 14 96  96  LEU LEU A . n 
A 1 15 ALA 15 97  97  ALA ALA A . n 
A 1 16 SER 16 98  98  SER SER A . n 
A 1 17 GLY 17 99  99  GLY GLY A . n 
A 1 18 ASP 18 100 100 ASP ASP A . n 
A 1 19 VAL 19 101 101 VAL VAL A . n 
A 1 20 ASN 20 102 102 ASN ASN A . n 
A 1 21 LYS 21 103 103 LYS LYS A . n 
A 1 22 VAL 22 104 104 VAL VAL A . n 
A 1 23 ALA 23 105 105 ALA ALA A . n 
A 1 24 GLU 24 106 106 GLU GLU A . n 
A 1 25 VAL 25 107 107 VAL VAL A . n 
A 1 26 VAL 26 108 108 VAL VAL A . n 
A 1 27 ARG 27 109 109 ARG ARG A . n 
A 1 28 ASP 28 110 110 ASP ASP A . n 
A 1 29 LEU 29 111 111 LEU LEU A . n 
A 1 30 TRP 30 112 112 TRP TRP A . n 
A 1 31 ARG 31 113 113 ARG ARG A . n 
A 1 32 ARG 32 114 114 ARG ARG A . n 
A 1 33 ASP 33 115 115 ASP ASP A . n 
A 1 34 GLN 34 116 116 GLN GLN A . n 
A 1 35 GLU 35 117 117 GLU GLU A . n 
A 1 36 ARG 36 118 118 ARG ARG A . n 
A 1 37 GLY 37 119 119 GLY GLY A . n 
A 1 38 LEU 38 120 120 LEU LEU A . n 
A 1 39 SER 39 121 121 SER SER A . n 
A 1 40 ALA 40 122 122 ALA ALA A . n 
A 1 41 GLY 41 123 123 GLY GLY A . n 
A 1 42 GLU 42 124 124 GLU GLU A . n 
A 1 43 LYS 43 125 125 LYS LYS A . n 
A 1 44 ARG 44 126 126 ARG ARG A . n 
A 1 45 MET 45 127 127 MET MET A . n 
A 1 46 LEU 46 128 128 LEU LEU A . n 
A 1 47 ALA 47 129 129 ALA ALA A . n 
A 1 48 LYS 48 130 130 LYS LYS A . n 
A 1 49 ALA 49 131 131 ALA ALA A . n 
A 1 50 ARG 50 132 132 ARG ARG A . n 
A 1 51 GLN 51 133 133 GLN GLN A . n 
A 1 52 ILE 52 134 134 ILE ILE A . n 
A 1 53 LEU 53 135 135 LEU LEU A . n 
A 1 54 VAL 54 136 136 VAL VAL A . n 
A 1 55 GLY 55 137 137 GLY GLY A . n 
A 1 56 GLU 56 138 138 GLU GLU A . n 
A 1 57 LEU 57 139 139 LEU LEU A . n 
A 1 58 ALA 58 140 140 ALA ALA A . n 
A 1 59 LEU 59 141 141 LEU LEU A . n 
A 1 60 ALA 60 142 142 ALA ALA A . n 
A 1 61 GLU 61 143 143 GLU GLU A . n 
A 1 62 SER 62 144 144 SER SER A . n 
A 1 63 THR 63 145 145 THR THR A . n 
A 1 64 ASP 64 146 146 ASP ASP A . n 
A 1 65 ASP 65 147 147 ASP ASP A . n 
A 1 66 ALA 66 148 148 ALA ALA A . n 
A 1 67 LYS 67 149 149 LYS LYS A . n 
A 1 68 ALA 68 150 150 ALA ALA A . n 
A 1 69 GLU 69 151 151 GLU GLU A . n 
A 1 70 THR 70 152 152 THR THR A . n 
A 1 71 ILE 71 153 153 ILE ILE A . n 
A 1 72 LEU 72 154 154 LEU LEU A . n 
A 1 73 ASP 73 155 155 ASP ASP A . n 
A 1 74 GLU 74 156 156 GLU GLU A . n 
A 1 75 VAL 75 157 157 VAL VAL A . n 
A 1 76 LEU 76 158 158 LEU LEU A . n 
A 1 77 ALA 77 159 159 ALA ALA A . n 
A 1 78 ALA 78 160 160 ALA ALA A . n 
A 1 79 ALA 79 161 161 ALA ALA A . n 
A 1 80 SER 80 162 ?   ?   ?   A . n 
# 
loop_
_pdbx_nonpoly_scheme.asym_id 
_pdbx_nonpoly_scheme.entity_id 
_pdbx_nonpoly_scheme.mon_id 
_pdbx_nonpoly_scheme.ndb_seq_num 
_pdbx_nonpoly_scheme.pdb_seq_num 
_pdbx_nonpoly_scheme.auth_seq_num 
_pdbx_nonpoly_scheme.pdb_mon_id 
_pdbx_nonpoly_scheme.auth_mon_id 
_pdbx_nonpoly_scheme.pdb_strand_id 
_pdbx_nonpoly_scheme.pdb_ins_code 
B 2 HOH 1  201 1  HOH HOH A . 
B 2 HOH 2  202 2  HOH HOH A . 
B 2 HOH 3  203 3  HOH HOH A . 
B 2 HOH 4  204 4  HOH HOH A . 
B 2 HOH 5  205 5  HOH HOH A . 
B 2 HOH 6  206 6  HOH HOH A . 
B 2 HOH 7  207 7  HOH HOH A . 
B 2 HOH 8  208 8  HOH HOH A . 
B 2 HOH 9  209 9  HOH HOH A . 
B 2 HOH 10 210 10 HOH HOH A . 
B 2 HOH 11 211 11 HOH HOH A . 
B 2 HOH 12 212 12 HOH HOH A . 
B 2 HOH 13 213 13 HOH HOH A . 
B 2 HOH 14 214 14 HOH HOH A . 
B 2 HOH 15 215 15 HOH HOH A . 
# 
loop_
_software.pdbx_ordinal 
_software.name 
_software.version 
_software.date 
_software.type 
_software.contact_author 
_software.contact_author_email 
_software.classification 
_software.location 
_software.language 
_software.citation_id 
1 SCALEPACK   .          ?                program 'Zbyszek Otwinowski' hkl@hkl-xray.com         'data scaling'    
http://www.hkl-xray.com/                  ?   ? 
2 PHENIX      1.8.1_1168 ?                package 'Paul D. Adams'      PDAdams@lbl.gov          refinement        
http://www.phenix-online.org/             C++ ? 
3 PDB_EXTRACT 3.11       'April 22, 2011' package PDB                  deposit@deposit.rcsb.org 'data extraction' 
http://sw-tools.pdb.org/apps/PDB_EXTRACT/ C++ ? 
4 HKL-2000    .          ?                ?       ?                    ?                        'data collection' ? ?   ? 
5 DENZO       .          ?                ?       ?                    ?                        'data reduction'  ? ?   ? 
6 PHENIX      .          ?                ?       ?                    ?                        phasing           ? ?   ? 
# 
_cell.length_a           60.957 
_cell.length_b           60.957 
_cell.length_c           59.478 
_cell.angle_alpha        90.000 
_cell.angle_beta         90.000 
_cell.angle_gamma        90.000 
_cell.entry_id           4KMC 
_cell.pdbx_unique_axis   ? 
_cell.Z_PDB              8 
_cell.length_a_esd       ? 
_cell.length_b_esd       ? 
_cell.length_c_esd       ? 
_cell.angle_alpha_esd    ? 
_cell.angle_beta_esd     ? 
_cell.angle_gamma_esd    ? 
# 
_symmetry.space_group_name_H-M             'P 43 21 2' 
_symmetry.entry_id                         4KMC 
_symmetry.pdbx_full_space_group_name_H-M   ? 
_symmetry.Int_Tables_number                96 
_symmetry.cell_setting                     ? 
_symmetry.space_group_name_Hall            ? 
# 
_exptl.crystals_number   1 
_exptl.entry_id          4KMC 
_exptl.method            'X-RAY DIFFRACTION' 
# 
_exptl_crystal.id                    1 
_exptl_crystal.pdbx_mosaicity        ? 
_exptl_crystal.pdbx_mosaicity_esd    ? 
_exptl_crystal.density_Matthews      3.11 
_exptl_crystal.density_diffrn        ? 
_exptl_crystal.density_meas          ? 
_exptl_crystal.density_meas_temp     ? 
_exptl_crystal.density_percent_sol   60.45 
_exptl_crystal.size_max              ? 
_exptl_crystal.size_mid              ? 
_exptl_crystal.size_min              ? 
_exptl_crystal.size_rad              ? 
_exptl_crystal.description           ? 
_exptl_crystal.F_000                 ? 
_exptl_crystal.preparation           ? 
# 
_exptl_crystal_grow.crystal_id      1 
_exptl_crystal_grow.method          'VAPOR DIFFUSION, HANGING DROP' 
_exptl_crystal_grow.pH              7.0 
_exptl_crystal_grow.temp            278 
_exptl_crystal_grow.temp_details    ? 
_exptl_crystal_grow.pdbx_details    
'16% PEG 4000, 0.2M Magnisium sulphate, 30% Ethylene Glycol, pH 7.0, VAPOR DIFFUSION, HANGING DROP, temperature 278K' 
_exptl_crystal_grow.pdbx_pH_range   ? 
# 
_diffrn.id                     1 
_diffrn.ambient_temp           100 
_diffrn.ambient_temp_details   ? 
_diffrn.crystal_id             1 
# 
_diffrn_detector.diffrn_id              1 
_diffrn_detector.detector               CCD 
_diffrn_detector.type                   'MARMOSAIC 225 mm CCD' 
_diffrn_detector.pdbx_collection_date   2013-04-20 
_diffrn_detector.details                ? 
# 
_diffrn_radiation.diffrn_id                        1 
_diffrn_radiation.wavelength_id                    1 
_diffrn_radiation.pdbx_diffrn_protocol             'SINGLE WAVELENGTH' 
_diffrn_radiation.monochromator                    'Si 111 CHANNEL' 
_diffrn_radiation.pdbx_monochromatic_or_laue_m_l   M 
_diffrn_radiation.pdbx_scattering_type             x-ray 
# 
_diffrn_radiation_wavelength.id           1 
_diffrn_radiation_wavelength.wavelength   0.97625 
_diffrn_radiation_wavelength.wt           1.0 
# 
_diffrn_source.diffrn_id                   1 
_diffrn_source.source                      SYNCHROTRON 
_diffrn_source.type                        'ESRF BEAMLINE BM14' 
_diffrn_source.pdbx_wavelength             ? 
_diffrn_source.pdbx_wavelength_list        0.97625 
_diffrn_source.pdbx_synchrotron_site       ESRF 
_diffrn_source.pdbx_synchrotron_beamline   BM14 
# 
_reflns.entry_id                     4KMC 
_reflns.observed_criterion_sigma_F   0 
_reflns.observed_criterion_sigma_I   0 
_reflns.d_resolution_high            2.15 
_reflns.d_resolution_low             50.30 
_reflns.number_all                   ? 
_reflns.number_obs                   6559 
_reflns.percent_possible_obs         99.99 
_reflns.pdbx_Rmerge_I_obs            0.081 
_reflns.pdbx_Rsym_value              ? 
_reflns.pdbx_netI_over_sigmaI        10.3 
_reflns.B_iso_Wilson_estimate        ? 
_reflns.pdbx_redundancy              27.4 
_reflns.R_free_details               ? 
_reflns.limit_h_max                  ? 
_reflns.limit_h_min                  ? 
_reflns.limit_k_max                  ? 
_reflns.limit_k_min                  ? 
_reflns.limit_l_max                  ? 
_reflns.limit_l_min                  ? 
_reflns.observed_criterion_F_max     ? 
_reflns.observed_criterion_F_min     ? 
_reflns.pdbx_chi_squared             ? 
_reflns.pdbx_scaling_rejects         ? 
_reflns.pdbx_ordinal                 1 
_reflns.pdbx_diffrn_id               1 
_reflns.pdbx_CC_half                 ? 
_reflns.pdbx_Rpim_I_all              ? 
_reflns.pdbx_Rrim_I_all              ? 
# 
_reflns_shell.d_res_high                  2.15 
_reflns_shell.d_res_low                   2.19 
_reflns_shell.percent_possible_obs        ? 
_reflns_shell.percent_possible_all        100 
_reflns_shell.Rmerge_I_obs                0.503 
_reflns_shell.meanI_over_sigI_obs         7.9 
_reflns_shell.pdbx_Rsym_value             ? 
_reflns_shell.pdbx_redundancy             28.6 
_reflns_shell.number_unique_all           334 
_reflns_shell.number_measured_all         ? 
_reflns_shell.number_measured_obs         ? 
_reflns_shell.number_unique_obs           ? 
_reflns_shell.pdbx_chi_squared            ? 
_reflns_shell.pdbx_rejects                ? 
_reflns_shell.pdbx_netI_over_sigmaI_obs   ? 
_reflns_shell.number_possible             ? 
_reflns_shell.Rmerge_F_all                ? 
_reflns_shell.Rmerge_F_obs                ? 
_reflns_shell.Rmerge_I_all                ? 
_reflns_shell.meanI_over_sigI_all         ? 
_reflns_shell.pdbx_Rrim_I_all             ? 
_reflns_shell.pdbx_Rpim_I_all             ? 
_reflns_shell.pdbx_ordinal                1 
_reflns_shell.pdbx_diffrn_id              1 
_reflns_shell.pdbx_CC_half                ? 
# 
_refine.entry_id                                 4KMC 
_refine.ls_d_res_high                            2.15 
_refine.ls_d_res_low                             30.4790 
_refine.pdbx_ls_sigma_F                          1.350 
_refine.pdbx_data_cutoff_high_absF               ? 
_refine.pdbx_data_cutoff_low_absF                ? 
_refine.ls_percent_reflns_obs                    99.8600 
_refine.ls_number_reflns_obs                     6522 
_refine.ls_number_reflns_all                     6559 
_refine.pdbx_ls_cross_valid_method               ? 
_refine.pdbx_R_Free_selection_details            RANDOM 
_refine.details                                  ? 
_refine.ls_R_factor_all                          0.22 
_refine.ls_R_factor_obs                          0.2200 
_refine.ls_R_factor_R_work                       0.2185 
_refine.ls_wR_factor_R_work                      ? 
_refine.ls_R_factor_R_free                       0.2529 
_refine.ls_wR_factor_R_free                      ? 
_refine.ls_percent_reflns_R_free                 4.6600 
_refine.ls_number_reflns_R_free                  304 
_refine.ls_R_factor_R_free_error                 ? 
_refine.B_iso_mean                               49.7209 
_refine.solvent_model_param_bsol                 ? 
_refine.solvent_model_param_ksol                 ? 
_refine.pdbx_isotropic_thermal_model             ? 
_refine.aniso_B[1][1]                            ? 
_refine.aniso_B[2][2]                            ? 
_refine.aniso_B[3][3]                            ? 
_refine.aniso_B[1][2]                            ? 
_refine.aniso_B[1][3]                            ? 
_refine.aniso_B[2][3]                            ? 
_refine.correlation_coeff_Fo_to_Fc               ? 
_refine.correlation_coeff_Fo_to_Fc_free          ? 
_refine.overall_SU_R_Cruickshank_DPI             ? 
_refine.overall_SU_R_free                        ? 
_refine.pdbx_overall_ESU_R                       ? 
_refine.pdbx_overall_ESU_R_Free                  ? 
_refine.overall_SU_ML                            0.2200 
_refine.overall_SU_B                             ? 
_refine.solvent_model_details                    'FLAT BULK SOLVENT MODEL' 
_refine.pdbx_solvent_vdw_probe_radii             1.1100 
_refine.pdbx_solvent_ion_probe_radii             ? 
_refine.pdbx_solvent_shrinkage_radii             0.9000 
_refine.ls_number_parameters                     ? 
_refine.ls_number_restraints                     ? 
_refine.pdbx_starting_model                      ? 
_refine.pdbx_method_to_determine_struct          SAD 
_refine.pdbx_stereochemistry_target_values       ML 
_refine.pdbx_stereochem_target_val_spec_case     ? 
_refine.overall_FOM_work_R_set                   0.7555 
_refine.B_iso_max                                109.110 
_refine.B_iso_min                                29.490 
_refine.pdbx_overall_phase_error                 28.9100 
_refine.occupancy_max                            1.000 
_refine.occupancy_min                            1.000 
_refine.pdbx_ls_sigma_I                          0 
_refine.ls_redundancy_reflns_obs                 ? 
_refine.ls_R_factor_R_free_error_details         ? 
_refine.pdbx_data_cutoff_high_rms_absF           ? 
_refine.overall_FOM_free_R_set                   ? 
_refine.pdbx_diffrn_id                           1 
_refine.pdbx_refine_id                           'X-RAY DIFFRACTION' 
_refine.pdbx_TLS_residual_ADP_flag               ? 
_refine.pdbx_overall_SU_R_free_Cruickshank_DPI   ? 
_refine.pdbx_overall_SU_R_Blow_DPI               ? 
_refine.pdbx_overall_SU_R_free_Blow_DPI          ? 
# 
_refine_hist.pdbx_refine_id                   'X-RAY DIFFRACTION' 
_refine_hist.cycle_id                         LAST 
_refine_hist.pdbx_number_atoms_protein        616 
_refine_hist.pdbx_number_atoms_nucleic_acid   0 
_refine_hist.pdbx_number_atoms_ligand         0 
_refine_hist.number_atoms_solvent             15 
_refine_hist.number_atoms_total               631 
_refine_hist.d_res_high                       2.15 
_refine_hist.d_res_low                        30.4790 
# 
loop_
_refine_ls_restr.type 
_refine_ls_restr.number 
_refine_ls_restr.dev_ideal 
_refine_ls_restr.dev_ideal_target 
_refine_ls_restr.weight 
_refine_ls_restr.pdbx_restraint_function 
_refine_ls_restr.pdbx_refine_id 
f_bond_d           620 0.007  ? ? ? 'X-RAY DIFFRACTION' 
f_angle_d          833 0.866  ? ? ? 'X-RAY DIFFRACTION' 
f_chiral_restr     96  0.051  ? ? ? 'X-RAY DIFFRACTION' 
f_plane_restr      108 0.003  ? ? ? 'X-RAY DIFFRACTION' 
f_dihedral_angle_d 237 13.509 ? ? ? 'X-RAY DIFFRACTION' 
# 
loop_
_refine_ls_shell.d_res_high 
_refine_ls_shell.d_res_low 
_refine_ls_shell.pdbx_total_number_of_bins_used 
_refine_ls_shell.percent_reflns_obs 
_refine_ls_shell.number_reflns_R_work 
_refine_ls_shell.R_factor_all 
_refine_ls_shell.R_factor_R_work 
_refine_ls_shell.R_factor_R_free 
_refine_ls_shell.percent_reflns_R_free 
_refine_ls_shell.number_reflns_R_free 
_refine_ls_shell.R_factor_R_free_error 
_refine_ls_shell.number_reflns_all 
_refine_ls_shell.number_reflns_obs 
_refine_ls_shell.pdbx_refine_id 
_refine_ls_shell.redundancy_reflns_obs 
_refine_ls_shell.R_factor_obs 
2.1460 2.7035  2 100.0000 3028 . 0.2121 0.2731 . 158 . 3186 . 'X-RAY DIFFRACTION' . . 
2.7035 30.4816 2 100.0000 3190 . 0.2200 0.2476 . 146 . 3336 . 'X-RAY DIFFRACTION' . . 
# 
_struct.entry_id                  4KMC 
_struct.title                     
;Structure analysis of M. Tuberculosis rRNA transcriptional regulator CarD and its interaction with T. Aquaticus RNA polymerase-BETA1 domain
;
_struct.pdbx_model_details        ? 
_struct.pdbx_CASP_flag            ? 
_struct.pdbx_model_type_details   ? 
# 
_struct_keywords.entry_id        4KMC 
_struct_keywords.pdbx_keywords   TRANSCRIPTION 
_struct_keywords.text            'UNKNOWN FOLD, rRNA TRANSCRIPTIONAL REGULATOR, RNA POLYMERASE BETA1 DOMAIN, TRANSCRIPTION' 
# 
loop_
_struct_asym.id 
_struct_asym.pdbx_blank_PDB_chainid_flag 
_struct_asym.pdbx_modified 
_struct_asym.entity_id 
_struct_asym.details 
A N N 1 ? 
B N N 2 ? 
# 
_struct_ref.id                         1 
_struct_ref.db_name                    UNP 
_struct_ref.db_code                    CARD_MYCTU 
_struct_ref.pdbx_db_accession          O53568 
_struct_ref.entity_id                  1 
_struct_ref.pdbx_seq_one_letter_code   
;TNWSRRYKANLEKLASGDVNKVAEVVRDLWRRDQERGLSAGEKRMLAKARQILVGELALAESTDDAKAETILDEVLAAAS

;
_struct_ref.pdbx_align_begin           83 
_struct_ref.pdbx_db_isoform            ? 
# 
_struct_ref_seq.align_id                      1 
_struct_ref_seq.ref_id                        1 
_struct_ref_seq.pdbx_PDB_id_code              4KMC 
_struct_ref_seq.pdbx_strand_id                A 
_struct_ref_seq.seq_align_beg                 1 
_struct_ref_seq.pdbx_seq_align_beg_ins_code   ? 
_struct_ref_seq.seq_align_end                 80 
_struct_ref_seq.pdbx_seq_align_end_ins_code   ? 
_struct_ref_seq.pdbx_db_accession             O53568 
_struct_ref_seq.db_align_beg                  83 
_struct_ref_seq.pdbx_db_align_beg_ins_code    ? 
_struct_ref_seq.db_align_end                  162 
_struct_ref_seq.pdbx_db_align_end_ins_code    ? 
_struct_ref_seq.pdbx_auth_seq_align_beg       83 
_struct_ref_seq.pdbx_auth_seq_align_end       162 
# 
loop_
_pdbx_struct_assembly.id 
_pdbx_struct_assembly.details 
_pdbx_struct_assembly.method_details 
_pdbx_struct_assembly.oligomeric_details 
_pdbx_struct_assembly.oligomeric_count 
1 author_defined_assembly   ?    monomeric 1 
2 software_defined_assembly PISA dimeric   2 
# 
loop_
_pdbx_struct_assembly_prop.biol_id 
_pdbx_struct_assembly_prop.type 
_pdbx_struct_assembly_prop.value 
_pdbx_struct_assembly_prop.details 
2 'ABSA (A^2)' 1900  ? 
2 MORE         -13   ? 
2 'SSA (A^2)'  10100 ? 
# 
loop_
_pdbx_struct_assembly_gen.assembly_id 
_pdbx_struct_assembly_gen.oper_expression 
_pdbx_struct_assembly_gen.asym_id_list 
1 1   A,B 
2 1,2 A,B 
# 
loop_
_pdbx_struct_oper_list.id 
_pdbx_struct_oper_list.type 
_pdbx_struct_oper_list.name 
_pdbx_struct_oper_list.symmetry_operation 
_pdbx_struct_oper_list.matrix[1][1] 
_pdbx_struct_oper_list.matrix[1][2] 
_pdbx_struct_oper_list.matrix[1][3] 
_pdbx_struct_oper_list.vector[1] 
_pdbx_struct_oper_list.matrix[2][1] 
_pdbx_struct_oper_list.matrix[2][2] 
_pdbx_struct_oper_list.matrix[2][3] 
_pdbx_struct_oper_list.vector[2] 
_pdbx_struct_oper_list.matrix[3][1] 
_pdbx_struct_oper_list.matrix[3][2] 
_pdbx_struct_oper_list.matrix[3][3] 
_pdbx_struct_oper_list.vector[3] 
1 'identity operation'         1_555 x,y,z        1.0000000000  0.0000000000  0.0000000000 0.0000000000  0.0000000000  1.0000000000  0.0000000000  0.0000000000 0.0000000000 0.0000000000  1.0000000000 0.0000000000  
2 'crystal symmetry operation' 8_555 -y,-x,-z+1/2 -0.8828485733 -0.2387788759 0.4044292831 13.2760767596 -0.2387788759 -0.5133191871 -0.8243106578 0.0514817607 0.4044292831 -0.8243106578 0.3961677604 -3.8152988444 
# 
loop_
_struct_conf.conf_type_id 
_struct_conf.id 
_struct_conf.pdbx_PDB_helix_id 
_struct_conf.beg_label_comp_id 
_struct_conf.beg_label_asym_id 
_struct_conf.beg_label_seq_id 
_struct_conf.pdbx_beg_PDB_ins_code 
_struct_conf.end_label_comp_id 
_struct_conf.end_label_asym_id 
_struct_conf.end_label_seq_id 
_struct_conf.pdbx_end_PDB_ins_code 
_struct_conf.beg_auth_comp_id 
_struct_conf.beg_auth_asym_id 
_struct_conf.beg_auth_seq_id 
_struct_conf.end_auth_comp_id 
_struct_conf.end_auth_asym_id 
_struct_conf.end_auth_seq_id 
_struct_conf.pdbx_PDB_helix_class 
_struct_conf.details 
_struct_conf.pdbx_PDB_helix_length 
HELX_P HELX_P1 1 THR A 1  ? SER A 16 ? THR A 83  SER A 98  1 ? 16 
HELX_P HELX_P2 2 ASP A 18 ? ARG A 36 ? ASP A 100 ARG A 118 1 ? 19 
HELX_P HELX_P3 3 SER A 39 ? ALA A 78 ? SER A 121 ALA A 160 1 ? 40 
# 
_struct_conf_type.id          HELX_P 
_struct_conf_type.criteria    ? 
_struct_conf_type.reference   ? 
# 
_pdbx_struct_special_symmetry.id              1 
_pdbx_struct_special_symmetry.PDB_model_num   1 
_pdbx_struct_special_symmetry.auth_asym_id    A 
_pdbx_struct_special_symmetry.auth_comp_id    HOH 
_pdbx_struct_special_symmetry.auth_seq_id     202 
_pdbx_struct_special_symmetry.PDB_ins_code    ? 
_pdbx_struct_special_symmetry.label_asym_id   B 
_pdbx_struct_special_symmetry.label_comp_id   HOH 
_pdbx_struct_special_symmetry.label_seq_id    . 
# 
_pdbx_refine_tls.pdbx_refine_id   'X-RAY DIFFRACTION' 
_pdbx_refine_tls.id               1 
_pdbx_refine_tls.details          ? 
_pdbx_refine_tls.method           refined 
_pdbx_refine_tls.origin_x         -1.0119 
_pdbx_refine_tls.origin_y         -1.0350 
_pdbx_refine_tls.origin_z         0.1492 
_pdbx_refine_tls.T[1][1]          0.3174 
_pdbx_refine_tls.T[2][2]          0.3520 
_pdbx_refine_tls.T[3][3]          0.3297 
_pdbx_refine_tls.T[1][2]          0.0581 
_pdbx_refine_tls.T[1][3]          0.0227 
_pdbx_refine_tls.T[2][3]          -0.0072 
_pdbx_refine_tls.L[1][1]          0.9113 
_pdbx_refine_tls.L[2][2]          2.2507 
_pdbx_refine_tls.L[3][3]          1.6493 
_pdbx_refine_tls.L[1][2]          0.3981 
_pdbx_refine_tls.L[1][3]          -0.1442 
_pdbx_refine_tls.L[2][3]          0.3739 
_pdbx_refine_tls.S[1][1]          0.0924 
_pdbx_refine_tls.S[2][2]          -0.2719 
_pdbx_refine_tls.S[3][3]          0.1632 
_pdbx_refine_tls.S[1][2]          -0.0617 
_pdbx_refine_tls.S[1][3]          0.1610 
_pdbx_refine_tls.S[2][3]          0.3688 
_pdbx_refine_tls.S[2][1]          0.1797 
_pdbx_refine_tls.S[3][1]          0.1791 
_pdbx_refine_tls.S[3][2]          -0.2024 
# 
loop_
_pdbx_refine_tls_group.pdbx_refine_id 
_pdbx_refine_tls_group.id 
_pdbx_refine_tls_group.refine_tls_id 
_pdbx_refine_tls_group.beg_auth_asym_id 
_pdbx_refine_tls_group.beg_auth_seq_id 
_pdbx_refine_tls_group.end_auth_asym_id 
_pdbx_refine_tls_group.end_auth_seq_id 
_pdbx_refine_tls_group.selection_details 
_pdbx_refine_tls_group.beg_label_asym_id 
_pdbx_refine_tls_group.beg_label_seq_id 
_pdbx_refine_tls_group.end_label_asym_id 
_pdbx_refine_tls_group.end_label_seq_id 
_pdbx_refine_tls_group.selection 
'X-RAY DIFFRACTION' 1 1 A 83 A 161 all ? ? ? ? ? 
'X-RAY DIFFRACTION' 2 1 A 1  A 215 all ? ? ? ? ? 
# 
_pdbx_unobs_or_zero_occ_residues.id               1 
_pdbx_unobs_or_zero_occ_residues.PDB_model_num    1 
_pdbx_unobs_or_zero_occ_residues.polymer_flag     Y 
_pdbx_unobs_or_zero_occ_residues.occupancy_flag   1 
_pdbx_unobs_or_zero_occ_residues.auth_asym_id     A 
_pdbx_unobs_or_zero_occ_residues.auth_comp_id     SER 
_pdbx_unobs_or_zero_occ_residues.auth_seq_id      162 
_pdbx_unobs_or_zero_occ_residues.PDB_ins_code     ? 
_pdbx_unobs_or_zero_occ_residues.label_asym_id    A 
_pdbx_unobs_or_zero_occ_residues.label_comp_id    SER 
_pdbx_unobs_or_zero_occ_residues.label_seq_id     80 
# 
loop_
_chem_comp_atom.comp_id 
_chem_comp_atom.atom_id 
_chem_comp_atom.type_symbol 
_chem_comp_atom.pdbx_aromatic_flag 
_chem_comp_atom.pdbx_stereo_config 
_chem_comp_atom.pdbx_ordinal 
ALA N    N N N 1   
ALA CA   C N S 2   
ALA C    C N N 3   
ALA O    O N N 4   
ALA CB   C N N 5   
ALA OXT  O N N 6   
ALA H    H N N 7   
ALA H2   H N N 8   
ALA HA   H N N 9   
ALA HB1  H N N 10  
ALA HB2  H N N 11  
ALA HB3  H N N 12  
ALA HXT  H N N 13  
ARG N    N N N 14  
ARG CA   C N S 15  
ARG C    C N N 16  
ARG O    O N N 17  
ARG CB   C N N 18  
ARG CG   C N N 19  
ARG CD   C N N 20  
ARG NE   N N N 21  
ARG CZ   C N N 22  
ARG NH1  N N N 23  
ARG NH2  N N N 24  
ARG OXT  O N N 25  
ARG H    H N N 26  
ARG H2   H N N 27  
ARG HA   H N N 28  
ARG HB2  H N N 29  
ARG HB3  H N N 30  
ARG HG2  H N N 31  
ARG HG3  H N N 32  
ARG HD2  H N N 33  
ARG HD3  H N N 34  
ARG HE   H N N 35  
ARG HH11 H N N 36  
ARG HH12 H N N 37  
ARG HH21 H N N 38  
ARG HH22 H N N 39  
ARG HXT  H N N 40  
ASN N    N N N 41  
ASN CA   C N S 42  
ASN C    C N N 43  
ASN O    O N N 44  
ASN CB   C N N 45  
ASN CG   C N N 46  
ASN OD1  O N N 47  
ASN ND2  N N N 48  
ASN OXT  O N N 49  
ASN H    H N N 50  
ASN H2   H N N 51  
ASN HA   H N N 52  
ASN HB2  H N N 53  
ASN HB3  H N N 54  
ASN HD21 H N N 55  
ASN HD22 H N N 56  
ASN HXT  H N N 57  
ASP N    N N N 58  
ASP CA   C N S 59  
ASP C    C N N 60  
ASP O    O N N 61  
ASP CB   C N N 62  
ASP CG   C N N 63  
ASP OD1  O N N 64  
ASP OD2  O N N 65  
ASP OXT  O N N 66  
ASP H    H N N 67  
ASP H2   H N N 68  
ASP HA   H N N 69  
ASP HB2  H N N 70  
ASP HB3  H N N 71  
ASP HD2  H N N 72  
ASP HXT  H N N 73  
GLN N    N N N 74  
GLN CA   C N S 75  
GLN C    C N N 76  
GLN O    O N N 77  
GLN CB   C N N 78  
GLN CG   C N N 79  
GLN CD   C N N 80  
GLN OE1  O N N 81  
GLN NE2  N N N 82  
GLN OXT  O N N 83  
GLN H    H N N 84  
GLN H2   H N N 85  
GLN HA   H N N 86  
GLN HB2  H N N 87  
GLN HB3  H N N 88  
GLN HG2  H N N 89  
GLN HG3  H N N 90  
GLN HE21 H N N 91  
GLN HE22 H N N 92  
GLN HXT  H N N 93  
GLU N    N N N 94  
GLU CA   C N S 95  
GLU C    C N N 96  
GLU O    O N N 97  
GLU CB   C N N 98  
GLU CG   C N N 99  
GLU CD   C N N 100 
GLU OE1  O N N 101 
GLU OE2  O N N 102 
GLU OXT  O N N 103 
GLU H    H N N 104 
GLU H2   H N N 105 
GLU HA   H N N 106 
GLU HB2  H N N 107 
GLU HB3  H N N 108 
GLU HG2  H N N 109 
GLU HG3  H N N 110 
GLU HE2  H N N 111 
GLU HXT  H N N 112 
GLY N    N N N 113 
GLY CA   C N N 114 
GLY C    C N N 115 
GLY O    O N N 116 
GLY OXT  O N N 117 
GLY H    H N N 118 
GLY H2   H N N 119 
GLY HA2  H N N 120 
GLY HA3  H N N 121 
GLY HXT  H N N 122 
HOH O    O N N 123 
HOH H1   H N N 124 
HOH H2   H N N 125 
ILE N    N N N 126 
ILE CA   C N S 127 
ILE C    C N N 128 
ILE O    O N N 129 
ILE CB   C N S 130 
ILE CG1  C N N 131 
ILE CG2  C N N 132 
ILE CD1  C N N 133 
ILE OXT  O N N 134 
ILE H    H N N 135 
ILE H2   H N N 136 
ILE HA   H N N 137 
ILE HB   H N N 138 
ILE HG12 H N N 139 
ILE HG13 H N N 140 
ILE HG21 H N N 141 
ILE HG22 H N N 142 
ILE HG23 H N N 143 
ILE HD11 H N N 144 
ILE HD12 H N N 145 
ILE HD13 H N N 146 
ILE HXT  H N N 147 
LEU N    N N N 148 
LEU CA   C N S 149 
LEU C    C N N 150 
LEU O    O N N 151 
LEU CB   C N N 152 
LEU CG   C N N 153 
LEU CD1  C N N 154 
LEU CD2  C N N 155 
LEU OXT  O N N 156 
LEU H    H N N 157 
LEU H2   H N N 158 
LEU HA   H N N 159 
LEU HB2  H N N 160 
LEU HB3  H N N 161 
LEU HG   H N N 162 
LEU HD11 H N N 163 
LEU HD12 H N N 164 
LEU HD13 H N N 165 
LEU HD21 H N N 166 
LEU HD22 H N N 167 
LEU HD23 H N N 168 
LEU HXT  H N N 169 
LYS N    N N N 170 
LYS CA   C N S 171 
LYS C    C N N 172 
LYS O    O N N 173 
LYS CB   C N N 174 
LYS CG   C N N 175 
LYS CD   C N N 176 
LYS CE   C N N 177 
LYS NZ   N N N 178 
LYS OXT  O N N 179 
LYS H    H N N 180 
LYS H2   H N N 181 
LYS HA   H N N 182 
LYS HB2  H N N 183 
LYS HB3  H N N 184 
LYS HG2  H N N 185 
LYS HG3  H N N 186 
LYS HD2  H N N 187 
LYS HD3  H N N 188 
LYS HE2  H N N 189 
LYS HE3  H N N 190 
LYS HZ1  H N N 191 
LYS HZ2  H N N 192 
LYS HZ3  H N N 193 
LYS HXT  H N N 194 
MET N    N N N 195 
MET CA   C N S 196 
MET C    C N N 197 
MET O    O N N 198 
MET CB   C N N 199 
MET CG   C N N 200 
MET SD   S N N 201 
MET CE   C N N 202 
MET OXT  O N N 203 
MET H    H N N 204 
MET H2   H N N 205 
MET HA   H N N 206 
MET HB2  H N N 207 
MET HB3  H N N 208 
MET HG2  H N N 209 
MET HG3  H N N 210 
MET HE1  H N N 211 
MET HE2  H N N 212 
MET HE3  H N N 213 
MET HXT  H N N 214 
SER N    N N N 215 
SER CA   C N S 216 
SER C    C N N 217 
SER O    O N N 218 
SER CB   C N N 219 
SER OG   O N N 220 
SER OXT  O N N 221 
SER H    H N N 222 
SER H2   H N N 223 
SER HA   H N N 224 
SER HB2  H N N 225 
SER HB3  H N N 226 
SER HG   H N N 227 
SER HXT  H N N 228 
THR N    N N N 229 
THR CA   C N S 230 
THR C    C N N 231 
THR O    O N N 232 
THR CB   C N R 233 
THR OG1  O N N 234 
THR CG2  C N N 235 
THR OXT  O N N 236 
THR H    H N N 237 
THR H2   H N N 238 
THR HA   H N N 239 
THR HB   H N N 240 
THR HG1  H N N 241 
THR HG21 H N N 242 
THR HG22 H N N 243 
THR HG23 H N N 244 
THR HXT  H N N 245 
TRP N    N N N 246 
TRP CA   C N S 247 
TRP C    C N N 248 
TRP O    O N N 249 
TRP CB   C N N 250 
TRP CG   C Y N 251 
TRP CD1  C Y N 252 
TRP CD2  C Y N 253 
TRP NE1  N Y N 254 
TRP CE2  C Y N 255 
TRP CE3  C Y N 256 
TRP CZ2  C Y N 257 
TRP CZ3  C Y N 258 
TRP CH2  C Y N 259 
TRP OXT  O N N 260 
TRP H    H N N 261 
TRP H2   H N N 262 
TRP HA   H N N 263 
TRP HB2  H N N 264 
TRP HB3  H N N 265 
TRP HD1  H N N 266 
TRP HE1  H N N 267 
TRP HE3  H N N 268 
TRP HZ2  H N N 269 
TRP HZ3  H N N 270 
TRP HH2  H N N 271 
TRP HXT  H N N 272 
TYR N    N N N 273 
TYR CA   C N S 274 
TYR C    C N N 275 
TYR O    O N N 276 
TYR CB   C N N 277 
TYR CG   C Y N 278 
TYR CD1  C Y N 279 
TYR CD2  C Y N 280 
TYR CE1  C Y N 281 
TYR CE2  C Y N 282 
TYR CZ   C Y N 283 
TYR OH   O N N 284 
TYR OXT  O N N 285 
TYR H    H N N 286 
TYR H2   H N N 287 
TYR HA   H N N 288 
TYR HB2  H N N 289 
TYR HB3  H N N 290 
TYR HD1  H N N 291 
TYR HD2  H N N 292 
TYR HE1  H N N 293 
TYR HE2  H N N 294 
TYR HH   H N N 295 
TYR HXT  H N N 296 
VAL N    N N N 297 
VAL CA   C N S 298 
VAL C    C N N 299 
VAL O    O N N 300 
VAL CB   C N N 301 
VAL CG1  C N N 302 
VAL CG2  C N N 303 
VAL OXT  O N N 304 
VAL H    H N N 305 
VAL H2   H N N 306 
VAL HA   H N N 307 
VAL HB   H N N 308 
VAL HG11 H N N 309 
VAL HG12 H N N 310 
VAL HG13 H N N 311 
VAL HG21 H N N 312 
VAL HG22 H N N 313 
VAL HG23 H N N 314 
VAL HXT  H N N 315 
# 
loop_
_chem_comp_bond.comp_id 
_chem_comp_bond.atom_id_1 
_chem_comp_bond.atom_id_2 
_chem_comp_bond.value_order 
_chem_comp_bond.pdbx_aromatic_flag 
_chem_comp_bond.pdbx_stereo_config 
_chem_comp_bond.pdbx_ordinal 
ALA N   CA   sing N N 1   
ALA N   H    sing N N 2   
ALA N   H2   sing N N 3   
ALA CA  C    sing N N 4   
ALA CA  CB   sing N N 5   
ALA CA  HA   sing N N 6   
ALA C   O    doub N N 7   
ALA C   OXT  sing N N 8   
ALA CB  HB1  sing N N 9   
ALA CB  HB2  sing N N 10  
ALA CB  HB3  sing N N 11  
ALA OXT HXT  sing N N 12  
ARG N   CA   sing N N 13  
ARG N   H    sing N N 14  
ARG N   H2   sing N N 15  
ARG CA  C    sing N N 16  
ARG CA  CB   sing N N 17  
ARG CA  HA   sing N N 18  
ARG C   O    doub N N 19  
ARG C   OXT  sing N N 20  
ARG CB  CG   sing N N 21  
ARG CB  HB2  sing N N 22  
ARG CB  HB3  sing N N 23  
ARG CG  CD   sing N N 24  
ARG CG  HG2  sing N N 25  
ARG CG  HG3  sing N N 26  
ARG CD  NE   sing N N 27  
ARG CD  HD2  sing N N 28  
ARG CD  HD3  sing N N 29  
ARG NE  CZ   sing N N 30  
ARG NE  HE   sing N N 31  
ARG CZ  NH1  sing N N 32  
ARG CZ  NH2  doub N N 33  
ARG NH1 HH11 sing N N 34  
ARG NH1 HH12 sing N N 35  
ARG NH2 HH21 sing N N 36  
ARG NH2 HH22 sing N N 37  
ARG OXT HXT  sing N N 38  
ASN N   CA   sing N N 39  
ASN N   H    sing N N 40  
ASN N   H2   sing N N 41  
ASN CA  C    sing N N 42  
ASN CA  CB   sing N N 43  
ASN CA  HA   sing N N 44  
ASN C   O    doub N N 45  
ASN C   OXT  sing N N 46  
ASN CB  CG   sing N N 47  
ASN CB  HB2  sing N N 48  
ASN CB  HB3  sing N N 49  
ASN CG  OD1  doub N N 50  
ASN CG  ND2  sing N N 51  
ASN ND2 HD21 sing N N 52  
ASN ND2 HD22 sing N N 53  
ASN OXT HXT  sing N N 54  
ASP N   CA   sing N N 55  
ASP N   H    sing N N 56  
ASP N   H2   sing N N 57  
ASP CA  C    sing N N 58  
ASP CA  CB   sing N N 59  
ASP CA  HA   sing N N 60  
ASP C   O    doub N N 61  
ASP C   OXT  sing N N 62  
ASP CB  CG   sing N N 63  
ASP CB  HB2  sing N N 64  
ASP CB  HB3  sing N N 65  
ASP CG  OD1  doub N N 66  
ASP CG  OD2  sing N N 67  
ASP OD2 HD2  sing N N 68  
ASP OXT HXT  sing N N 69  
GLN N   CA   sing N N 70  
GLN N   H    sing N N 71  
GLN N   H2   sing N N 72  
GLN CA  C    sing N N 73  
GLN CA  CB   sing N N 74  
GLN CA  HA   sing N N 75  
GLN C   O    doub N N 76  
GLN C   OXT  sing N N 77  
GLN CB  CG   sing N N 78  
GLN CB  HB2  sing N N 79  
GLN CB  HB3  sing N N 80  
GLN CG  CD   sing N N 81  
GLN CG  HG2  sing N N 82  
GLN CG  HG3  sing N N 83  
GLN CD  OE1  doub N N 84  
GLN CD  NE2  sing N N 85  
GLN NE2 HE21 sing N N 86  
GLN NE2 HE22 sing N N 87  
GLN OXT HXT  sing N N 88  
GLU N   CA   sing N N 89  
GLU N   H    sing N N 90  
GLU N   H2   sing N N 91  
GLU CA  C    sing N N 92  
GLU CA  CB   sing N N 93  
GLU CA  HA   sing N N 94  
GLU C   O    doub N N 95  
GLU C   OXT  sing N N 96  
GLU CB  CG   sing N N 97  
GLU CB  HB2  sing N N 98  
GLU CB  HB3  sing N N 99  
GLU CG  CD   sing N N 100 
GLU CG  HG2  sing N N 101 
GLU CG  HG3  sing N N 102 
GLU CD  OE1  doub N N 103 
GLU CD  OE2  sing N N 104 
GLU OE2 HE2  sing N N 105 
GLU OXT HXT  sing N N 106 
GLY N   CA   sing N N 107 
GLY N   H    sing N N 108 
GLY N   H2   sing N N 109 
GLY CA  C    sing N N 110 
GLY CA  HA2  sing N N 111 
GLY CA  HA3  sing N N 112 
GLY C   O    doub N N 113 
GLY C   OXT  sing N N 114 
GLY OXT HXT  sing N N 115 
HOH O   H1   sing N N 116 
HOH O   H2   sing N N 117 
ILE N   CA   sing N N 118 
ILE N   H    sing N N 119 
ILE N   H2   sing N N 120 
ILE CA  C    sing N N 121 
ILE CA  CB   sing N N 122 
ILE CA  HA   sing N N 123 
ILE C   O    doub N N 124 
ILE C   OXT  sing N N 125 
ILE CB  CG1  sing N N 126 
ILE CB  CG2  sing N N 127 
ILE CB  HB   sing N N 128 
ILE CG1 CD1  sing N N 129 
ILE CG1 HG12 sing N N 130 
ILE CG1 HG13 sing N N 131 
ILE CG2 HG21 sing N N 132 
ILE CG2 HG22 sing N N 133 
ILE CG2 HG23 sing N N 134 
ILE CD1 HD11 sing N N 135 
ILE CD1 HD12 sing N N 136 
ILE CD1 HD13 sing N N 137 
ILE OXT HXT  sing N N 138 
LEU N   CA   sing N N 139 
LEU N   H    sing N N 140 
LEU N   H2   sing N N 141 
LEU CA  C    sing N N 142 
LEU CA  CB   sing N N 143 
LEU CA  HA   sing N N 144 
LEU C   O    doub N N 145 
LEU C   OXT  sing N N 146 
LEU CB  CG   sing N N 147 
LEU CB  HB2  sing N N 148 
LEU CB  HB3  sing N N 149 
LEU CG  CD1  sing N N 150 
LEU CG  CD2  sing N N 151 
LEU CG  HG   sing N N 152 
LEU CD1 HD11 sing N N 153 
LEU CD1 HD12 sing N N 154 
LEU CD1 HD13 sing N N 155 
LEU CD2 HD21 sing N N 156 
LEU CD2 HD22 sing N N 157 
LEU CD2 HD23 sing N N 158 
LEU OXT HXT  sing N N 159 
LYS N   CA   sing N N 160 
LYS N   H    sing N N 161 
LYS N   H2   sing N N 162 
LYS CA  C    sing N N 163 
LYS CA  CB   sing N N 164 
LYS CA  HA   sing N N 165 
LYS C   O    doub N N 166 
LYS C   OXT  sing N N 167 
LYS CB  CG   sing N N 168 
LYS CB  HB2  sing N N 169 
LYS CB  HB3  sing N N 170 
LYS CG  CD   sing N N 171 
LYS CG  HG2  sing N N 172 
LYS CG  HG3  sing N N 173 
LYS CD  CE   sing N N 174 
LYS CD  HD2  sing N N 175 
LYS CD  HD3  sing N N 176 
LYS CE  NZ   sing N N 177 
LYS CE  HE2  sing N N 178 
LYS CE  HE3  sing N N 179 
LYS NZ  HZ1  sing N N 180 
LYS NZ  HZ2  sing N N 181 
LYS NZ  HZ3  sing N N 182 
LYS OXT HXT  sing N N 183 
MET N   CA   sing N N 184 
MET N   H    sing N N 185 
MET N   H2   sing N N 186 
MET CA  C    sing N N 187 
MET CA  CB   sing N N 188 
MET CA  HA   sing N N 189 
MET C   O    doub N N 190 
MET C   OXT  sing N N 191 
MET CB  CG   sing N N 192 
MET CB  HB2  sing N N 193 
MET CB  HB3  sing N N 194 
MET CG  SD   sing N N 195 
MET CG  HG2  sing N N 196 
MET CG  HG3  sing N N 197 
MET SD  CE   sing N N 198 
MET CE  HE1  sing N N 199 
MET CE  HE2  sing N N 200 
MET CE  HE3  sing N N 201 
MET OXT HXT  sing N N 202 
SER N   CA   sing N N 203 
SER N   H    sing N N 204 
SER N   H2   sing N N 205 
SER CA  C    sing N N 206 
SER CA  CB   sing N N 207 
SER CA  HA   sing N N 208 
SER C   O    doub N N 209 
SER C   OXT  sing N N 210 
SER CB  OG   sing N N 211 
SER CB  HB2  sing N N 212 
SER CB  HB3  sing N N 213 
SER OG  HG   sing N N 214 
SER OXT HXT  sing N N 215 
THR N   CA   sing N N 216 
THR N   H    sing N N 217 
THR N   H2   sing N N 218 
THR CA  C    sing N N 219 
THR CA  CB   sing N N 220 
THR CA  HA   sing N N 221 
THR C   O    doub N N 222 
THR C   OXT  sing N N 223 
THR CB  OG1  sing N N 224 
THR CB  CG2  sing N N 225 
THR CB  HB   sing N N 226 
THR OG1 HG1  sing N N 227 
THR CG2 HG21 sing N N 228 
THR CG2 HG22 sing N N 229 
THR CG2 HG23 sing N N 230 
THR OXT HXT  sing N N 231 
TRP N   CA   sing N N 232 
TRP N   H    sing N N 233 
TRP N   H2   sing N N 234 
TRP CA  C    sing N N 235 
TRP CA  CB   sing N N 236 
TRP CA  HA   sing N N 237 
TRP C   O    doub N N 238 
TRP C   OXT  sing N N 239 
TRP CB  CG   sing N N 240 
TRP CB  HB2  sing N N 241 
TRP CB  HB3  sing N N 242 
TRP CG  CD1  doub Y N 243 
TRP CG  CD2  sing Y N 244 
TRP CD1 NE1  sing Y N 245 
TRP CD1 HD1  sing N N 246 
TRP CD2 CE2  doub Y N 247 
TRP CD2 CE3  sing Y N 248 
TRP NE1 CE2  sing Y N 249 
TRP NE1 HE1  sing N N 250 
TRP CE2 CZ2  sing Y N 251 
TRP CE3 CZ3  doub Y N 252 
TRP CE3 HE3  sing N N 253 
TRP CZ2 CH2  doub Y N 254 
TRP CZ2 HZ2  sing N N 255 
TRP CZ3 CH2  sing Y N 256 
TRP CZ3 HZ3  sing N N 257 
TRP CH2 HH2  sing N N 258 
TRP OXT HXT  sing N N 259 
TYR N   CA   sing N N 260 
TYR N   H    sing N N 261 
TYR N   H2   sing N N 262 
TYR CA  C    sing N N 263 
TYR CA  CB   sing N N 264 
TYR CA  HA   sing N N 265 
TYR C   O    doub N N 266 
TYR C   OXT  sing N N 267 
TYR CB  CG   sing N N 268 
TYR CB  HB2  sing N N 269 
TYR CB  HB3  sing N N 270 
TYR CG  CD1  doub Y N 271 
TYR CG  CD2  sing Y N 272 
TYR CD1 CE1  sing Y N 273 
TYR CD1 HD1  sing N N 274 
TYR CD2 CE2  doub Y N 275 
TYR CD2 HD2  sing N N 276 
TYR CE1 CZ   doub Y N 277 
TYR CE1 HE1  sing N N 278 
TYR CE2 CZ   sing Y N 279 
TYR CE2 HE2  sing N N 280 
TYR CZ  OH   sing N N 281 
TYR OH  HH   sing N N 282 
TYR OXT HXT  sing N N 283 
VAL N   CA   sing N N 284 
VAL N   H    sing N N 285 
VAL N   H2   sing N N 286 
VAL CA  C    sing N N 287 
VAL CA  CB   sing N N 288 
VAL CA  HA   sing N N 289 
VAL C   O    doub N N 290 
VAL C   OXT  sing N N 291 
VAL CB  CG1  sing N N 292 
VAL CB  CG2  sing N N 293 
VAL CB  HB   sing N N 294 
VAL CG1 HG11 sing N N 295 
VAL CG1 HG12 sing N N 296 
VAL CG1 HG13 sing N N 297 
VAL CG2 HG21 sing N N 298 
VAL CG2 HG22 sing N N 299 
VAL CG2 HG23 sing N N 300 
VAL OXT HXT  sing N N 301 
# 
_atom_sites.entry_id                    4KMC 
_atom_sites.fract_transf_matrix[1][1]   -0.00273593 
_atom_sites.fract_transf_matrix[1][2]   -0.01511872 
_atom_sites.fract_transf_matrix[1][3]   0.00575006 
_atom_sites.fract_transf_matrix[2][1]   -0.00835093 
_atom_sites.fract_transf_matrix[2][2]   -0.00367418 
_atom_sites.fract_transf_matrix[2][3]   -0.01363402 
_atom_sites.fract_transf_matrix[3][1]   0.01419735 
_atom_sites.fract_transf_matrix[3][2]   -0.00533020 
_atom_sites.fract_transf_matrix[3][3]   -0.00725956 
_atom_sites.fract_transf_vector[1]      0.119752 
_atom_sites.fract_transf_vector[2]      -0.060713 
_atom_sites.fract_transf_vector[3]      0.142047 
# 
loop_
_atom_type.symbol 
C 
N 
O 
S 
# 
loop_
_atom_site.group_PDB 
_atom_site.id 
_atom_site.type_symbol 
_atom_site.label_atom_id 
_atom_site.label_alt_id 
_atom_site.label_comp_id 
_atom_site.label_asym_id 
_atom_site.label_entity_id 
_atom_site.label_seq_id 
_atom_site.pdbx_PDB_ins_code 
_atom_site.Cartn_x 
_atom_site.Cartn_y 
_atom_site.Cartn_z 
_atom_site.occupancy 
_atom_site.B_iso_or_equiv 
_atom_site.pdbx_formal_charge 
_atom_site.auth_seq_id 
_atom_site.auth_comp_id 
_atom_site.auth_asym_id 
_atom_site.auth_atom_id 
_atom_site.pdbx_PDB_model_num 
ATOM   1   N N   . THR A 1 1  ? -15.323 -20.547 -7.007  1.00 82.20  ? 83  THR A N   1 
ATOM   2   C CA  . THR A 1 1  ? -15.148 -19.497 -8.007  1.00 84.25  ? 83  THR A CA  1 
ATOM   3   C C   . THR A 1 1  ? -15.422 -18.114 -7.420  1.00 84.95  ? 83  THR A C   1 
ATOM   4   O O   . THR A 1 1  ? -15.021 -17.098 -7.993  1.00 90.75  ? 83  THR A O   1 
ATOM   5   C CB  . THR A 1 1  ? -16.051 -19.715 -9.241  1.00 85.69  ? 83  THR A CB  1 
ATOM   6   O OG1 . THR A 1 1  ? -15.739 -18.748 -10.250 1.00 85.07  ? 83  THR A OG1 1 
ATOM   7   C CG2 . THR A 1 1  ? -17.514 -19.578 -8.858  1.00 85.36  ? 83  THR A CG2 1 
ATOM   8   N N   . ASN A 1 2  ? -16.114 -18.071 -6.285  1.00 73.00  ? 84  ASN A N   1 
ATOM   9   C CA  . ASN A 1 2  ? -16.265 -16.821 -5.543  1.00 69.72  ? 84  ASN A CA  1 
ATOM   10  C C   . ASN A 1 2  ? -14.905 -16.426 -4.975  1.00 63.35  ? 84  ASN A C   1 
ATOM   11  O O   . ASN A 1 2  ? -14.475 -15.266 -5.043  1.00 55.68  ? 84  ASN A O   1 
ATOM   12  C CB  . ASN A 1 2  ? -17.267 -17.000 -4.402  1.00 71.49  ? 84  ASN A CB  1 
ATOM   13  C CG  . ASN A 1 2  ? -18.481 -16.085 -4.532  1.00 82.78  ? 84  ASN A CG  1 
ATOM   14  O OD1 . ASN A 1 2  ? -18.947 -15.795 -5.636  1.00 83.44  ? 84  ASN A OD1 1 
ATOM   15  N ND2 . ASN A 1 2  ? -18.998 -15.628 -3.395  1.00 85.00  ? 84  ASN A ND2 1 
ATOM   16  N N   . TRP A 1 3  ? -14.232 -17.426 -4.421  1.00 55.47  ? 85  TRP A N   1 
ATOM   17  C CA  . TRP A 1 3  ? -12.915 -17.262 -3.846  1.00 52.10  ? 85  TRP A CA  1 
ATOM   18  C C   . TRP A 1 3  ? -11.931 -16.782 -4.915  1.00 51.83  ? 85  TRP A C   1 
ATOM   19  O O   . TRP A 1 3  ? -11.130 -15.885 -4.681  1.00 52.78  ? 85  TRP A O   1 
ATOM   20  C CB  . TRP A 1 3  ? -12.472 -18.600 -3.257  1.00 61.11  ? 85  TRP A CB  1 
ATOM   21  C CG  . TRP A 1 3  ? -11.297 -18.488 -2.352  1.00 67.13  ? 85  TRP A CG  1 
ATOM   22  C CD1 . TRP A 1 3  ? -11.313 -18.367 -0.991  1.00 72.60  ? 85  TRP A CD1 1 
ATOM   23  C CD2 . TRP A 1 3  ? -9.922  -18.475 -2.741  1.00 53.88  ? 85  TRP A CD2 1 
ATOM   24  N NE1 . TRP A 1 3  ? -10.028 -18.281 -0.510  1.00 68.78  ? 85  TRP A NE1 1 
ATOM   25  C CE2 . TRP A 1 3  ? -9.154  -18.347 -1.564  1.00 53.83  ? 85  TRP A CE2 1 
ATOM   26  C CE3 . TRP A 1 3  ? -9.265  -18.566 -3.972  1.00 44.95  ? 85  TRP A CE3 1 
ATOM   27  C CZ2 . TRP A 1 3  ? -7.764  -18.301 -1.582  1.00 41.47  ? 85  TRP A CZ2 1 
ATOM   28  C CZ3 . TRP A 1 3  ? -7.893  -18.516 -3.990  1.00 44.07  ? 85  TRP A CZ3 1 
ATOM   29  C CH2 . TRP A 1 3  ? -7.153  -18.384 -2.803  1.00 42.70  ? 85  TRP A CH2 1 
ATOM   30  N N   . SER A 1 4  ? -12.022 -17.368 -6.100  1.00 52.44  ? 86  SER A N   1 
ATOM   31  C CA  . SER A 1 4  ? -11.146 -17.028 -7.207  1.00 59.60  ? 86  SER A CA  1 
ATOM   32  C C   . SER A 1 4  ? -11.404 -15.618 -7.752  1.00 53.73  ? 86  SER A C   1 
ATOM   33  O O   . SER A 1 4  ? -10.461 -14.889 -8.069  1.00 52.81  ? 86  SER A O   1 
ATOM   34  C CB  . SER A 1 4  ? -11.307 -18.069 -8.312  1.00 67.51  ? 86  SER A CB  1 
ATOM   35  O OG  . SER A 1 4  ? -11.879 -19.257 -7.784  1.00 81.38  ? 86  SER A OG  1 
ATOM   36  N N   . ARG A 1 5  ? -12.676 -15.245 -7.874  1.00 51.91  ? 87  ARG A N   1 
ATOM   37  C CA  . ARG A 1 5  ? -13.056 -13.891 -8.290  1.00 51.17  ? 87  ARG A CA  1 
ATOM   38  C C   . ARG A 1 5  ? -12.456 -12.871 -7.325  1.00 42.99  ? 87  ARG A C   1 
ATOM   39  O O   . ARG A 1 5  ? -11.773 -11.926 -7.734  1.00 45.07  ? 87  ARG A O   1 
ATOM   40  C CB  . ARG A 1 5  ? -14.591 -13.763 -8.340  1.00 57.51  ? 87  ARG A CB  1 
ATOM   41  C CG  . ARG A 1 5  ? -15.148 -13.254 -9.673  1.00 66.15  ? 87  ARG A CG  1 
ATOM   42  C CD  . ARG A 1 5  ? -16.649 -13.536 -9.831  1.00 77.57  ? 87  ARG A CD  1 
ATOM   43  N NE  . ARG A 1 5  ? -16.924 -14.964 -10.001 1.00 87.78  ? 87  ARG A NE  1 
ATOM   44  C CZ  . ARG A 1 5  ? -17.006 -15.585 -11.175 1.00 91.57  ? 87  ARG A CZ  1 
ATOM   45  N NH1 . ARG A 1 5  ? -16.843 -14.907 -12.305 1.00 92.02  ? 87  ARG A NH1 1 
ATOM   46  N NH2 . ARG A 1 5  ? -17.254 -16.889 -11.221 1.00 92.58  ? 87  ARG A NH2 1 
ATOM   47  N N   . ARG A 1 6  ? -12.698 -13.092 -6.038  1.00 46.30  ? 88  ARG A N   1 
ATOM   48  C CA  . ARG A 1 6  ? -12.151 -12.264 -4.967  1.00 46.70  ? 88  ARG A CA  1 
ATOM   49  C C   . ARG A 1 6  ? -10.620 -12.176 -5.030  1.00 49.38  ? 88  ARG A C   1 
ATOM   50  O O   . ARG A 1 6  ? -10.044 -11.084 -4.956  1.00 44.82  ? 88  ARG A O   1 
ATOM   51  C CB  . ARG A 1 6  ? -12.592 -12.847 -3.619  1.00 59.84  ? 88  ARG A CB  1 
ATOM   52  C CG  . ARG A 1 6  ? -13.288 -11.875 -2.664  1.00 71.63  ? 88  ARG A CG  1 
ATOM   53  C CD  . ARG A 1 6  ? -13.761 -12.601 -1.400  1.00 81.82  ? 88  ARG A CD  1 
ATOM   54  N NE  . ARG A 1 6  ? -12.736 -13.506 -0.876  1.00 89.61  ? 88  ARG A NE  1 
ATOM   55  C CZ  . ARG A 1 6  ? -12.928 -14.796 -0.609  1.00 92.09  ? 88  ARG A CZ  1 
ATOM   56  N NH1 . ARG A 1 6  ? -14.119 -15.353 -0.799  1.00 94.67  ? 88  ARG A NH1 1 
ATOM   57  N NH2 . ARG A 1 6  ? -11.923 -15.528 -0.144  1.00 88.26  ? 88  ARG A NH2 1 
ATOM   58  N N   . TYR A 1 7  ? -9.963  -13.326 -5.178  1.00 39.97  ? 89  TYR A N   1 
ATOM   59  C CA  . TYR A 1 7  ? -8.511  -13.361 -5.223  1.00 42.06  ? 89  TYR A CA  1 
ATOM   60  C C   . TYR A 1 7  ? -8.009  -12.542 -6.401  1.00 40.43  ? 89  TYR A C   1 
ATOM   61  O O   . TYR A 1 7  ? -7.078  -11.746 -6.256  1.00 40.02  ? 89  TYR A O   1 
ATOM   62  C CB  . TYR A 1 7  ? -8.004  -14.809 -5.321  1.00 44.40  ? 89  TYR A CB  1 
ATOM   63  C CG  . TYR A 1 7  ? -6.500  -14.960 -5.164  1.00 40.85  ? 89  TYR A CG  1 
ATOM   64  C CD1 . TYR A 1 7  ? -5.939  -15.290 -3.936  1.00 47.68  ? 89  TYR A CD1 1 
ATOM   65  C CD2 . TYR A 1 7  ? -5.643  -14.780 -6.243  1.00 40.55  ? 89  TYR A CD2 1 
ATOM   66  C CE1 . TYR A 1 7  ? -4.555  -15.440 -3.788  1.00 44.47  ? 89  TYR A CE1 1 
ATOM   67  C CE2 . TYR A 1 7  ? -4.256  -14.921 -6.103  1.00 37.48  ? 89  TYR A CE2 1 
ATOM   68  C CZ  . TYR A 1 7  ? -3.726  -15.250 -4.874  1.00 40.00  ? 89  TYR A CZ  1 
ATOM   69  O OH  . TYR A 1 7  ? -2.363  -15.398 -4.720  1.00 41.42  ? 89  TYR A OH  1 
ATOM   70  N N   . LYS A 1 8  ? -8.622  -12.725 -7.567  1.00 44.78  ? 90  LYS A N   1 
ATOM   71  C CA  . LYS A 1 8  ? -8.174  -12.012 -8.762  1.00 47.85  ? 90  LYS A CA  1 
ATOM   72  C C   . LYS A 1 8  ? -8.462  -10.511 -8.662  1.00 50.46  ? 90  LYS A C   1 
ATOM   73  O O   . LYS A 1 8  ? -7.616  -9.688  -9.037  1.00 47.81  ? 90  LYS A O   1 
ATOM   74  C CB  . LYS A 1 8  ? -8.799  -12.612 -10.023 1.00 46.78  ? 90  LYS A CB  1 
ATOM   75  C CG  . LYS A 1 8  ? -8.537  -11.817 -11.320 1.00 55.38  ? 90  LYS A CG  1 
ATOM   76  C CD  . LYS A 1 8  ? -7.056  -11.659 -11.659 1.00 57.02  ? 90  LYS A CD  1 
ATOM   77  C CE  . LYS A 1 8  ? -6.820  -11.642 -13.187 1.00 63.13  ? 90  LYS A CE  1 
ATOM   78  N NZ  . LYS A 1 8  ? -6.913  -10.307 -13.841 1.00 56.63  ? 90  LYS A NZ  1 
ATOM   79  N N   . ALA A 1 9  ? -9.642  -10.167 -8.145  1.00 41.83  ? 91  ALA A N   1 
ATOM   80  C CA  . ALA A 1 9  ? -9.991  -8.767  -7.884  1.00 46.15  ? 91  ALA A CA  1 
ATOM   81  C C   . ALA A 1 9  ? -8.929  -8.068  -7.022  1.00 46.38  ? 91  ALA A C   1 
ATOM   82  O O   . ALA A 1 9  ? -8.503  -6.958  -7.324  1.00 54.81  ? 91  ALA A O   1 
ATOM   83  C CB  . ALA A 1 9  ? -11.350 -8.682  -7.223  1.00 44.24  ? 91  ALA A CB  1 
ATOM   84  N N   . ASN A 1 10 ? -8.494  -8.731  -5.957  1.00 44.61  ? 92  ASN A N   1 
ATOM   85  C CA  . ASN A 1 10 ? -7.427  -8.204  -5.100  1.00 42.08  ? 92  ASN A CA  1 
ATOM   86  C C   . ASN A 1 10 ? -6.059  -8.100  -5.792  1.00 41.29  ? 92  ASN A C   1 
ATOM   87  O O   . ASN A 1 10 ? -5.328  -7.124  -5.594  1.00 42.53  ? 92  ASN A O   1 
ATOM   88  C CB  . ASN A 1 10 ? -7.332  -9.019  -3.797  1.00 41.42  ? 92  ASN A CB  1 
ATOM   89  C CG  . ASN A 1 10 ? -8.524  -8.778  -2.871  1.00 44.90  ? 92  ASN A CG  1 
ATOM   90  O OD1 . ASN A 1 10 ? -9.176  -7.733  -2.943  1.00 38.83  ? 92  ASN A OD1 1 
ATOM   91  N ND2 . ASN A 1 10 ? -8.808  -9.740  -1.995  1.00 35.90  ? 92  ASN A ND2 1 
ATOM   92  N N   . LEU A 1 11 ? -5.702  -9.108  -6.586  1.00 32.45  ? 93  LEU A N   1 
ATOM   93  C CA  . LEU A 1 11 ? -4.525  -9.010  -7.442  1.00 39.15  ? 93  LEU A CA  1 
ATOM   94  C C   . LEU A 1 11 ? -4.549  -7.753  -8.302  1.00 40.99  ? 93  LEU A C   1 
ATOM   95  O O   . LEU A 1 11 ? -3.558  -7.024  -8.380  1.00 43.34  ? 93  LEU A O   1 
ATOM   96  C CB  . LEU A 1 11 ? -4.420  -10.219 -8.379  1.00 46.21  ? 93  LEU A CB  1 
ATOM   97  C CG  . LEU A 1 11 ? -3.646  -11.446 -7.930  1.00 41.72  ? 93  LEU A CG  1 
ATOM   98  C CD1 . LEU A 1 11 ? -3.587  -12.449 -9.071  1.00 43.82  ? 93  LEU A CD1 1 
ATOM   99  C CD2 . LEU A 1 11 ? -2.245  -11.060 -7.467  1.00 38.73  ? 93  LEU A CD2 1 
ATOM   100 N N   . GLU A 1 12 ? -5.673  -7.511  -8.962  1.00 42.30  ? 94  GLU A N   1 
ATOM   101 C CA  . GLU A 1 12 ? -5.793  -6.329  -9.810  1.00 49.78  ? 94  GLU A CA  1 
ATOM   102 C C   . GLU A 1 12 ? -5.697  -5.034  -9.001  1.00 48.10  ? 94  GLU A C   1 
ATOM   103 O O   . GLU A 1 12 ? -5.128  -4.045  -9.472  1.00 47.65  ? 94  GLU A O   1 
ATOM   104 C CB  . GLU A 1 12 ? -7.079  -6.371  -10.654 1.00 54.55  ? 94  GLU A CB  1 
ATOM   105 C CG  . GLU A 1 12 ? -7.062  -7.396  -11.815 1.00 62.64  ? 94  GLU A CG  1 
ATOM   106 C CD  . GLU A 1 12 ? -6.063  -7.069  -12.945 1.00 65.87  ? 94  GLU A CD  1 
ATOM   107 O OE1 . GLU A 1 12 ? -5.426  -5.993  -12.922 1.00 68.75  ? 94  GLU A OE1 1 
ATOM   108 O OE2 . GLU A 1 12 ? -5.912  -7.900  -13.868 1.00 64.77  ? 94  GLU A OE2 1 
ATOM   109 N N   . LYS A 1 13 ? -6.234  -5.036  -7.782  1.00 41.88  ? 95  LYS A N   1 
ATOM   110 C CA  . LYS A 1 13 ? -6.082  -3.879  -6.900  1.00 38.27  ? 95  LYS A CA  1 
ATOM   111 C C   . LYS A 1 13 ? -4.618  -3.634  -6.554  1.00 39.07  ? 95  LYS A C   1 
ATOM   112 O O   . LYS A 1 13 ? -4.168  -2.490  -6.540  1.00 42.87  ? 95  LYS A O   1 
ATOM   113 C CB  . LYS A 1 13 ? -6.903  -4.046  -5.618  1.00 35.25  ? 95  LYS A CB  1 
ATOM   114 C CG  . LYS A 1 13 ? -8.419  -4.009  -5.838  1.00 38.10  ? 95  LYS A CG  1 
ATOM   115 C CD  . LYS A 1 13 ? -9.161  -3.888  -4.496  1.00 45.97  ? 95  LYS A CD  1 
ATOM   116 C CE  . LYS A 1 13 ? -10.667 -3.722  -4.696  1.00 51.16  ? 95  LYS A CE  1 
ATOM   117 N NZ  . LYS A 1 13 ? -11.408 -3.816  -3.408  1.00 45.82  ? 95  LYS A NZ  1 
ATOM   118 N N   . LEU A 1 14 ? -3.888  -4.715  -6.271  1.00 33.10  ? 96  LEU A N   1 
ATOM   119 C CA  . LEU A 1 14 ? -2.468  -4.637  -5.938  1.00 40.70  ? 96  LEU A CA  1 
ATOM   120 C C   . LEU A 1 14 ? -1.652  -4.200  -7.157  1.00 43.16  ? 96  LEU A C   1 
ATOM   121 O O   . LEU A 1 14 ? -0.771  -3.354  -7.049  1.00 40.79  ? 96  LEU A O   1 
ATOM   122 C CB  . LEU A 1 14 ? -1.938  -5.981  -5.387  1.00 32.76  ? 96  LEU A CB  1 
ATOM   123 C CG  . LEU A 1 14 ? -2.522  -6.453  -4.047  1.00 42.73  ? 96  LEU A CG  1 
ATOM   124 C CD1 . LEU A 1 14 ? -1.737  -7.629  -3.493  1.00 35.30  ? 96  LEU A CD1 1 
ATOM   125 C CD2 . LEU A 1 14 ? -2.565  -5.323  -3.019  1.00 34.55  ? 96  LEU A CD2 1 
ATOM   126 N N   . ALA A 1 15 ? -1.965  -4.758  -8.318  1.00 41.51  ? 97  ALA A N   1 
ATOM   127 C CA  . ALA A 1 15 ? -1.294  -4.360  -9.556  1.00 44.46  ? 97  ALA A CA  1 
ATOM   128 C C   . ALA A 1 15 ? -1.548  -2.893  -9.914  1.00 51.83  ? 97  ALA A C   1 
ATOM   129 O O   . ALA A 1 15 ? -0.746  -2.285  -10.605 1.00 47.48  ? 97  ALA A O   1 
ATOM   130 C CB  . ALA A 1 15 ? -1.726  -5.253  -10.696 1.00 36.66  ? 97  ALA A CB  1 
ATOM   131 N N   . SER A 1 16 ? -2.652  -2.324  -9.430  1.00 56.85  ? 98  SER A N   1 
ATOM   132 C CA  . SER A 1 16 ? -3.062  -0.970  -9.823  1.00 51.35  ? 98  SER A CA  1 
ATOM   133 C C   . SER A 1 16 ? -2.075  0.122   -9.408  1.00 53.92  ? 98  SER A C   1 
ATOM   134 O O   . SER A 1 16 ? -2.015  1.178   -10.033 1.00 61.99  ? 98  SER A O   1 
ATOM   135 C CB  . SER A 1 16 ? -4.429  -0.636  -9.229  1.00 49.06  ? 98  SER A CB  1 
ATOM   136 O OG  . SER A 1 16 ? -4.292  -0.309  -7.855  1.00 39.15  ? 98  SER A OG  1 
ATOM   137 N N   . GLY A 1 17 ? -1.326  -0.117  -8.338  1.00 50.84  ? 99  GLY A N   1 
ATOM   138 C CA  . GLY A 1 17 ? -0.455  0.910   -7.792  1.00 50.11  ? 99  GLY A CA  1 
ATOM   139 C C   . GLY A 1 17 ? -1.185  2.016   -7.044  1.00 57.23  ? 99  GLY A C   1 
ATOM   140 O O   . GLY A 1 17 ? -0.562  2.875   -6.421  1.00 70.30  ? 99  GLY A O   1 
ATOM   141 N N   . ASP A 1 18 ? -2.511  2.000   -7.108  1.00 49.23  ? 100 ASP A N   1 
ATOM   142 C CA  . ASP A 1 18 ? -3.335  2.991   -6.431  1.00 51.73  ? 100 ASP A CA  1 
ATOM   143 C C   . ASP A 1 18 ? -3.362  2.656   -4.940  1.00 54.22  ? 100 ASP A C   1 
ATOM   144 O O   . ASP A 1 18 ? -3.992  1.680   -4.536  1.00 53.97  ? 100 ASP A O   1 
ATOM   145 C CB  . ASP A 1 18 ? -4.746  2.936   -7.019  1.00 47.04  ? 100 ASP A CB  1 
ATOM   146 C CG  . ASP A 1 18 ? -5.679  3.979   -6.441  1.00 58.56  ? 100 ASP A CG  1 
ATOM   147 O OD1 . ASP A 1 18 ? -5.408  4.526   -5.349  1.00 57.35  ? 100 ASP A OD1 1 
ATOM   148 O OD2 . ASP A 1 18 ? -6.717  4.242   -7.088  1.00 64.65  ? 100 ASP A OD2 1 
ATOM   149 N N   . VAL A 1 19 ? -2.698  3.473   -4.127  1.00 45.73  ? 101 VAL A N   1 
ATOM   150 C CA  . VAL A 1 19 ? -2.550  3.202   -2.697  1.00 47.54  ? 101 VAL A CA  1 
ATOM   151 C C   . VAL A 1 19 ? -3.893  3.016   -1.941  1.00 46.61  ? 101 VAL A C   1 
ATOM   152 O O   . VAL A 1 19 ? -3.952  2.332   -0.920  1.00 48.17  ? 101 VAL A O   1 
ATOM   153 C CB  . VAL A 1 19 ? -1.684  4.289   -2.037  1.00 50.90  ? 101 VAL A CB  1 
ATOM   154 C CG1 . VAL A 1 19 ? -2.483  5.588   -1.896  1.00 47.25  ? 101 VAL A CG1 1 
ATOM   155 C CG2 . VAL A 1 19 ? -1.157  3.827   -0.704  1.00 47.11  ? 101 VAL A CG2 1 
ATOM   156 N N   . ASN A 1 20 ? -4.966  3.597   -2.464  1.00 44.61  ? 102 ASN A N   1 
ATOM   157 C CA  . ASN A 1 20 ? -6.282  3.451   -1.874  1.00 40.93  ? 102 ASN A CA  1 
ATOM   158 C C   . ASN A 1 20 ? -6.831  2.045   -2.082  1.00 40.01  ? 102 ASN A C   1 
ATOM   159 O O   . ASN A 1 20 ? -7.519  1.499   -1.224  1.00 47.48  ? 102 ASN A O   1 
ATOM   160 C CB  . ASN A 1 20 ? -7.243  4.451   -2.505  1.00 48.66  ? 102 ASN A CB  1 
ATOM   161 C CG  . ASN A 1 20 ? -6.935  5.871   -2.118  1.00 60.47  ? 102 ASN A CG  1 
ATOM   162 O OD1 . ASN A 1 20 ? -6.560  6.144   -0.980  1.00 63.90  ? 102 ASN A OD1 1 
ATOM   163 N ND2 . ASN A 1 20 ? -7.095  6.792   -3.064  1.00 63.79  ? 102 ASN A ND2 1 
ATOM   164 N N   . LYS A 1 21 ? -6.537  1.476   -3.244  1.00 36.45  ? 103 LYS A N   1 
ATOM   165 C CA  . LYS A 1 21 ? -6.982  0.135   -3.566  1.00 43.85  ? 103 LYS A CA  1 
ATOM   166 C C   . LYS A 1 21 ? -6.172  -0.882  -2.805  1.00 43.08  ? 103 LYS A C   1 
ATOM   167 O O   . LYS A 1 21 ? -6.713  -1.868  -2.301  1.00 49.73  ? 103 LYS A O   1 
ATOM   168 C CB  . LYS A 1 21 ? -6.873  -0.107  -5.066  1.00 42.66  ? 103 LYS A CB  1 
ATOM   169 C CG  . LYS A 1 21 ? -7.960  0.608   -5.857  1.00 47.84  ? 103 LYS A CG  1 
ATOM   170 C CD  . LYS A 1 21 ? -7.656  0.538   -7.345  1.00 55.46  ? 103 LYS A CD  1 
ATOM   171 C CE  . LYS A 1 21 ? -8.864  0.909   -8.190  1.00 65.44  ? 103 LYS A CE  1 
ATOM   172 N NZ  . LYS A 1 21 ? -9.289  2.320   -7.981  1.00 73.37  ? 103 LYS A NZ  1 
ATOM   173 N N   . VAL A 1 22 ? -4.873  -0.633  -2.713  1.00 35.26  ? 104 VAL A N   1 
ATOM   174 C CA  . VAL A 1 22 ? -3.996  -1.480  -1.935  1.00 35.40  ? 104 VAL A CA  1 
ATOM   175 C C   . VAL A 1 22 ? -4.474  -1.482  -0.494  1.00 41.64  ? 104 VAL A C   1 
ATOM   176 O O   . VAL A 1 22 ? -4.440  -2.516  0.171   1.00 37.23  ? 104 VAL A O   1 
ATOM   177 C CB  . VAL A 1 22 ? -2.548  -0.984  -1.999  1.00 41.02  ? 104 VAL A CB  1 
ATOM   178 C CG1 . VAL A 1 22 ? -1.674  -1.784  -1.065  1.00 31.59  ? 104 VAL A CG1 1 
ATOM   179 C CG2 . VAL A 1 22 ? -2.028  -1.093  -3.427  1.00 44.89  ? 104 VAL A CG2 1 
ATOM   180 N N   . ALA A 1 23 ? -4.953  -0.325  -0.036  1.00 35.02  ? 105 ALA A N   1 
ATOM   181 C CA  . ALA A 1 23 ? -5.431  -0.176  1.328   1.00 39.20  ? 105 ALA A CA  1 
ATOM   182 C C   . ALA A 1 23 ? -6.660  -1.037  1.567   1.00 36.42  ? 105 ALA A C   1 
ATOM   183 O O   . ALA A 1 23 ? -6.815  -1.593  2.643   1.00 40.72  ? 105 ALA A O   1 
ATOM   184 C CB  . ALA A 1 23 ? -5.752  1.293   1.639   1.00 38.20  ? 105 ALA A CB  1 
ATOM   185 N N   . GLU A 1 24 ? -7.525  -1.132  0.561   1.00 36.09  ? 106 GLU A N   1 
ATOM   186 C CA  . GLU A 1 24 ? -8.704  -2.002  0.606   1.00 41.84  ? 106 GLU A CA  1 
ATOM   187 C C   . GLU A 1 24 ? -8.341  -3.467  0.766   1.00 42.08  ? 106 GLU A C   1 
ATOM   188 O O   . GLU A 1 24 ? -9.010  -4.196  1.497   1.00 42.07  ? 106 GLU A O   1 
ATOM   189 C CB  . GLU A 1 24 ? -9.544  -1.832  -0.666  1.00 35.49  ? 106 GLU A CB  1 
ATOM   190 C CG  . GLU A 1 24 ? -10.272 -0.499  -0.699  1.00 40.07  ? 106 GLU A CG  1 
ATOM   191 C CD  . GLU A 1 24 ? -11.023 -0.251  -1.991  1.00 47.77  ? 106 GLU A CD  1 
ATOM   192 O OE1 . GLU A 1 24 ? -11.000 -1.122  -2.890  1.00 50.03  ? 106 GLU A OE1 1 
ATOM   193 O OE2 . GLU A 1 24 ? -11.641 0.826   -2.108  1.00 62.23  ? 106 GLU A OE2 1 
ATOM   194 N N   . VAL A 1 25 ? -7.288  -3.897  0.074   1.00 34.33  ? 107 VAL A N   1 
ATOM   195 C CA  . VAL A 1 25 ? -6.871  -5.285  0.122   1.00 35.73  ? 107 VAL A CA  1 
ATOM   196 C C   . VAL A 1 25 ? -6.383  -5.598  1.528   1.00 38.42  ? 107 VAL A C   1 
ATOM   197 O O   . VAL A 1 25 ? -6.770  -6.607  2.119   1.00 34.70  ? 107 VAL A O   1 
ATOM   198 C CB  . VAL A 1 25 ? -5.733  -5.542  -0.880  1.00 39.22  ? 107 VAL A CB  1 
ATOM   199 C CG1 . VAL A 1 25 ? -5.362  -7.004  -0.907  1.00 35.79  ? 107 VAL A CG1 1 
ATOM   200 C CG2 . VAL A 1 25 ? -6.152  -5.090  -2.249  1.00 39.67  ? 107 VAL A CG2 1 
ATOM   201 N N   . VAL A 1 26 ? -5.528  -4.727  2.056   1.00 35.11  ? 108 VAL A N   1 
ATOM   202 C CA  . VAL A 1 26 ? -5.018  -4.870  3.419   1.00 36.10  ? 108 VAL A CA  1 
ATOM   203 C C   . VAL A 1 26 ? -6.169  -4.972  4.428   1.00 41.40  ? 108 VAL A C   1 
ATOM   204 O O   . VAL A 1 26 ? -6.211  -5.907  5.231   1.00 38.32  ? 108 VAL A O   1 
ATOM   205 C CB  . VAL A 1 26 ? -4.131  -3.677  3.809   1.00 38.70  ? 108 VAL A CB  1 
ATOM   206 C CG1 . VAL A 1 26 ? -3.768  -3.740  5.281   1.00 34.41  ? 108 VAL A CG1 1 
ATOM   207 C CG2 . VAL A 1 26 ? -2.886  -3.645  2.957   1.00 34.85  ? 108 VAL A CG2 1 
ATOM   208 N N   . ARG A 1 27 ? -7.108  -4.027  4.368   1.00 35.64  ? 109 ARG A N   1 
ATOM   209 C CA  . ARG A 1 27 ? -8.238  -4.010  5.301   1.00 41.65  ? 109 ARG A CA  1 
ATOM   210 C C   . ARG A 1 27 ? -9.138  -5.232  5.182   1.00 41.22  ? 109 ARG A C   1 
ATOM   211 O O   . ARG A 1 27 ? -9.520  -5.818  6.196   1.00 40.17  ? 109 ARG A O   1 
ATOM   212 C CB  . ARG A 1 27 ? -9.066  -2.731  5.145   1.00 48.11  ? 109 ARG A CB  1 
ATOM   213 C CG  . ARG A 1 27 ? -8.558  -1.575  5.995   1.00 56.17  ? 109 ARG A CG  1 
ATOM   214 C CD  . ARG A 1 27 ? -9.577  -0.444  6.075   1.00 64.66  ? 109 ARG A CD  1 
ATOM   215 N NE  . ARG A 1 27 ? -9.904  0.055   4.743   1.00 73.80  ? 109 ARG A NE  1 
ATOM   216 C CZ  . ARG A 1 27 ? -9.308  1.097   4.174   1.00 73.58  ? 109 ARG A CZ  1 
ATOM   217 N NH1 . ARG A 1 27 ? -8.367  1.762   4.830   1.00 69.66  ? 109 ARG A NH1 1 
ATOM   218 N NH2 . ARG A 1 27 ? -9.659  1.481   2.953   1.00 74.32  ? 109 ARG A NH2 1 
ATOM   219 N N   . ASP A 1 28 ? -9.473  -5.616  3.952   1.00 39.39  ? 110 ASP A N   1 
ATOM   220 C CA  . ASP A 1 28 ? -10.274 -6.821  3.713   1.00 44.46  ? 110 ASP A CA  1 
ATOM   221 C C   . ASP A 1 28 ? -9.607  -8.103  4.213   1.00 38.45  ? 110 ASP A C   1 
ATOM   222 O O   . ASP A 1 28 ? -10.235 -8.924  4.861   1.00 44.33  ? 110 ASP A O   1 
ATOM   223 C CB  . ASP A 1 28 ? -10.606 -6.978  2.226   1.00 46.40  ? 110 ASP A CB  1 
ATOM   224 C CG  . ASP A 1 28 ? -11.589 -5.932  1.729   1.00 56.13  ? 110 ASP A CG  1 
ATOM   225 O OD1 . ASP A 1 28 ? -12.146 -5.173  2.555   1.00 53.54  ? 110 ASP A OD1 1 
ATOM   226 O OD2 . ASP A 1 28 ? -11.812 -5.879  0.503   1.00 59.07  ? 110 ASP A OD2 1 
ATOM   227 N N   . LEU A 1 29 ? -8.333  -8.287  3.909   1.00 42.21  ? 111 LEU A N   1 
ATOM   228 C CA  . LEU A 1 29 ? -7.672  -9.527  4.302   1.00 39.94  ? 111 LEU A CA  1 
ATOM   229 C C   . LEU A 1 29 ? -7.428  -9.585  5.814   1.00 41.13  ? 111 LEU A C   1 
ATOM   230 O O   . LEU A 1 29 ? -7.518  -10.643 6.437   1.00 39.29  ? 111 LEU A O   1 
ATOM   231 C CB  . LEU A 1 29 ? -6.372  -9.701  3.527   1.00 33.37  ? 111 LEU A CB  1 
ATOM   232 C CG  . LEU A 1 29 ? -6.595  -9.960  2.030   1.00 39.84  ? 111 LEU A CG  1 
ATOM   233 C CD1 . LEU A 1 29 ? -5.268  -10.221 1.316   1.00 35.39  ? 111 LEU A CD1 1 
ATOM   234 C CD2 . LEU A 1 29 ? -7.537  -11.130 1.812   1.00 41.19  ? 111 LEU A CD2 1 
ATOM   235 N N   . TRP A 1 30 ? -7.127  -8.432  6.396   1.00 37.58  ? 112 TRP A N   1 
ATOM   236 C CA  . TRP A 1 30 ? -6.865  -8.338  7.818   1.00 38.97  ? 112 TRP A CA  1 
ATOM   237 C C   . TRP A 1 30 ? -8.142  -8.681  8.558   1.00 39.24  ? 112 TRP A C   1 
ATOM   238 O O   . TRP A 1 30 ? -8.124  -9.470  9.501   1.00 44.21  ? 112 TRP A O   1 
ATOM   239 C CB  . TRP A 1 30 ? -6.372  -6.923  8.143   1.00 47.25  ? 112 TRP A CB  1 
ATOM   240 C CG  . TRP A 1 30 ? -6.317  -6.548  9.584   1.00 56.91  ? 112 TRP A CG  1 
ATOM   241 C CD1 . TRP A 1 30 ? -6.240  -7.386  10.662  1.00 56.56  ? 112 TRP A CD1 1 
ATOM   242 C CD2 . TRP A 1 30 ? -6.329  -5.215  10.112  1.00 63.42  ? 112 TRP A CD2 1 
ATOM   243 N NE1 . TRP A 1 30 ? -6.208  -6.655  11.823  1.00 54.71  ? 112 TRP A NE1 1 
ATOM   244 C CE2 . TRP A 1 30 ? -6.259  -5.321  11.513  1.00 63.96  ? 112 TRP A CE2 1 
ATOM   245 C CE3 . TRP A 1 30 ? -6.394  -3.942  9.531   1.00 69.61  ? 112 TRP A CE3 1 
ATOM   246 C CZ2 . TRP A 1 30 ? -6.256  -4.197  12.345  1.00 72.76  ? 112 TRP A CZ2 1 
ATOM   247 C CZ3 . TRP A 1 30 ? -6.387  -2.830  10.360  1.00 71.92  ? 112 TRP A CZ3 1 
ATOM   248 C CH2 . TRP A 1 30 ? -6.318  -2.966  11.750  1.00 73.61  ? 112 TRP A CH2 1 
ATOM   249 N N   . ARG A 1 31 ? -9.259  -8.119  8.111   1.00 40.77  ? 113 ARG A N   1 
ATOM   250 C CA  . ARG A 1 31 ? -10.546 -8.444  8.710   1.00 41.76  ? 113 ARG A CA  1 
ATOM   251 C C   . ARG A 1 31 ? -10.859 -9.922  8.535   1.00 42.54  ? 113 ARG A C   1 
ATOM   252 O O   . ARG A 1 31 ? -11.296 -10.598 9.481   1.00 45.18  ? 113 ARG A O   1 
ATOM   253 C CB  . ARG A 1 31 ? -11.658 -7.596  8.093   1.00 50.85  ? 113 ARG A CB  1 
ATOM   254 C CG  . ARG A 1 31 ? -13.061 -8.159  8.312   1.00 46.32  ? 113 ARG A CG  1 
ATOM   255 C CD  . ARG A 1 31 ? -13.467 -8.129  9.780   1.00 53.74  ? 113 ARG A CD  1 
ATOM   256 N NE  . ARG A 1 31 ? -14.829 -8.623  9.974   1.00 56.84  ? 113 ARG A NE  1 
ATOM   257 C CZ  . ARG A 1 31 ? -15.890 -7.847  10.169  1.00 60.10  ? 113 ARG A CZ  1 
ATOM   258 N NH1 . ARG A 1 31 ? -15.749 -6.525  10.212  1.00 61.45  ? 113 ARG A NH1 1 
ATOM   259 N NH2 . ARG A 1 31 ? -17.091 -8.398  10.335  1.00 57.85  ? 113 ARG A NH2 1 
ATOM   260 N N   . ARG A 1 32 ? -10.647 -10.426 7.324   1.00 42.50  ? 114 ARG A N   1 
ATOM   261 C CA  . ARG A 1 32 ? -10.899 -11.835 7.066   1.00 39.47  ? 114 ARG A CA  1 
ATOM   262 C C   . ARG A 1 32 ? -10.007 -12.713 7.953   1.00 39.53  ? 114 ARG A C   1 
ATOM   263 O O   . ARG A 1 32 ? -10.462 -13.739 8.443   1.00 40.83  ? 114 ARG A O   1 
ATOM   264 C CB  . ARG A 1 32 ? -10.735 -12.165 5.583   1.00 44.87  ? 114 ARG A CB  1 
ATOM   265 C CG  . ARG A 1 32 ? -11.085 -13.606 5.216   1.00 50.30  ? 114 ARG A CG  1 
ATOM   266 C CD  . ARG A 1 32 ? -10.868 -13.883 3.727   1.00 62.64  ? 114 ARG A CD  1 
ATOM   267 N NE  . ARG A 1 32 ? -11.049 -15.294 3.374   1.00 72.07  ? 114 ARG A NE  1 
ATOM   268 C CZ  . ARG A 1 32 ? -12.196 -15.818 2.947   1.00 79.74  ? 114 ARG A CZ  1 
ATOM   269 N NH1 . ARG A 1 32 ? -13.271 -15.046 2.821   1.00 77.60  ? 114 ARG A NH1 1 
ATOM   270 N NH2 . ARG A 1 32 ? -12.269 -17.108 2.640   1.00 81.61  ? 114 ARG A NH2 1 
ATOM   271 N N   . ASP A 1 33 ? -8.765  -12.292 8.201   1.00 38.30  ? 115 ASP A N   1 
ATOM   272 C CA  . ASP A 1 33 ? -7.901  -13.039 9.120   1.00 43.04  ? 115 ASP A CA  1 
ATOM   273 C C   . ASP A 1 33 ? -8.487  -13.089 10.527  1.00 40.70  ? 115 ASP A C   1 
ATOM   274 O O   . ASP A 1 33 ? -8.469  -14.131 11.191  1.00 44.13  ? 115 ASP A O   1 
ATOM   275 C CB  . ASP A 1 33 ? -6.483  -12.455 9.171   1.00 41.38  ? 115 ASP A CB  1 
ATOM   276 C CG  . ASP A 1 33 ? -5.480  -13.415 9.803   1.00 44.69  ? 115 ASP A CG  1 
ATOM   277 O OD1 . ASP A 1 33 ? -5.516  -14.612 9.475   1.00 48.98  ? 115 ASP A OD1 1 
ATOM   278 O OD2 . ASP A 1 33 ? -4.665  -12.979 10.638  1.00 53.85  ? 115 ASP A OD2 1 
ATOM   279 N N   . GLN A 1 34 ? -9.035  -11.967 10.978  1.00 42.41  ? 116 GLN A N   1 
ATOM   280 C CA  . GLN A 1 34 ? -9.595  -11.906 12.319  1.00 42.39  ? 116 GLN A CA  1 
ATOM   281 C C   . GLN A 1 34 ? -10.851 -12.757 12.430  1.00 49.31  ? 116 GLN A C   1 
ATOM   282 O O   . GLN A 1 34 ? -11.065 -13.426 13.439  1.00 50.90  ? 116 GLN A O   1 
ATOM   283 C CB  . GLN A 1 34 ? -9.948  -10.469 12.677  1.00 42.13  ? 116 GLN A CB  1 
ATOM   284 C CG  . GLN A 1 34 ? -8.790  -9.510  12.760  1.00 50.20  ? 116 GLN A CG  1 
ATOM   285 C CD  . GLN A 1 34 ? -9.283  -8.090  12.946  1.00 55.31  ? 116 GLN A CD  1 
ATOM   286 O OE1 . GLN A 1 34 ? -10.332 -7.714  12.415  1.00 51.00  ? 116 GLN A OE1 1 
ATOM   287 N NE2 . GLN A 1 34 ? -8.543  -7.298  13.708  1.00 50.76  ? 116 GLN A NE2 1 
ATOM   288 N N   . GLU A 1 35 ? -11.682 -12.724 11.397  1.00 52.73  ? 117 GLU A N   1 
ATOM   289 C CA  . GLU A 1 35 ? -13.003 -13.346 11.457  1.00 48.52  ? 117 GLU A CA  1 
ATOM   290 C C   . GLU A 1 35 ? -12.945 -14.849 11.142  1.00 52.17  ? 117 GLU A C   1 
ATOM   291 O O   . GLU A 1 35 ? -13.404 -15.684 11.927  1.00 53.68  ? 117 GLU A O   1 
ATOM   292 C CB  . GLU A 1 35 ? -13.943 -12.636 10.481  1.00 46.86  ? 117 GLU A CB  1 
ATOM   293 C CG  . GLU A 1 35 ? -15.414 -13.013 10.638  1.00 62.93  ? 117 GLU A CG  1 
ATOM   294 C CD  . GLU A 1 35 ? -16.343 -11.930 10.116  1.00 69.61  ? 117 GLU A CD  1 
ATOM   295 O OE1 . GLU A 1 35 ? -15.857 -11.014 9.418   1.00 66.98  ? 117 GLU A OE1 1 
ATOM   296 O OE2 . GLU A 1 35 ? -17.556 -11.991 10.406  1.00 74.15  ? 117 GLU A OE2 1 
ATOM   297 N N   . ARG A 1 36 ? -12.350 -15.182 10.001  1.00 46.42  ? 118 ARG A N   1 
ATOM   298 C CA  . ARG A 1 36 ? -12.364 -16.547 9.475   1.00 53.62  ? 118 ARG A CA  1 
ATOM   299 C C   . ARG A 1 36 ? -10.996 -17.209 9.505   1.00 47.25  ? 118 ARG A C   1 
ATOM   300 O O   . ARG A 1 36 ? -10.901 -18.428 9.489   1.00 58.50  ? 118 ARG A O   1 
ATOM   301 C CB  . ARG A 1 36 ? -12.898 -16.539 8.036   1.00 59.54  ? 118 ARG A CB  1 
ATOM   302 C CG  . ARG A 1 36 ? -14.358 -16.077 7.926   1.00 73.02  ? 118 ARG A CG  1 
ATOM   303 C CD  . ARG A 1 36 ? -14.794 -15.820 6.482   1.00 85.47  ? 118 ARG A CD  1 
ATOM   304 N NE  . ARG A 1 36 ? -14.561 -16.971 5.606   1.00 98.88  ? 118 ARG A NE  1 
ATOM   305 C CZ  . ARG A 1 36 ? -15.097 -17.119 4.395   1.00 104.93 ? 118 ARG A CZ  1 
ATOM   306 N NH1 . ARG A 1 36 ? -15.914 -16.192 3.910   1.00 109.11 ? 118 ARG A NH1 1 
ATOM   307 N NH2 . ARG A 1 36 ? -14.826 -18.199 3.669   1.00 101.50 ? 118 ARG A NH2 1 
ATOM   308 N N   . GLY A 1 37 ? -9.942  -16.403 9.543   1.00 43.93  ? 119 GLY A N   1 
ATOM   309 C CA  . GLY A 1 37 ? -8.583  -16.903 9.428   1.00 44.12  ? 119 GLY A CA  1 
ATOM   310 C C   . GLY A 1 37 ? -8.166  -17.059 7.966   1.00 46.80  ? 119 GLY A C   1 
ATOM   311 O O   . GLY A 1 37 ? -8.953  -17.516 7.142   1.00 52.76  ? 119 GLY A O   1 
ATOM   312 N N   . LEU A 1 38 ? -6.930  -16.697 7.640   1.00 41.62  ? 120 LEU A N   1 
ATOM   313 C CA  . LEU A 1 38 ? -6.488  -16.732 6.248   1.00 42.98  ? 120 LEU A CA  1 
ATOM   314 C C   . LEU A 1 38 ? -5.770  -18.014 5.881   1.00 50.23  ? 120 LEU A C   1 
ATOM   315 O O   . LEU A 1 38 ? -5.088  -18.624 6.713   1.00 51.21  ? 120 LEU A O   1 
ATOM   316 C CB  . LEU A 1 38 ? -5.556  -15.563 5.949   1.00 44.64  ? 120 LEU A CB  1 
ATOM   317 C CG  . LEU A 1 38 ? -6.167  -14.168 6.067   1.00 48.41  ? 120 LEU A CG  1 
ATOM   318 C CD1 . LEU A 1 38 ? -5.089  -13.133 5.742   1.00 34.23  ? 120 LEU A CD1 1 
ATOM   319 C CD2 . LEU A 1 38 ? -7.389  -14.034 5.153   1.00 36.13  ? 120 LEU A CD2 1 
ATOM   320 N N   . SER A 1 39 ? -5.909  -18.409 4.619   1.00 45.77  ? 121 SER A N   1 
ATOM   321 C CA  . SER A 1 39 ? -5.114  -19.501 4.084   1.00 49.35  ? 121 SER A CA  1 
ATOM   322 C C   . SER A 1 39 ? -3.689  -18.991 3.957   1.00 49.90  ? 121 SER A C   1 
ATOM   323 O O   . SER A 1 39 ? -3.448  -17.788 4.078   1.00 43.07  ? 121 SER A O   1 
ATOM   324 C CB  . SER A 1 39 ? -5.638  -19.927 2.713   1.00 49.06  ? 121 SER A CB  1 
ATOM   325 O OG  . SER A 1 39 ? -5.441  -18.901 1.751   1.00 44.57  ? 121 SER A OG  1 
ATOM   326 N N   . ALA A 1 40 ? -2.752  -19.905 3.713   1.00 55.53  ? 122 ALA A N   1 
ATOM   327 C CA  . ALA A 1 40 ? -1.347  -19.561 3.498   1.00 44.02  ? 122 ALA A CA  1 
ATOM   328 C C   . ALA A 1 40 ? -1.181  -18.592 2.339   1.00 41.34  ? 122 ALA A C   1 
ATOM   329 O O   . ALA A 1 40 ? -0.380  -17.662 2.407   1.00 46.87  ? 122 ALA A O   1 
ATOM   330 C CB  . ALA A 1 40 ? -0.538  -20.824 3.240   1.00 45.47  ? 122 ALA A CB  1 
ATOM   331 N N   . GLY A 1 41 ? -1.928  -18.819 1.266   1.00 38.63  ? 123 GLY A N   1 
ATOM   332 C CA  . GLY A 1 41 ? -1.869  -17.930 0.120   1.00 32.81  ? 123 GLY A CA  1 
ATOM   333 C C   . GLY A 1 41 ? -2.384  -16.533 0.422   1.00 38.61  ? 123 GLY A C   1 
ATOM   334 O O   . GLY A 1 41 ? -1.807  -15.532 -0.010  1.00 41.92  ? 123 GLY A O   1 
ATOM   335 N N   . GLU A 1 42 ? -3.472  -16.447 1.177   1.00 39.27  ? 124 GLU A N   1 
ATOM   336 C CA  . GLU A 1 42 ? -4.011  -15.140 1.511   1.00 32.65  ? 124 GLU A CA  1 
ATOM   337 C C   . GLU A 1 42 ? -3.085  -14.373 2.430   1.00 32.02  ? 124 GLU A C   1 
ATOM   338 O O   . GLU A 1 42 ? -2.952  -13.158 2.306   1.00 39.99  ? 124 GLU A O   1 
ATOM   339 C CB  . GLU A 1 42 ? -5.385  -15.278 2.145   1.00 33.89  ? 124 GLU A CB  1 
ATOM   340 C CG  . GLU A 1 42 ? -6.482  -15.599 1.150   1.00 42.59  ? 124 GLU A CG  1 
ATOM   341 C CD  . GLU A 1 42 ? -7.719  -16.113 1.846   1.00 46.02  ? 124 GLU A CD  1 
ATOM   342 O OE1 . GLU A 1 42 ? -7.556  -16.997 2.713   1.00 51.85  ? 124 GLU A OE1 1 
ATOM   343 O OE2 . GLU A 1 42 ? -8.837  -15.634 1.549   1.00 44.63  ? 124 GLU A OE2 1 
ATOM   344 N N   . LYS A 1 43 ? -2.461  -15.080 3.367   1.00 40.33  ? 125 LYS A N   1 
ATOM   345 C CA  . LYS A 1 43 ? -1.484  -14.458 4.253   1.00 42.80  ? 125 LYS A CA  1 
ATOM   346 C C   . LYS A 1 43 ? -0.353  -13.849 3.421   1.00 41.25  ? 125 LYS A C   1 
ATOM   347 O O   . LYS A 1 43 ? 0.101   -12.736 3.699   1.00 37.49  ? 125 LYS A O   1 
ATOM   348 C CB  . LYS A 1 43 ? -0.923  -15.489 5.248   1.00 43.24  ? 125 LYS A CB  1 
ATOM   349 C CG  . LYS A 1 43 ? -1.905  -15.915 6.344   1.00 49.43  ? 125 LYS A CG  1 
ATOM   350 C CD  . LYS A 1 43 ? -1.312  -17.001 7.257   1.00 55.71  ? 125 LYS A CD  1 
ATOM   351 C CE  . LYS A 1 43 ? -2.195  -17.269 8.488   1.00 66.25  ? 125 LYS A CE  1 
ATOM   352 N NZ  . LYS A 1 43 ? -2.333  -16.077 9.376   1.00 63.66  ? 125 LYS A NZ  1 
ATOM   353 N N   . ARG A 1 44 ? 0.086   -14.581 2.398   1.00 40.86  ? 126 ARG A N   1 
ATOM   354 C CA  . ARG A 1 44 ? 1.123   -14.082 1.500   1.00 44.96  ? 126 ARG A CA  1 
ATOM   355 C C   . ARG A 1 44 ? 0.698   -12.778 0.817   1.00 38.23  ? 126 ARG A C   1 
ATOM   356 O O   . ARG A 1 44 ? 1.440   -11.799 0.804   1.00 37.37  ? 126 ARG A O   1 
ATOM   357 C CB  . ARG A 1 44 ? 1.476   -15.141 0.442   1.00 48.84  ? 126 ARG A CB  1 
ATOM   358 C CG  . ARG A 1 44 ? 2.680   -14.767 -0.412  1.00 64.49  ? 126 ARG A CG  1 
ATOM   359 C CD  . ARG A 1 44 ? 3.016   -15.812 -1.491  1.00 75.42  ? 126 ARG A CD  1 
ATOM   360 N NE  . ARG A 1 44 ? 4.382   -15.656 -1.988  1.00 74.89  ? 126 ARG A NE  1 
ATOM   361 C CZ  . ARG A 1 44 ? 4.685   -15.141 -3.178  1.00 73.98  ? 126 ARG A CZ  1 
ATOM   362 N NH1 . ARG A 1 44 ? 3.714   -14.741 -3.999  1.00 75.19  ? 126 ARG A NH1 1 
ATOM   363 N NH2 . ARG A 1 44 ? 5.955   -15.039 -3.563  1.00 68.47  ? 126 ARG A NH2 1 
ATOM   364 N N   . MET A 1 45 ? -0.501  -12.770 0.250   1.00 37.19  ? 127 MET A N   1 
ATOM   365 C CA  . MET A 1 45 ? -1.011  -11.578 -0.418  1.00 39.76  ? 127 MET A CA  1 
ATOM   366 C C   . MET A 1 45 ? -1.178  -10.420 0.572   1.00 33.64  ? 127 MET A C   1 
ATOM   367 O O   . MET A 1 45 ? -0.837  -9.276  0.263   1.00 34.62  ? 127 MET A O   1 
ATOM   368 C CB  . MET A 1 45 ? -2.333  -11.889 -1.118  1.00 36.48  ? 127 MET A CB  1 
ATOM   369 C CG  . MET A 1 45 ? -3.057  -10.667 -1.644  1.00 32.21  ? 127 MET A CG  1 
ATOM   370 S SD  . MET A 1 45 ? -4.659  -11.061 -2.376  1.00 34.86  ? 127 MET A SD  1 
ATOM   371 C CE  . MET A 1 45 ? -4.218  -11.929 -3.870  1.00 29.98  ? 127 MET A CE  1 
ATOM   372 N N   . LEU A 1 46 ? -1.667  -10.717 1.770   1.00 31.95  ? 128 LEU A N   1 
ATOM   373 C CA  . LEU A 1 46 ? -1.762  -9.681  2.792   1.00 34.40  ? 128 LEU A CA  1 
ATOM   374 C C   . LEU A 1 46 ? -0.367  -9.125  3.079   1.00 38.83  ? 128 LEU A C   1 
ATOM   375 O O   . LEU A 1 46 ? -0.192  -7.920  3.183   1.00 35.92  ? 128 LEU A O   1 
ATOM   376 C CB  . LEU A 1 46 ? -2.411  -10.212 4.081   1.00 30.35  ? 128 LEU A CB  1 
ATOM   377 C CG  . LEU A 1 46 ? -2.366  -9.255  5.266   1.00 35.75  ? 128 LEU A CG  1 
ATOM   378 C CD1 . LEU A 1 46 ? -2.996  -7.923  4.871   1.00 37.88  ? 128 LEU A CD1 1 
ATOM   379 C CD2 . LEU A 1 46 ? -3.122  -9.837  6.502   1.00 35.75  ? 128 LEU A CD2 1 
ATOM   380 N N   . ALA A 1 47 ? 0.627   -9.997  3.191   1.00 38.17  ? 129 ALA A N   1 
ATOM   381 C CA  . ALA A 1 47 ? 1.995   -9.530  3.445   1.00 43.89  ? 129 ALA A CA  1 
ATOM   382 C C   . ALA A 1 47 ? 2.539   -8.647  2.311   1.00 44.52  ? 129 ALA A C   1 
ATOM   383 O O   . ALA A 1 47 ? 3.224   -7.645  2.554   1.00 44.05  ? 129 ALA A O   1 
ATOM   384 C CB  . ALA A 1 47 ? 2.928   -10.711 3.707   1.00 44.17  ? 129 ALA A CB  1 
ATOM   385 N N   . LYS A 1 48 ? 2.226   -9.009  1.074   1.00 40.34  ? 130 LYS A N   1 
ATOM   386 C CA  . LYS A 1 48 ? 2.614   -8.185  -0.058  1.00 36.00  ? 130 LYS A CA  1 
ATOM   387 C C   . LYS A 1 48 ? 1.881   -6.850  -0.079  1.00 42.61  ? 130 LYS A C   1 
ATOM   388 O O   . LYS A 1 48 ? 2.497   -5.814  -0.335  1.00 36.95  ? 130 LYS A O   1 
ATOM   389 C CB  . LYS A 1 48 ? 2.348   -8.916  -1.364  1.00 39.29  ? 130 LYS A CB  1 
ATOM   390 C CG  . LYS A 1 48 ? 3.317   -10.033 -1.641  1.00 53.69  ? 130 LYS A CG  1 
ATOM   391 C CD  . LYS A 1 48 ? 3.083   -10.562 -3.050  1.00 69.34  ? 130 LYS A CD  1 
ATOM   392 C CE  . LYS A 1 48 ? 3.907   -11.792 -3.245  1.00 79.34  ? 130 LYS A CE  1 
ATOM   393 N NZ  . LYS A 1 48 ? 5.352   -11.539 -2.872  1.00 84.44  ? 130 LYS A NZ  1 
ATOM   394 N N   . ALA A 1 49 ? 0.570   -6.879  0.169   1.00 35.73  ? 131 ALA A N   1 
ATOM   395 C CA  . ALA A 1 49 ? -0.223  -5.658  0.176   1.00 32.06  ? 131 ALA A CA  1 
ATOM   396 C C   . ALA A 1 49 ? 0.363   -4.721  1.215   1.00 30.39  ? 131 ALA A C   1 
ATOM   397 O O   . ALA A 1 49 ? 0.454   -3.512  1.004   1.00 37.73  ? 131 ALA A O   1 
ATOM   398 C CB  . ALA A 1 49 ? -1.692  -5.952  0.489   1.00 29.49  ? 131 ALA A CB  1 
ATOM   399 N N   . ARG A 1 50 ? 0.765   -5.281  2.344   1.00 30.80  ? 132 ARG A N   1 
ATOM   400 C CA  . ARG A 1 50 ? 1.316   -4.455  3.406   1.00 37.95  ? 132 ARG A CA  1 
ATOM   401 C C   . ARG A 1 50 ? 2.637   -3.839  2.939   1.00 36.18  ? 132 ARG A C   1 
ATOM   402 O O   . ARG A 1 50 ? 2.888   -2.662  3.143   1.00 40.92  ? 132 ARG A O   1 
ATOM   403 C CB  . ARG A 1 50 ? 1.500   -5.285  4.673   1.00 34.34  ? 132 ARG A CB  1 
ATOM   404 C CG  . ARG A 1 50 ? 0.191   -5.575  5.409   1.00 42.78  ? 132 ARG A CG  1 
ATOM   405 C CD  . ARG A 1 50 ? 0.369   -6.717  6.403   1.00 43.21  ? 132 ARG A CD  1 
ATOM   406 N NE  . ARG A 1 50 ? 1.354   -6.397  7.431   1.00 48.37  ? 132 ARG A NE  1 
ATOM   407 C CZ  . ARG A 1 50 ? 2.198   -7.277  7.955   1.00 57.52  ? 132 ARG A CZ  1 
ATOM   408 N NH1 . ARG A 1 50 ? 2.182   -8.546  7.556   1.00 62.02  ? 132 ARG A NH1 1 
ATOM   409 N NH2 . ARG A 1 50 ? 3.059   -6.889  8.878   1.00 62.77  ? 132 ARG A NH2 1 
ATOM   410 N N   . GLN A 1 51 ? 3.455   -4.645  2.275   1.00 39.45  ? 133 GLN A N   1 
ATOM   411 C CA  . GLN A 1 51 ? 4.735   -4.181  1.743   1.00 43.25  ? 133 GLN A CA  1 
ATOM   412 C C   . GLN A 1 51 ? 4.572   -3.035  0.749   1.00 41.88  ? 133 GLN A C   1 
ATOM   413 O O   . GLN A 1 51 ? 5.241   -2.005  0.850   1.00 37.21  ? 133 GLN A O   1 
ATOM   414 C CB  . GLN A 1 51 ? 5.478   -5.348  1.107   1.00 36.58  ? 133 GLN A CB  1 
ATOM   415 C CG  . GLN A 1 51 ? 6.075   -6.293  2.131   1.00 34.09  ? 133 GLN A CG  1 
ATOM   416 C CD  . GLN A 1 51 ? 6.620   -7.545  1.496   1.00 43.23  ? 133 GLN A CD  1 
ATOM   417 O OE1 . GLN A 1 51 ? 6.309   -7.857  0.343   1.00 47.40  ? 133 GLN A OE1 1 
ATOM   418 N NE2 . GLN A 1 51 ? 7.444   -8.273  2.239   1.00 42.30  ? 133 GLN A NE2 1 
ATOM   419 N N   . ILE A 1 52 ? 3.667   -3.216  -0.202  1.00 40.62  ? 134 ILE A N   1 
ATOM   420 C CA  . ILE A 1 52 ? 3.342   -2.172  -1.150  1.00 33.63  ? 134 ILE A CA  1 
ATOM   421 C C   . ILE A 1 52 ? 2.849   -0.914  -0.435  1.00 39.49  ? 134 ILE A C   1 
ATOM   422 O O   . ILE A 1 52 ? 3.222   0.207   -0.804  1.00 33.49  ? 134 ILE A O   1 
ATOM   423 C CB  . ILE A 1 52 ? 2.274   -2.674  -2.133  1.00 34.15  ? 134 ILE A CB  1 
ATOM   424 C CG1 . ILE A 1 52 ? 2.879   -3.752  -3.031  1.00 35.30  ? 134 ILE A CG1 1 
ATOM   425 C CG2 . ILE A 1 52 ? 1.733   -1.538  -2.977  1.00 32.56  ? 134 ILE A CG2 1 
ATOM   426 C CD1 . ILE A 1 52 ? 1.870   -4.407  -3.957  1.00 34.63  ? 134 ILE A CD1 1 
ATOM   427 N N   . LEU A 1 53 ? 2.022   -1.101  0.596   1.00 34.58  ? 135 LEU A N   1 
ATOM   428 C CA  . LEU A 1 53 ? 1.471   0.022   1.335   1.00 36.32  ? 135 LEU A CA  1 
ATOM   429 C C   . LEU A 1 53 ? 2.573   0.763   2.086   1.00 35.27  ? 135 LEU A C   1 
ATOM   430 O O   . LEU A 1 53 ? 2.642   1.982   2.038   1.00 34.78  ? 135 LEU A O   1 
ATOM   431 C CB  . LEU A 1 53 ? 0.390   -0.449  2.320   1.00 39.81  ? 135 LEU A CB  1 
ATOM   432 C CG  . LEU A 1 53 ? -0.372  0.697   2.974   1.00 44.27  ? 135 LEU A CG  1 
ATOM   433 C CD1 . LEU A 1 53 ? -0.984  1.530   1.885   1.00 44.26  ? 135 LEU A CD1 1 
ATOM   434 C CD2 . LEU A 1 53 ? -1.457  0.182   3.922   1.00 49.58  ? 135 LEU A CD2 1 
ATOM   435 N N   . VAL A 1 54 ? 3.437   0.034   2.780   1.00 32.53  ? 136 VAL A N   1 
ATOM   436 C CA  . VAL A 1 54 ? 4.538   0.674   3.508   1.00 35.70  ? 136 VAL A CA  1 
ATOM   437 C C   . VAL A 1 54 ? 5.496   1.366   2.527   1.00 36.06  ? 136 VAL A C   1 
ATOM   438 O O   . VAL A 1 54 ? 5.944   2.491   2.769   1.00 36.12  ? 136 VAL A O   1 
ATOM   439 C CB  . VAL A 1 54 ? 5.284   -0.333  4.405   1.00 32.22  ? 136 VAL A CB  1 
ATOM   440 C CG1 . VAL A 1 54 ? 6.543   0.290   4.994   1.00 37.37  ? 136 VAL A CG1 1 
ATOM   441 C CG2 . VAL A 1 54 ? 4.358   -0.823  5.528   1.00 35.29  ? 136 VAL A CG2 1 
ATOM   442 N N   . GLY A 1 55 ? 5.765   0.707   1.405   1.00 34.89  ? 137 GLY A N   1 
ATOM   443 C CA  . GLY A 1 55 ? 6.601   1.291   0.373   1.00 37.50  ? 137 GLY A CA  1 
ATOM   444 C C   . GLY A 1 55 ? 6.061   2.597   -0.172  1.00 41.16  ? 137 GLY A C   1 
ATOM   445 O O   . GLY A 1 55 ? 6.817   3.563   -0.338  1.00 32.85  ? 137 GLY A O   1 
ATOM   446 N N   . GLU A 1 56 ? 4.760   2.641   -0.454  1.00 37.14  ? 138 GLU A N   1 
ATOM   447 C CA  . GLU A 1 56 ? 4.131   3.888   -0.891  1.00 35.02  ? 138 GLU A CA  1 
ATOM   448 C C   . GLU A 1 56 ? 4.238   4.988   0.146   1.00 42.02  ? 138 GLU A C   1 
ATOM   449 O O   . GLU A 1 56 ? 4.424   6.156   -0.208  1.00 43.27  ? 138 GLU A O   1 
ATOM   450 C CB  . GLU A 1 56 ? 2.651   3.682   -1.255  1.00 36.65  ? 138 GLU A CB  1 
ATOM   451 C CG  . GLU A 1 56 ? 2.422   2.913   -2.554  1.00 40.30  ? 138 GLU A CG  1 
ATOM   452 C CD  . GLU A 1 56 ? 2.887   3.681   -3.781  1.00 53.82  ? 138 GLU A CD  1 
ATOM   453 O OE1 . GLU A 1 56 ? 2.741   4.925   -3.810  1.00 50.61  ? 138 GLU A OE1 1 
ATOM   454 O OE2 . GLU A 1 56 ? 3.399   3.034   -4.721  1.00 57.95  ? 138 GLU A OE2 1 
ATOM   455 N N   . LEU A 1 57 ? 4.110   4.638   1.422   1.00 39.53  ? 139 LEU A N   1 
ATOM   456 C CA  . LEU A 1 57 ? 4.225   5.654   2.467   1.00 35.79  ? 139 LEU A CA  1 
ATOM   457 C C   . LEU A 1 57 ? 5.650   6.209   2.509   1.00 38.74  ? 139 LEU A C   1 
ATOM   458 O O   . LEU A 1 57 ? 5.845   7.418   2.546   1.00 38.24  ? 139 LEU A O   1 
ATOM   459 C CB  . LEU A 1 57 ? 3.852   5.094   3.833   1.00 42.36  ? 139 LEU A CB  1 
ATOM   460 C CG  . LEU A 1 57 ? 2.390   5.235   4.256   1.00 62.19  ? 139 LEU A CG  1 
ATOM   461 C CD1 . LEU A 1 57 ? 1.453   4.498   3.311   1.00 58.77  ? 139 LEU A CD1 1 
ATOM   462 C CD2 . LEU A 1 57 ? 2.212   4.748   5.682   1.00 64.47  ? 139 LEU A CD2 1 
ATOM   463 N N   . ALA A 1 58 ? 6.634   5.316   2.497   1.00 37.01  ? 140 ALA A N   1 
ATOM   464 C CA  . ALA A 1 58 ? 8.042   5.707   2.474   1.00 37.35  ? 140 ALA A CA  1 
ATOM   465 C C   . ALA A 1 58 ? 8.354   6.570   1.256   1.00 33.10  ? 140 ALA A C   1 
ATOM   466 O O   . ALA A 1 58 ? 9.100   7.541   1.350   1.00 39.65  ? 140 ALA A O   1 
ATOM   467 C CB  . ALA A 1 58 ? 8.939   4.466   2.490   1.00 34.93  ? 140 ALA A CB  1 
ATOM   468 N N   . LEU A 1 59 ? 7.774   6.225   0.115   1.00 33.45  ? 141 LEU A N   1 
ATOM   469 C CA  . LEU A 1 59 ? 7.961   7.028   -1.090  1.00 40.24  ? 141 LEU A CA  1 
ATOM   470 C C   . LEU A 1 59 ? 7.377   8.433   -0.931  1.00 42.26  ? 141 LEU A C   1 
ATOM   471 O O   . LEU A 1 59 ? 8.032   9.428   -1.264  1.00 41.72  ? 141 LEU A O   1 
ATOM   472 C CB  . LEU A 1 59 ? 7.350   6.328   -2.311  1.00 36.73  ? 141 LEU A CB  1 
ATOM   473 C CG  . LEU A 1 59 ? 7.370   7.081   -3.645  1.00 45.26  ? 141 LEU A CG  1 
ATOM   474 C CD1 . LEU A 1 59 ? 8.798   7.211   -4.161  1.00 38.53  ? 141 LEU A CD1 1 
ATOM   475 C CD2 . LEU A 1 59 ? 6.497   6.394   -4.694  1.00 49.61  ? 141 LEU A CD2 1 
ATOM   476 N N   . ALA A 1 60 ? 6.152   8.511   -0.419  1.00 43.86  ? 142 ALA A N   1 
ATOM   477 C CA  . ALA A 1 60 ? 5.477   9.793   -0.270  1.00 44.71  ? 142 ALA A CA  1 
ATOM   478 C C   . ALA A 1 60 ? 6.221   10.678  0.721   1.00 40.84  ? 142 ALA A C   1 
ATOM   479 O O   . ALA A 1 60 ? 6.321   11.885  0.523   1.00 42.00  ? 142 ALA A O   1 
ATOM   480 C CB  . ALA A 1 60 ? 4.026   9.589   0.169   1.00 41.58  ? 142 ALA A CB  1 
ATOM   481 N N   . GLU A 1 61 ? 6.741   10.079  1.785   1.00 41.03  ? 143 GLU A N   1 
ATOM   482 C CA  . GLU A 1 61 ? 7.529   10.816  2.770   1.00 38.03  ? 143 GLU A CA  1 
ATOM   483 C C   . GLU A 1 61 ? 8.808   11.353  2.151   1.00 43.22  ? 143 GLU A C   1 
ATOM   484 O O   . GLU A 1 61 ? 9.140   12.515  2.340   1.00 42.82  ? 143 GLU A O   1 
ATOM   485 C CB  . GLU A 1 61 ? 7.893   9.912   3.953   1.00 45.41  ? 143 GLU A CB  1 
ATOM   486 C CG  . GLU A 1 61 ? 6.725   9.565   4.880   1.00 53.45  ? 143 GLU A CG  1 
ATOM   487 C CD  . GLU A 1 61 ? 7.142   8.628   6.012   1.00 56.98  ? 143 GLU A CD  1 
ATOM   488 O OE1 . GLU A 1 61 ? 8.346   8.320   6.114   1.00 51.26  ? 143 GLU A OE1 1 
ATOM   489 O OE2 . GLU A 1 61 ? 6.272   8.194   6.798   1.00 55.84  ? 143 GLU A OE2 1 
ATOM   490 N N   . SER A 1 62 ? 9.534   10.485  1.442   1.00 36.83  ? 144 SER A N   1 
ATOM   491 C CA  . SER A 1 62 ? 10.771  10.864  0.771   1.00 41.95  ? 144 SER A CA  1 
ATOM   492 C C   . SER A 1 62 ? 10.513  12.002  -0.201  1.00 38.74  ? 144 SER A C   1 
ATOM   493 O O   . SER A 1 62 ? 11.341  12.894  -0.375  1.00 40.89  ? 144 SER A O   1 
ATOM   494 C CB  . SER A 1 62 ? 11.363  9.672   0.001   1.00 32.93  ? 144 SER A CB  1 
ATOM   495 O OG  . SER A 1 62 ? 11.722  8.624   0.890   1.00 36.84  ? 144 SER A OG  1 
ATOM   496 N N   . THR A 1 63 ? 9.354   11.951  -0.841  1.00 39.31  ? 145 THR A N   1 
ATOM   497 C CA  . THR A 1 63 ? 8.968   12.969  -1.804  1.00 47.19  ? 145 THR A CA  1 
ATOM   498 C C   . THR A 1 63 ? 8.696   14.306  -1.108  1.00 48.25  ? 145 THR A C   1 
ATOM   499 O O   . THR A 1 63 ? 9.200   15.348  -1.546  1.00 45.68  ? 145 THR A O   1 
ATOM   500 C CB  . THR A 1 63 ? 7.761   12.506  -2.634  1.00 45.40  ? 145 THR A CB  1 
ATOM   501 O OG1 . THR A 1 63 ? 8.151   11.375  -3.430  1.00 43.94  ? 145 THR A OG1 1 
ATOM   502 C CG2 . THR A 1 63 ? 7.292   13.613  -3.548  1.00 48.68  ? 145 THR A CG2 1 
ATOM   503 N N   . ASP A 1 64 ? 7.941   14.277  -0.012  1.00 42.17  ? 146 ASP A N   1 
ATOM   504 C CA  . ASP A 1 64 ? 7.706   15.495  0.769   1.00 43.69  ? 146 ASP A CA  1 
ATOM   505 C C   . ASP A 1 64 ? 9.019   16.061  1.306   1.00 43.35  ? 146 ASP A C   1 
ATOM   506 O O   . ASP A 1 64 ? 9.232   17.268  1.299   1.00 48.26  ? 146 ASP A O   1 
ATOM   507 C CB  . ASP A 1 64 ? 6.741   15.226  1.927   1.00 53.64  ? 146 ASP A CB  1 
ATOM   508 C CG  . ASP A 1 64 ? 5.370   14.784  1.454   1.00 55.49  ? 146 ASP A CG  1 
ATOM   509 O OD1 . ASP A 1 64 ? 5.029   15.060  0.282   1.00 57.43  ? 146 ASP A OD1 1 
ATOM   510 O OD2 . ASP A 1 64 ? 4.644   14.161  2.259   1.00 52.40  ? 146 ASP A OD2 1 
ATOM   511 N N   . ASP A 1 65 ? 9.907   15.184  1.762   1.00 40.46  ? 147 ASP A N   1 
ATOM   512 C CA  . ASP A 1 65 ? 11.183  15.634  2.309   1.00 40.27  ? 147 ASP A CA  1 
ATOM   513 C C   . ASP A 1 65 ? 12.027  16.293  1.223   1.00 36.09  ? 147 ASP A C   1 
ATOM   514 O O   . ASP A 1 65 ? 12.611  17.347  1.445   1.00 40.72  ? 147 ASP A O   1 
ATOM   515 C CB  . ASP A 1 65 ? 11.951  14.468  2.952   1.00 45.29  ? 147 ASP A CB  1 
ATOM   516 C CG  . ASP A 1 65 ? 11.394  14.075  4.308   1.00 50.89  ? 147 ASP A CG  1 
ATOM   517 O OD1 . ASP A 1 65 ? 10.514  14.793  4.824   1.00 58.23  ? 147 ASP A OD1 1 
ATOM   518 O OD2 . ASP A 1 65 ? 11.847  13.055  4.872   1.00 47.14  ? 147 ASP A OD2 1 
ATOM   519 N N   . ALA A 1 66 ? 12.077  15.679  0.045   1.00 38.91  ? 148 ALA A N   1 
ATOM   520 C CA  . ALA A 1 66 ? 12.855  16.246  -1.057  1.00 42.36  ? 148 ALA A CA  1 
ATOM   521 C C   . ALA A 1 66 ? 12.355  17.641  -1.440  1.00 42.31  ? 148 ALA A C   1 
ATOM   522 O O   . ALA A 1 66 ? 13.155  18.570  -1.586  1.00 41.77  ? 148 ALA A O   1 
ATOM   523 C CB  . ALA A 1 66 ? 12.874  15.300  -2.273  1.00 38.91  ? 148 ALA A CB  1 
ATOM   524 N N   . LYS A 1 67 ? 11.035  17.795  -1.565  1.00 40.20  ? 149 LYS A N   1 
ATOM   525 C CA  . LYS A 1 67 ? 10.438  19.095  -1.880  1.00 47.22  ? 149 LYS A CA  1 
ATOM   526 C C   . LYS A 1 67 ? 10.754  20.138  -0.813  1.00 44.55  ? 149 LYS A C   1 
ATOM   527 O O   . LYS A 1 67 ? 11.154  21.255  -1.126  1.00 40.63  ? 149 LYS A O   1 
ATOM   528 C CB  . LYS A 1 67 ? 8.913   18.983  -2.008  1.00 53.41  ? 149 LYS A CB  1 
ATOM   529 C CG  . LYS A 1 67 ? 8.411   18.363  -3.301  1.00 63.19  ? 149 LYS A CG  1 
ATOM   530 C CD  . LYS A 1 67 ? 6.898   18.118  -3.221  1.00 70.72  ? 149 LYS A CD  1 
ATOM   531 C CE  . LYS A 1 67 ? 6.383   17.337  -4.430  1.00 71.81  ? 149 LYS A CE  1 
ATOM   532 N NZ  . LYS A 1 67 ? 5.011   16.770  -4.218  1.00 68.65  ? 149 LYS A NZ  1 
ATOM   533 N N   . ALA A 1 68 ? 10.550  19.773  0.449   1.00 37.95  ? 150 ALA A N   1 
ATOM   534 C CA  . ALA A 1 68 ? 10.758  20.703  1.547   1.00 36.64  ? 150 ALA A CA  1 
ATOM   535 C C   . ALA A 1 68 ? 12.216  21.147  1.572   1.00 44.20  ? 150 ALA A C   1 
ATOM   536 O O   . ALA A 1 68 ? 12.524  22.308  1.839   1.00 44.90  ? 150 ALA A O   1 
ATOM   537 C CB  . ALA A 1 68 ? 10.365  20.034  2.872   1.00 36.07  ? 150 ALA A CB  1 
ATOM   538 N N   . GLU A 1 69 ? 13.104  20.209  1.258   1.00 45.91  ? 151 GLU A N   1 
ATOM   539 C CA  . GLU A 1 69 ? 14.543  20.459  1.193   1.00 45.76  ? 151 GLU A CA  1 
ATOM   540 C C   . GLU A 1 69 ? 14.902  21.479  0.116   1.00 44.90  ? 151 GLU A C   1 
ATOM   541 O O   . GLU A 1 69 ? 15.695  22.396  0.353   1.00 50.07  ? 151 GLU A O   1 
ATOM   542 C CB  . GLU A 1 69 ? 15.259  19.140  0.903   1.00 55.34  ? 151 GLU A CB  1 
ATOM   543 C CG  . GLU A 1 69 ? 16.701  19.085  1.330   1.00 70.09  ? 151 GLU A CG  1 
ATOM   544 C CD  . GLU A 1 69 ? 16.924  18.130  2.482   1.00 76.72  ? 151 GLU A CD  1 
ATOM   545 O OE1 . GLU A 1 69 ? 15.953  17.837  3.212   1.00 80.96  ? 151 GLU A OE1 1 
ATOM   546 O OE2 . GLU A 1 69 ? 18.065  17.666  2.661   1.00 80.31  ? 151 GLU A OE2 1 
ATOM   547 N N   . THR A 1 70 ? 14.330  21.315  -1.073  1.00 46.40  ? 152 THR A N   1 
ATOM   548 C CA  . THR A 1 70 ? 14.601  22.226  -2.184  1.00 51.48  ? 152 THR A CA  1 
ATOM   549 C C   . THR A 1 70 ? 14.054  23.615  -1.878  1.00 50.67  ? 152 THR A C   1 
ATOM   550 O O   . THR A 1 70 ? 14.685  24.627  -2.173  1.00 49.77  ? 152 THR A O   1 
ATOM   551 C CB  . THR A 1 70 ? 13.959  21.726  -3.477  1.00 57.65  ? 152 THR A CB  1 
ATOM   552 O OG1 . THR A 1 70 ? 14.433  20.405  -3.759  1.00 55.22  ? 152 THR A OG1 1 
ATOM   553 C CG2 . THR A 1 70 ? 14.294  22.653  -4.639  1.00 63.18  ? 152 THR A CG2 1 
ATOM   554 N N   . ILE A 1 71 ? 12.872  23.657  -1.278  1.00 49.49  ? 153 ILE A N   1 
ATOM   555 C CA  . ILE A 1 71 ? 12.272  24.928  -0.891  1.00 53.38  ? 153 ILE A CA  1 
ATOM   556 C C   . ILE A 1 71 ? 13.123  25.645  0.151   1.00 50.50  ? 153 ILE A C   1 
ATOM   557 O O   . ILE A 1 71 ? 13.379  26.835  0.025   1.00 48.74  ? 153 ILE A O   1 
ATOM   558 C CB  . ILE A 1 71 ? 10.840  24.740  -0.373  1.00 48.43  ? 153 ILE A CB  1 
ATOM   559 C CG1 . ILE A 1 71 ? 9.936   24.297  -1.524  1.00 53.67  ? 153 ILE A CG1 1 
ATOM   560 C CG2 . ILE A 1 71 ? 10.313  26.034  0.234   1.00 48.35  ? 153 ILE A CG2 1 
ATOM   561 C CD1 . ILE A 1 71 ? 8.500   24.061  -1.118  1.00 58.80  ? 153 ILE A CD1 1 
ATOM   562 N N   . LEU A 1 72 ? 13.577  24.930  1.171   1.00 45.72  ? 154 LEU A N   1 
ATOM   563 C CA  . LEU A 1 72 ? 14.395  25.577  2.190   1.00 48.88  ? 154 LEU A CA  1 
ATOM   564 C C   . LEU A 1 72 ? 15.714  26.083  1.593   1.00 49.28  ? 154 LEU A C   1 
ATOM   565 O O   . LEU A 1 72 ? 16.204  27.147  1.968   1.00 42.21  ? 154 LEU A O   1 
ATOM   566 C CB  . LEU A 1 72 ? 14.639  24.641  3.373   1.00 52.03  ? 154 LEU A CB  1 
ATOM   567 C CG  . LEU A 1 72 ? 15.374  25.252  4.568   1.00 55.51  ? 154 LEU A CG  1 
ATOM   568 C CD1 . LEU A 1 72 ? 14.768  26.599  4.932   1.00 49.75  ? 154 LEU A CD1 1 
ATOM   569 C CD2 . LEU A 1 72 ? 15.326  24.299  5.759   1.00 55.24  ? 154 LEU A CD2 1 
ATOM   570 N N   . ASP A 1 73 ? 16.276  25.336  0.649   1.00 46.79  ? 155 ASP A N   1 
ATOM   571 C CA  . ASP A 1 73 ? 17.506  25.778  -0.008  1.00 52.07  ? 155 ASP A CA  1 
ATOM   572 C C   . ASP A 1 73 ? 17.311  27.112  -0.717  1.00 50.71  ? 155 ASP A C   1 
ATOM   573 O O   . ASP A 1 73 ? 18.167  27.996  -0.648  1.00 56.90  ? 155 ASP A O   1 
ATOM   574 C CB  . ASP A 1 73 ? 18.011  24.723  -0.988  1.00 56.23  ? 155 ASP A CB  1 
ATOM   575 C CG  . ASP A 1 73 ? 18.997  23.773  -0.351  1.00 75.78  ? 155 ASP A CG  1 
ATOM   576 O OD1 . ASP A 1 73 ? 19.661  24.184  0.623   1.00 79.82  ? 155 ASP A OD1 1 
ATOM   577 O OD2 . ASP A 1 73 ? 19.115  22.622  -0.820  1.00 87.39  ? 155 ASP A OD2 1 
ATOM   578 N N   . GLU A 1 74 ? 16.173  27.259  -1.383  1.00 42.97  ? 156 GLU A N   1 
ATOM   579 C CA  . GLU A 1 74 ? 15.867  28.483  -2.101  1.00 46.48  ? 156 GLU A CA  1 
ATOM   580 C C   . GLU A 1 74 ? 15.706  29.650  -1.138  1.00 45.73  ? 156 GLU A C   1 
ATOM   581 O O   . GLU A 1 74 ? 16.156  30.756  -1.424  1.00 48.18  ? 156 GLU A O   1 
ATOM   582 C CB  . GLU A 1 74 ? 14.614  28.287  -2.954  1.00 57.35  ? 156 GLU A CB  1 
ATOM   583 C CG  . GLU A 1 74 ? 14.837  27.319  -4.112  1.00 64.77  ? 156 GLU A CG  1 
ATOM   584 C CD  . GLU A 1 74 ? 13.549  26.912  -4.808  1.00 72.22  ? 156 GLU A CD  1 
ATOM   585 O OE1 . GLU A 1 74 ? 12.466  27.054  -4.199  1.00 70.18  ? 156 GLU A OE1 1 
ATOM   586 O OE2 . GLU A 1 74 ? 13.625  26.442  -5.966  1.00 79.50  ? 156 GLU A OE2 1 
ATOM   587 N N   . VAL A 1 75 ? 15.088  29.397  0.014   1.00 47.98  ? 157 VAL A N   1 
ATOM   588 C CA  . VAL A 1 75 ? 14.928  30.430  1.045   1.00 49.87  ? 157 VAL A CA  1 
ATOM   589 C C   . VAL A 1 75 ? 16.267  30.897  1.632   1.00 45.19  ? 157 VAL A C   1 
ATOM   590 O O   . VAL A 1 75 ? 16.492  32.092  1.820   1.00 45.13  ? 157 VAL A O   1 
ATOM   591 C CB  . VAL A 1 75 ? 14.006  29.951  2.195   1.00 47.94  ? 157 VAL A CB  1 
ATOM   592 C CG1 . VAL A 1 75 ? 14.168  30.843  3.408   1.00 47.12  ? 157 VAL A CG1 1 
ATOM   593 C CG2 . VAL A 1 75 ? 12.546  29.922  1.735   1.00 50.59  ? 157 VAL A CG2 1 
ATOM   594 N N   . LEU A 1 76 ? 17.144  29.948  1.941   1.00 46.11  ? 158 LEU A N   1 
ATOM   595 C CA  . LEU A 1 76 ? 18.450  30.289  2.495   1.00 55.16  ? 158 LEU A CA  1 
ATOM   596 C C   . LEU A 1 76 ? 19.290  31.029  1.456   1.00 52.18  ? 158 LEU A C   1 
ATOM   597 O O   . LEU A 1 76 ? 19.998  31.981  1.782   1.00 51.29  ? 158 LEU A O   1 
ATOM   598 C CB  . LEU A 1 76 ? 19.177  29.028  2.979   1.00 52.00  ? 158 LEU A CB  1 
ATOM   599 C CG  . LEU A 1 76 ? 18.630  28.433  4.278   1.00 51.27  ? 158 LEU A CG  1 
ATOM   600 C CD1 . LEU A 1 76 ? 19.059  26.977  4.414   1.00 53.94  ? 158 LEU A CD1 1 
ATOM   601 C CD2 . LEU A 1 76 ? 19.119  29.252  5.469   1.00 44.89  ? 158 LEU A CD2 1 
ATOM   602 N N   . ALA A 1 77 ? 19.193  30.594  0.203   1.00 54.74  ? 159 ALA A N   1 
ATOM   603 C CA  . ALA A 1 77 ? 19.931  31.233  -0.883  1.00 54.80  ? 159 ALA A CA  1 
ATOM   604 C C   . ALA A 1 77 ? 19.491  32.687  -1.057  1.00 59.84  ? 159 ALA A C   1 
ATOM   605 O O   . ALA A 1 77 ? 20.321  33.581  -1.209  1.00 67.42  ? 159 ALA A O   1 
ATOM   606 C CB  . ALA A 1 77 ? 19.738  30.458  -2.165  1.00 50.57  ? 159 ALA A CB  1 
ATOM   607 N N   . ALA A 1 78 ? 18.182  32.924  -1.004  1.00 60.41  ? 160 ALA A N   1 
ATOM   608 C CA  . ALA A 1 78 ? 17.644  34.275  -1.165  1.00 61.36  ? 160 ALA A CA  1 
ATOM   609 C C   . ALA A 1 78 ? 17.986  35.200  0.010   1.00 64.85  ? 160 ALA A C   1 
ATOM   610 O O   . ALA A 1 78 ? 17.731  36.397  -0.049  1.00 66.84  ? 160 ALA A O   1 
ATOM   611 C CB  . ALA A 1 78 ? 16.140  34.224  -1.387  1.00 56.75  ? 160 ALA A CB  1 
ATOM   612 N N   . ALA A 1 79 ? 18.586  34.642  1.059   1.00 70.62  ? 161 ALA A N   1 
ATOM   613 C CA  . ALA A 1 79 ? 18.961  35.418  2.240   1.00 72.03  ? 161 ALA A CA  1 
ATOM   614 C C   . ALA A 1 79 ? 20.477  35.481  2.478   1.00 69.28  ? 161 ALA A C   1 
ATOM   615 O O   . ALA A 1 79 ? 21.280  35.308  1.560   1.00 67.87  ? 161 ALA A O   1 
ATOM   616 C CB  . ALA A 1 79 ? 18.264  34.857  3.463   1.00 70.45  ? 161 ALA A CB  1 
HETATM 617 O O   . HOH B 2 .  ? -10.221 -5.664  -1.561  1.00 40.99  ? 201 HOH A O   1 
HETATM 618 O O   . HOH B 2 .  ? 7.729   -2.197  1.856   0.50 29.66  ? 202 HOH A O   1 
HETATM 619 O O   . HOH B 2 .  ? -8.966  2.854   0.734   1.00 51.28  ? 203 HOH A O   1 
HETATM 620 O O   . HOH B 2 .  ? 0.567   -11.728 6.524   1.00 50.77  ? 204 HOH A O   1 
HETATM 621 O O   . HOH B 2 .  ? 3.294   6.924   -2.880  1.00 49.82  ? 205 HOH A O   1 
HETATM 622 O O   . HOH B 2 .  ? 5.484   13.893  4.712   1.00 53.68  ? 206 HOH A O   1 
HETATM 623 O O   . HOH B 2 .  ? 15.097  16.473  5.406   1.00 42.88  ? 207 HOH A O   1 
HETATM 624 O O   . HOH B 2 .  ? 11.012  23.869  3.410   1.00 52.25  ? 208 HOH A O   1 
HETATM 625 O O   . HOH B 2 .  ? -1.051  -15.682 -2.585  1.00 43.90  ? 209 HOH A O   1 
HETATM 626 O O   . HOH B 2 .  ? -7.976  -15.825 13.392  1.00 51.86  ? 210 HOH A O   1 
HETATM 627 O O   . HOH B 2 .  ? -3.040  -22.569 4.172   1.00 52.76  ? 211 HOH A O   1 
HETATM 628 O O   . HOH B 2 .  ? 10.998  26.523  4.764   1.00 53.54  ? 212 HOH A O   1 
HETATM 629 O O   . HOH B 2 .  ? -4.850  -3.482  -12.164 1.00 50.66  ? 213 HOH A O   1 
HETATM 630 O O   . HOH B 2 .  ? 8.640   23.378  2.878   1.00 62.20  ? 214 HOH A O   1 
HETATM 631 O O   . HOH B 2 .  ? -15.350 -18.144 0.669   1.00 69.13  ? 215 HOH A O   1 
# 
loop_
_atom_site_anisotrop.id 
_atom_site_anisotrop.type_symbol 
_atom_site_anisotrop.pdbx_label_atom_id 
_atom_site_anisotrop.pdbx_label_alt_id 
_atom_site_anisotrop.pdbx_label_comp_id 
_atom_site_anisotrop.pdbx_label_asym_id 
_atom_site_anisotrop.pdbx_label_seq_id 
_atom_site_anisotrop.pdbx_PDB_ins_code 
_atom_site_anisotrop.U[1][1] 
_atom_site_anisotrop.U[2][2] 
_atom_site_anisotrop.U[3][3] 
_atom_site_anisotrop.U[1][2] 
_atom_site_anisotrop.U[1][3] 
_atom_site_anisotrop.U[2][3] 
_atom_site_anisotrop.pdbx_auth_seq_id 
_atom_site_anisotrop.pdbx_auth_comp_id 
_atom_site_anisotrop.pdbx_auth_asym_id 
_atom_site_anisotrop.pdbx_auth_atom_id 
1   N N   . THR A 1  ? 1.0486 1.0243 1.0505 -0.1476 0.0366  -0.1363 83  THR A N   
2   C CA  . THR A 1  ? 1.0606 1.0601 1.0804 -0.1286 0.0172  -0.1336 83  THR A CA  
3   C C   . THR A 1  ? 1.0455 1.0799 1.1025 -0.1196 0.0181  -0.1340 83  THR A C   
4   O O   . THR A 1  ? 1.1113 1.1596 1.1773 -0.1011 0.0049  -0.1281 83  THR A O   
5   C CB  . THR A 1  ? 1.0666 1.0839 1.1052 -0.1348 0.0000  -0.1445 83  THR A CB  
6   O OG1 . THR A 1  ? 1.0510 1.0838 1.0976 -0.1152 -0.0195 -0.1395 83  THR A OG1 
7   C CG2 . THR A 1  ? 1.0343 1.0885 1.1206 -0.1517 0.0034  -0.1600 83  THR A CG2 
8   N N   . ASN A 2  ? 0.8829 0.9302 0.9605 -0.1331 0.0345  -0.1412 84  ASN A N   
9   C CA  . ASN A 2  ? 0.8226 0.8967 0.9299 -0.1249 0.0394  -0.1414 84  ASN A CA  
10  C C   . ASN A 2  ? 0.7608 0.8106 0.8355 -0.1102 0.0443  -0.1261 84  ASN A C   
11  O O   . ASN A 2  ? 0.6551 0.7190 0.7413 -0.0932 0.0375  -0.1204 84  ASN A O   
12  C CB  . ASN A 2  ? 0.8322 0.9207 0.9634 -0.1448 0.0592  -0.1530 84  ASN A CB  
13  C CG  . ASN A 2  ? 0.9391 1.0765 1.1295 -0.1452 0.0546  -0.1663 84  ASN A CG  
14  O OD1 . ASN A 2  ? 0.9319 1.0918 1.1467 -0.1389 0.0352  -0.1706 84  ASN A OD1 
15  N ND2 . ASN A 2  ? 0.9543 1.1077 1.1676 -0.1525 0.0725  -0.1728 84  ASN A ND2 
16  N N   . TRP A 3  ? 0.6873 0.6995 0.7208 -0.1172 0.0555  -0.1196 85  TRP A N   
17  C CA  . TRP A 3  ? 0.6644 0.6508 0.6645 -0.1049 0.0597  -0.1052 85  TRP A CA  
18  C C   . TRP A 3  ? 0.6657 0.6487 0.6550 -0.0836 0.0427  -0.0951 85  TRP A C   
19  O O   . TRP A 3  ? 0.6774 0.6632 0.6647 -0.0688 0.0406  -0.0864 85  TRP A O   
20  C CB  . TRP A 3  ? 0.8063 0.7513 0.7644 -0.1164 0.0718  -0.1007 85  TRP A CB  
21  C CG  . TRP A 3  ? 0.9010 0.8213 0.8282 -0.1076 0.0784  -0.0877 85  TRP A CG  
22  C CD1 . TRP A 3  ? 0.9750 0.8887 0.8948 -0.1155 0.0936  -0.0866 85  TRP A CD1 
23  C CD2 . TRP A 3  ? 0.7491 0.6490 0.6490 -0.0893 0.0697  -0.0740 85  TRP A CD2 
24  N NE1 . TRP A 3  ? 0.9447 0.8349 0.8338 -0.1031 0.0928  -0.0728 85  TRP A NE1 
25  C CE2 . TRP A 3  ? 0.7612 0.6443 0.6399 -0.0867 0.0786  -0.0649 85  TRP A CE2 
26  C CE3 . TRP A 3  ? 0.6409 0.5353 0.5319 -0.0752 0.0558  -0.0688 85  TRP A CE3 
27  C CZ2 . TRP A 3  ? 0.6194 0.4833 0.4728 -0.0702 0.0729  -0.0512 85  TRP A CZ2 
28  C CZ3 . TRP A 3  ? 0.6445 0.5197 0.5104 -0.0592 0.0523  -0.0556 85  TRP A CZ3 
29  C CH2 . TRP A 3  ? 0.6372 0.4986 0.4865 -0.0566 0.0604  -0.0470 85  TRP A CH2 
30  N N   . SER A 4  ? 0.6778 0.6548 0.6600 -0.0832 0.0311  -0.0971 86  SER A N   
31  C CA  . SER A 4  ? 0.7748 0.7461 0.7436 -0.0650 0.0163  -0.0886 86  SER A CA  
32  C C   . SER A 4  ? 0.6786 0.6833 0.6797 -0.0521 0.0035  -0.0892 86  SER A C   
33  O O   . SER A 4  ? 0.6708 0.6728 0.6631 -0.0353 -0.0026 -0.0791 86  SER A O   
34  C CB  . SER A 4  ? 0.8863 0.8411 0.8375 -0.0705 0.0084  -0.0923 86  SER A CB  
35  O OG  . SER A 4  ? 1.0710 1.0090 1.0119 -0.0903 0.0200  -0.0993 86  SER A OG  
36  N N   . ARG A 5  ? 0.6324 0.6682 0.6717 -0.0599 -0.0007 -0.1011 87  ARG A N   
37  C CA  . ARG A 5  ? 0.6010 0.6687 0.6744 -0.0478 -0.0127 -0.1024 87  ARG A CA  
38  C C   . ARG A 5  ? 0.4945 0.5664 0.5725 -0.0380 -0.0041 -0.0956 87  ARG A C   
39  O O   . ARG A 5  ? 0.5205 0.5948 0.5970 -0.0216 -0.0128 -0.0872 87  ARG A O   
40  C CB  . ARG A 5  ? 0.6552 0.7569 0.7729 -0.0592 -0.0160 -0.1176 87  ARG A CB  
41  C CG  . ARG A 5  ? 0.7507 0.8734 0.8891 -0.0512 -0.0388 -0.1211 87  ARG A CG  
42  C CD  . ARG A 5  ? 0.8723 1.0247 1.0504 -0.0657 -0.0432 -0.1371 87  ARG A CD  
43  N NE  . ARG A 5  ? 1.0140 1.1485 1.1728 -0.0840 -0.0390 -0.1432 87  ARG A NE  
44  C CZ  . ARG A 5  ? 1.0705 1.1954 1.2135 -0.0862 -0.0543 -0.1448 87  ARG A CZ  
45  N NH1 . ARG A 5  ? 1.0739 1.2055 1.2170 -0.0712 -0.0751 -0.1404 87  ARG A NH1 
46  N NH2 . ARG A 5  ? 1.0953 1.2018 1.2204 -0.1041 -0.0484 -0.1509 87  ARG A NH2 
47  N N   . ARG A 6  ? 0.5359 0.6063 0.6169 -0.0494 0.0134  -0.0993 88  ARG A N   
48  C CA  . ARG A 6  ? 0.5410 0.6115 0.6218 -0.0434 0.0236  -0.0940 88  ARG A CA  
49  C C   . ARG A 6  ? 0.5955 0.6403 0.6405 -0.0299 0.0212  -0.0788 88  ARG A C   
50  O O   . ARG A 6  ? 0.5335 0.5854 0.5841 -0.0167 0.0176  -0.0726 88  ARG A O   
51  C CB  . ARG A 6  ? 0.7105 0.7745 0.7885 -0.0610 0.0438  -0.1000 88  ARG A CB  
52  C CG  . ARG A 6  ? 0.8407 0.9298 0.9513 -0.0637 0.0542  -0.1080 88  ARG A CG  
53  C CD  . ARG A 6  ? 0.9757 1.0549 1.0783 -0.0837 0.0756  -0.1144 88  ARG A CD  
54  N NE  . ARG A 6  ? 1.1038 1.1434 1.1575 -0.0870 0.0823  -0.1036 88  ARG A NE  
55  C CZ  . ARG A 6  ? 1.1504 1.1673 1.1812 -0.1029 0.0913  -0.1053 88  ARG A CZ  
56  N NH1 . ARG A 6  ? 1.1713 1.2018 1.2239 -0.1189 0.0957  -0.1180 88  ARG A NH1 
57  N NH2 . ARG A 6  ? 1.1291 1.1090 1.1155 -0.1029 0.0955  -0.0941 88  ARG A NH2 
58  N N   . TYR A 7  ? 0.4979 0.5130 0.5078 -0.0333 0.0234  -0.0732 89  TYR A N   
59  C CA  . TYR A 7  ? 0.5425 0.5344 0.5211 -0.0208 0.0219  -0.0596 89  TYR A CA  
60  C C   . TYR A 7  ? 0.5174 0.5182 0.5007 -0.0042 0.0069  -0.0540 89  TYR A C   
61  O O   . TYR A 7  ? 0.5140 0.5139 0.4927 0.0080  0.0055  -0.0451 89  TYR A O   
62  C CB  . TYR A 7  ? 0.5951 0.5540 0.5380 -0.0264 0.0259  -0.0559 89  TYR A CB  
63  C CG  . TYR A 7  ? 0.5684 0.5031 0.4808 -0.0143 0.0265  -0.0424 89  TYR A CG  
64  C CD1 . TYR A 7  ? 0.6671 0.5839 0.5607 -0.0176 0.0370  -0.0369 89  TYR A CD1 
65  C CD2 . TYR A 7  ? 0.5693 0.4994 0.4720 0.0004  0.0163  -0.0354 89  TYR A CD2 
66  C CE1 . TYR A 7  ? 0.6411 0.5383 0.5103 -0.0056 0.0359  -0.0247 89  TYR A CE1 
67  C CE2 . TYR A 7  ? 0.5444 0.4557 0.4239 0.0117  0.0175  -0.0239 89  TYR A CE2 
68  C CZ  . TYR A 7  ? 0.5863 0.4826 0.4510 0.0090  0.0266  -0.0186 89  TYR A CZ  
69  O OH  . TYR A 7  ? 0.6163 0.4963 0.4613 0.0207  0.0262  -0.0074 89  TYR A OH  
70  N N   . LYS A 8  ? 0.5672 0.5757 0.5585 -0.0046 -0.0044 -0.0592 90  LYS A N   
71  C CA  . LYS A 8  ? 0.6046 0.6178 0.5955 0.0101  -0.0188 -0.0537 90  LYS A CA  
72  C C   . LYS A 8  ? 0.6192 0.6582 0.6400 0.0189  -0.0241 -0.0539 90  LYS A C   
73  O O   . LYS A 8  ? 0.5884 0.6253 0.6029 0.0323  -0.0293 -0.0449 90  LYS A O   
74  C CB  . LYS A 8  ? 0.5921 0.6048 0.5805 0.0066  -0.0306 -0.0597 90  LYS A CB  
75  C CG  . LYS A 8  ? 0.6995 0.7175 0.6870 0.0203  -0.0466 -0.0550 90  LYS A CG  
76  C CD  . LYS A 8  ? 0.7370 0.7343 0.6953 0.0332  -0.0452 -0.0422 90  LYS A CD  
77  C CE  . LYS A 8  ? 0.8230 0.8119 0.7639 0.0406  -0.0583 -0.0396 90  LYS A CE  
78  N NZ  . LYS A 8  ? 0.7308 0.7352 0.6856 0.0517  -0.0706 -0.0361 90  LYS A NZ  
79  N N   . ALA A 9  ? 0.4911 0.5535 0.5447 0.0112  -0.0220 -0.0643 91  ALA A N   
80  C CA  . ALA A 9  ? 0.5278 0.6138 0.6120 0.0192  -0.0248 -0.0657 91  ALA A CA  
81  C C   . ALA A 9  ? 0.5374 0.6145 0.6103 0.0264  -0.0161 -0.0568 91  ALA A C   
82  O O   . ALA A 9  ? 0.6403 0.7229 0.7193 0.0389  -0.0228 -0.0511 91  ALA A O   
83  C CB  . ALA A 9  ? 0.4833 0.5938 0.6037 0.0081  -0.0189 -0.0793 91  ALA A CB  
84  N N   . ASN A 10 ? 0.5262 0.5879 0.5810 0.0181  -0.0020 -0.0552 92  ASN A N   
85  C CA  . ASN A 10 ? 0.5023 0.5537 0.5430 0.0236  0.0051  -0.0467 92  ASN A CA  
86  C C   . ASN A 10 ? 0.5057 0.5412 0.5219 0.0363  -0.0018 -0.0339 92  ASN A C   
87  O O   . ASN A 10 ? 0.5204 0.5579 0.5376 0.0454  -0.0028 -0.0275 92  ASN A O   
88  C CB  . ASN A 10 ? 0.5042 0.5409 0.5285 0.0110  0.0204  -0.0480 92  ASN A CB  
89  C CG  . ASN A 10 ? 0.5342 0.5879 0.5839 -0.0007 0.0311  -0.0601 92  ASN A CG  
90  O OD1 . ASN A 10 ? 0.4392 0.5161 0.5200 0.0035  0.0284  -0.0660 92  ASN A OD1 
91  N ND2 . ASN A 10 ? 0.4289 0.4700 0.4651 -0.0154 0.0440  -0.0638 92  ASN A ND2 
92  N N   . LEU A 11 ? 0.4063 0.4257 0.4008 0.0363  -0.0057 -0.0309 93  LEU A N   
93  C CA  . LEU A 11 ? 0.5020 0.5088 0.4766 0.0485  -0.0120 -0.0205 93  LEU A CA  
94  C C   . LEU A 11 ? 0.5155 0.5366 0.5052 0.0594  -0.0228 -0.0181 93  LEU A C   
95  O O   . LEU A 11 ? 0.5485 0.5664 0.5319 0.0690  -0.0236 -0.0096 93  LEU A O   
96  C CB  . LEU A 11 ? 0.6043 0.5941 0.5572 0.0467  -0.0153 -0.0204 93  LEU A CB  
97  C CG  . LEU A 11 ? 0.5652 0.5296 0.4901 0.0435  -0.0067 -0.0162 93  LEU A CG  
98  C CD1 . LEU A 11 ? 0.6038 0.5519 0.5090 0.0437  -0.0112 -0.0171 93  LEU A CD1 
99  C CD2 . LEU A 11 ? 0.5339 0.4906 0.4472 0.0536  -0.0033 -0.0052 93  LEU A CD2 
100 N N   . GLU A 12 ? 0.5207 0.5567 0.5297 0.0578  -0.0317 -0.0257 94  GLU A N   
101 C CA  . GLU A 12 ? 0.6074 0.6547 0.6293 0.0686  -0.0435 -0.0232 94  GLU A CA  
102 C C   . GLU A 12 ? 0.5759 0.6349 0.6169 0.0734  -0.0400 -0.0218 94  GLU A C   
103 O O   . GLU A 12 ? 0.5709 0.6290 0.6106 0.0838  -0.0456 -0.0148 94  GLU A O   
104 C CB  . GLU A 12 ? 0.6570 0.7185 0.6970 0.0661  -0.0559 -0.0317 94  GLU A CB  
105 C CG  . GLU A 12 ? 0.7718 0.8193 0.7888 0.0639  -0.0636 -0.0318 94  GLU A CG  
106 C CD  . GLU A 12 ? 0.8266 0.8584 0.8178 0.0752  -0.0708 -0.0214 94  GLU A CD  
107 O OE1 . GLU A 12 ? 0.8622 0.8951 0.8550 0.0848  -0.0712 -0.0140 94  GLU A OE1 
108 O OE2 . GLU A 12 ? 0.8253 0.8423 0.7932 0.0737  -0.0751 -0.0213 94  GLU A OE2 
109 N N   . LYS A 13 ? 0.4887 0.5568 0.5456 0.0653  -0.0298 -0.0288 95  LYS A N   
110 C CA  . LYS A 13 ? 0.4355 0.5117 0.5069 0.0688  -0.0244 -0.0282 95  LYS A CA  
111 C C   . LYS A 13 ? 0.4584 0.5191 0.5071 0.0737  -0.0200 -0.0174 95  LYS A C   
112 O O   . LYS A 13 ? 0.5037 0.5670 0.5581 0.0814  -0.0221 -0.0130 95  LYS A O   
113 C CB  . LYS A 13 ? 0.3885 0.4744 0.4766 0.0576  -0.0121 -0.0384 95  LYS A CB  
114 C CG  . LYS A 13 ? 0.4065 0.5141 0.5270 0.0533  -0.0155 -0.0508 95  LYS A CG  
115 C CD  . LYS A 13 ? 0.4959 0.6149 0.6359 0.0433  -0.0007 -0.0611 95  LYS A CD  
116 C CE  . LYS A 13 ? 0.5399 0.6850 0.7191 0.0400  -0.0034 -0.0742 95  LYS A CE  
117 N NZ  . LYS A 13 ? 0.4634 0.6183 0.6594 0.0279  0.0140  -0.0855 95  LYS A NZ  
118 N N   . LEU A 14 ? 0.3963 0.4409 0.4203 0.0692  -0.0140 -0.0133 96  LEU A N   
119 C CA  . LEU A 14 ? 0.5036 0.5352 0.5078 0.0738  -0.0105 -0.0032 96  LEU A CA  
120 C C   . LEU A 14 ? 0.5392 0.5661 0.5345 0.0848  -0.0189 0.0053  96  LEU A C   
121 O O   . LEU A 14 ? 0.5099 0.5361 0.5038 0.0908  -0.0187 0.0119  96  LEU A O   
122 C CB  . LEU A 14 ? 0.4164 0.4311 0.3973 0.0675  -0.0035 -0.0009 96  LEU A CB  
123 C CG  . LEU A 14 ? 0.5428 0.5563 0.5245 0.0554  0.0067  -0.0073 96  LEU A CG  
124 C CD1 . LEU A 14 ? 0.4649 0.4573 0.4192 0.0518  0.0121  -0.0019 96  LEU A CD1 
125 C CD2 . LEU A 14 ? 0.4316 0.4547 0.4265 0.0544  0.0115  -0.0093 96  LEU A CD2 
126 N N   . ALA A 15 ? 0.5218 0.5451 0.5104 0.0865  -0.0258 0.0047  97  ALA A N   
127 C CA  . ALA A 15 ? 0.5649 0.5821 0.5424 0.0960  -0.0330 0.0120  97  ALA A CA  
128 C C   . ALA A 15 ? 0.6494 0.6768 0.6430 0.1028  -0.0400 0.0134  97  ALA A C   
129 O O   . ALA A 15 ? 0.5996 0.6209 0.5837 0.1100  -0.0428 0.0212  97  ALA A O   
130 C CB  . ALA A 15 ? 0.4726 0.4826 0.4378 0.0951  -0.0394 0.0096  97  ALA A CB  
131 N N   . SER A 16 ? 0.6999 0.7420 0.7181 0.1003  -0.0418 0.0058  98  SER A N   
132 C CA  . SER A 16 ? 0.6216 0.6723 0.6569 0.1076  -0.0498 0.0062  98  SER A CA  
133 C C   . SER A 16 ? 0.6562 0.7028 0.6897 0.1125  -0.0456 0.0134  98  SER A C   
134 O O   . SER A 16 ? 0.7577 0.8031 0.7946 0.1199  -0.0523 0.0176  98  SER A O   
135 C CB  . SER A 16 ? 0.5765 0.6452 0.6423 0.1042  -0.0506 -0.0047 98  SER A CB  
136 O OG  . SER A 16 ? 0.4468 0.5193 0.5215 0.0996  -0.0388 -0.0077 98  SER A OG  
137 N N   . GLY A 17 ? 0.6201 0.6637 0.6478 0.1078  -0.0350 0.0148  99  GLY A N   
138 C CA  . GLY A 17 ? 0.6113 0.6527 0.6397 0.1104  -0.0311 0.0199  99  GLY A CA  
139 C C   . GLY A 17 ? 0.6907 0.7418 0.7418 0.1102  -0.0298 0.0137  99  GLY A C   
140 O O   . GLY A 17 ? 0.8565 0.9055 0.9089 0.1107  -0.0257 0.0161  99  GLY A O   
141 N N   . ASP A 18 ? 0.5794 0.6414 0.6498 0.1097  -0.0332 0.0049  100 ASP A N   
142 C CA  . ASP A 18 ? 0.5991 0.6718 0.6946 0.1105  -0.0312 -0.0027 100 ASP A CA  
143 C C   . ASP A 18 ? 0.6293 0.7043 0.7264 0.1005  -0.0179 -0.0092 100 ASP A C   
144 O O   . ASP A 18 ? 0.6238 0.7037 0.7230 0.0927  -0.0132 -0.0158 100 ASP A O   
145 C CB  . ASP A 18 ? 0.5277 0.6139 0.6458 0.1130  -0.0394 -0.0106 100 ASP A CB  
146 C CG  . ASP A 18 ? 0.6594 0.7579 0.8077 0.1160  -0.0377 -0.0193 100 ASP A CG  
147 O OD1 . ASP A 18 ? 0.6437 0.7407 0.7949 0.1128  -0.0272 -0.0220 100 ASP A OD1 
148 O OD2 . ASP A 18 ? 0.7255 0.8355 0.8953 0.1217  -0.0476 -0.0239 100 ASP A OD2 
149 N N   . VAL A 19 ? 0.5244 0.5944 0.6187 0.0999  -0.0120 -0.0075 101 VAL A N   
150 C CA  . VAL A 19 ? 0.5496 0.6179 0.6387 0.0901  0.0000  -0.0122 101 VAL A CA  
151 C C   . VAL A 19 ? 0.5274 0.6074 0.6361 0.0835  0.0078  -0.0255 101 VAL A C   
152 O O   . VAL A 19 ? 0.5510 0.6283 0.6508 0.0733  0.0179  -0.0298 101 VAL A O   
153 C CB  . VAL A 19 ? 0.5961 0.6575 0.6804 0.0908  0.0032  -0.0090 101 VAL A CB  
154 C CG1 . VAL A 19 ? 0.5400 0.6073 0.6479 0.0954  0.0039  -0.0162 101 VAL A CG1 
155 C CG2 . VAL A 19 ? 0.5553 0.6106 0.6239 0.0806  0.0128  -0.0104 101 VAL A CG2 
156 N N   . ASN A 20 ? 0.4889 0.5817 0.6244 0.0895  0.0032  -0.0319 102 ASN A N   
157 C CA  . ASN A 20 ? 0.4292 0.5367 0.5891 0.0840  0.0106  -0.0453 102 ASN A CA  
158 C C   . ASN A 20 ? 0.4169 0.5292 0.5742 0.0760  0.0114  -0.0486 102 ASN A C   
159 O O   . ASN A 20 ? 0.5076 0.6255 0.6711 0.0654  0.0229  -0.0581 102 ASN A O   
160 C CB  . ASN A 20 ? 0.5119 0.6331 0.7040 0.0946  0.0030  -0.0507 102 ASN A CB  
161 C CG  . ASN A 20 ? 0.6612 0.7769 0.8595 0.1013  0.0050  -0.0504 102 ASN A CG  
162 O OD1 . ASN A 20 ? 0.7097 0.8186 0.8996 0.0946  0.0170  -0.0534 102 ASN A OD1 
163 N ND2 . ASN A 20 ? 0.6989 0.8153 0.9097 0.1140  -0.0072 -0.0466 102 ASN A ND2 
164 N N   . LYS A 21 ? 0.3767 0.4852 0.5232 0.0804  -0.0002 -0.0413 103 LYS A N   
165 C CA  . LYS A 21 ? 0.4715 0.5817 0.6128 0.0729  -0.0008 -0.0438 103 LYS A CA  
166 C C   . LYS A 21 ? 0.4772 0.5711 0.5886 0.0634  0.0086  -0.0397 103 LYS A C   
167 O O   . LYS A 21 ? 0.5622 0.6562 0.6711 0.0523  0.0164  -0.0459 103 LYS A O   
168 C CB  . LYS A 21 ? 0.4589 0.5673 0.5946 0.0808  -0.0162 -0.0375 103 LYS A CB  
169 C CG  . LYS A 21 ? 0.5086 0.6343 0.6749 0.0886  -0.0277 -0.0430 103 LYS A CG  
170 C CD  . LYS A 21 ? 0.6117 0.7306 0.7650 0.0971  -0.0438 -0.0346 103 LYS A CD  
171 C CE  . LYS A 21 ? 0.7231 0.8590 0.9042 0.1030  -0.0578 -0.0406 103 LYS A CE  
172 N NZ  . LYS A 21 ? 0.8116 0.9569 1.0190 0.1127  -0.0603 -0.0430 103 LYS A NZ  
173 N N   . VAL A 22 ? 0.3903 0.4701 0.4794 0.0676  0.0077  -0.0293 104 VAL A N   
174 C CA  . VAL A 22 ? 0.4064 0.4705 0.4681 0.0606  0.0148  -0.0244 104 VAL A CA  
175 C C   . VAL A 22 ? 0.4847 0.5493 0.5483 0.0496  0.0283  -0.0326 104 VAL A C   
176 O O   . VAL A 22 ? 0.4380 0.4924 0.4840 0.0398  0.0357  -0.0333 104 VAL A O   
177 C CB  . VAL A 22 ? 0.4868 0.5403 0.5313 0.0675  0.0112  -0.0130 104 VAL A CB  
178 C CG1 . VAL A 22 ? 0.3806 0.4198 0.3997 0.0610  0.0174  -0.0083 104 VAL A CG1 
179 C CG2 . VAL A 22 ? 0.5387 0.5895 0.5773 0.0770  0.0003  -0.0050 104 VAL A CG2 
180 N N   . ALA A 23 ? 0.3906 0.4654 0.4745 0.0513  0.0320  -0.0390 105 ALA A N   
181 C CA  . ALA A 23 ? 0.4429 0.5178 0.5286 0.0412  0.0463  -0.0480 105 ALA A CA  
182 C C   . ALA A 23 ? 0.4011 0.4844 0.4984 0.0306  0.0547  -0.0587 105 ALA A C   
183 O O   . ALA A 23 ? 0.4628 0.5377 0.5464 0.0183  0.0674  -0.0629 105 ALA A O   
184 C CB  . ALA A 23 ? 0.4200 0.5040 0.5275 0.0465  0.0486  -0.0539 105 ALA A CB  
185 N N   . GLU A 24 ? 0.3834 0.4824 0.5053 0.0347  0.0474  -0.0630 106 GLU A N   
186 C CA  . GLU A 24 ? 0.4478 0.5575 0.5843 0.0243  0.0535  -0.0733 106 GLU A CA  
187 C C   . GLU A 24 ? 0.4668 0.5588 0.5731 0.0139  0.0570  -0.0689 106 GLU A C   
188 O O   . GLU A 24 ? 0.4676 0.5584 0.5724 0.0001  0.0696  -0.0767 106 GLU A O   
189 C CB  . GLU A 24 ? 0.3508 0.4801 0.5174 0.0321  0.0405  -0.0770 106 GLU A CB  
190 C CG  . GLU A 24 ? 0.3901 0.5392 0.5931 0.0408  0.0390  -0.0846 106 GLU A CG  
191 C CD  . GLU A 24 ? 0.4722 0.6394 0.7034 0.0504  0.0229  -0.0866 106 GLU A CD  
192 O OE1 . GLU A 24 ? 0.5051 0.6697 0.7263 0.0493  0.0130  -0.0828 106 GLU A OE1 
193 O OE2 . GLU A 24 ? 0.6398 0.8226 0.9019 0.0595  0.0195  -0.0921 106 GLU A OE2 
194 N N   . VAL A 25 ? 0.3816 0.4589 0.4639 0.0206  0.0467  -0.0568 107 VAL A N   
195 C CA  . VAL A 25 ? 0.4154 0.4736 0.4686 0.0132  0.0487  -0.0519 107 VAL A CA  
196 C C   . VAL A 25 ? 0.4638 0.5043 0.4915 0.0038  0.0610  -0.0501 107 VAL A C   
197 O O   . VAL A 25 ? 0.4250 0.4546 0.4388 -0.0091 0.0707  -0.0535 107 VAL A O   
198 C CB  . VAL A 25 ? 0.4699 0.5163 0.5039 0.0243  0.0359  -0.0394 107 VAL A CB  
199 C CG1 . VAL A 25 ? 0.4425 0.4685 0.4487 0.0181  0.0378  -0.0351 107 VAL A CG1 
200 C CG2 . VAL A 25 ? 0.4638 0.5249 0.5186 0.0338  0.0232  -0.0404 107 VAL A CG2 
201 N N   . VAL A 26 ? 0.4261 0.4622 0.4456 0.0096  0.0605  -0.0447 108 VAL A N   
202 C CA  . VAL A 26 ? 0.4528 0.4721 0.4469 0.0012  0.0702  -0.0428 108 VAL A CA  
203 C C   . VAL A 26 ? 0.5163 0.5392 0.5176 -0.0134 0.0866  -0.0554 108 VAL A C   
204 O O   . VAL A 26 ? 0.4914 0.4968 0.4680 -0.0257 0.0959  -0.0555 108 VAL A O   
205 C CB  . VAL A 26 ? 0.4864 0.5056 0.4783 0.0088  0.0668  -0.0380 108 VAL A CB  
206 C CG1 . VAL A 26 ? 0.4461 0.4491 0.4122 -0.0012 0.0765  -0.0380 108 VAL A CG1 
207 C CG2 . VAL A 26 ? 0.4425 0.4568 0.4248 0.0213  0.0531  -0.0253 108 VAL A CG2 
208 N N   . ARG A 27 ? 0.4246 0.4695 0.4599 -0.0120 0.0905  -0.0663 109 ARG A N   
209 C CA  . ARG A 27 ? 0.4945 0.5462 0.5417 -0.0254 0.1080  -0.0799 109 ARG A CA  
210 C C   . ARG A 27 ? 0.4881 0.5406 0.5376 -0.0380 0.1149  -0.0860 109 ARG A C   
211 O O   . ARG A 27 ? 0.4839 0.5248 0.5176 -0.0533 0.1305  -0.0911 109 ARG A O   
212 C CB  . ARG A 27 ? 0.5543 0.6314 0.6425 -0.0189 0.1098  -0.0906 109 ARG A CB  
213 C CG  . ARG A 27 ? 0.6602 0.7319 0.7421 -0.0158 0.1146  -0.0910 109 ARG A CG  
214 C CD  . ARG A 27 ? 0.7469 0.8410 0.8689 -0.0121 0.1213  -0.1045 109 ARG A CD  
215 N NE  . ARG A 27 ? 0.8451 0.9590 1.0000 0.0024  0.1060  -0.1036 109 ARG A NE  
216 C CZ  . ARG A 27 ? 0.8400 0.9548 1.0009 0.0169  0.0940  -0.0973 109 ARG A CZ  
217 N NH1 . ARG A 27 ? 0.8027 0.9021 0.9420 0.0183  0.0957  -0.0922 109 ARG A NH1 
218 N NH2 . ARG A 27 ? 0.8353 0.9656 1.0227 0.0293  0.0799  -0.0960 109 ARG A NH2 
219 N N   . ASP A 28 ? 0.4549 0.5193 0.5222 -0.0324 0.1035  -0.0856 110 ASP A N   
220 C CA  . ASP A 28 ? 0.5186 0.5829 0.5877 -0.0447 0.1081  -0.0912 110 ASP A CA  
221 C C   . ASP A 28 ? 0.4680 0.5001 0.4927 -0.0544 0.1127  -0.0829 110 ASP A C   
222 O O   . ASP A 28 ? 0.5483 0.5720 0.5640 -0.0707 0.1264  -0.0890 110 ASP A O   
223 C CB  . ASP A 28 ? 0.5305 0.6106 0.6220 -0.0362 0.0922  -0.0910 110 ASP A CB  
224 C CG  . ASP A 28 ? 0.6270 0.7399 0.7658 -0.0292 0.0881  -0.1013 110 ASP A CG  
225 O OD1 . ASP A 28 ? 0.5836 0.7087 0.7419 -0.0322 0.1000  -0.1104 110 ASP A OD1 
226 O OD2 . ASP A 28 ? 0.6542 0.7799 0.8104 -0.0205 0.0727  -0.1004 110 ASP A OD2 
227 N N   . LEU A 29 ? 0.5308 0.5446 0.5282 -0.0443 0.1013  -0.0690 111 LEU A N   
228 C CA  . LEU A 29 ? 0.5261 0.5088 0.4827 -0.0510 0.1035  -0.0606 111 LEU A CA  
229 C C   . LEU A 29 ? 0.5571 0.5200 0.4855 -0.0617 0.1168  -0.0596 111 LEU A C   
230 O O   . LEU A 29 ? 0.5510 0.4905 0.4514 -0.0745 0.1257  -0.0585 111 LEU A O   
231 C CB  . LEU A 29 ? 0.4528 0.4234 0.3917 -0.0360 0.0878  -0.0466 111 LEU A CB  
232 C CG  . LEU A 29 ? 0.5253 0.5073 0.4814 -0.0282 0.0761  -0.0469 111 LEU A CG  
233 C CD1 . LEU A 29 ? 0.4805 0.4482 0.4162 -0.0144 0.0635  -0.0336 111 LEU A CD1 
234 C CD2 . LEU A 29 ? 0.5441 0.5213 0.4998 -0.0417 0.0818  -0.0541 111 LEU A CD2 
235 N N   . TRP A 30 ? 0.5079 0.4783 0.4416 -0.0569 0.1181  -0.0602 112 TRP A N   
236 C CA  . TRP A 30 ? 0.5410 0.4928 0.4466 -0.0665 0.1294  -0.0598 112 TRP A CA  
237 C C   . TRP A 30 ? 0.5421 0.4956 0.4531 -0.0850 0.1494  -0.0731 112 TRP A C   
238 O O   . TRP A 30 ? 0.6250 0.5530 0.5018 -0.0988 0.1602  -0.0716 112 TRP A O   
239 C CB  . TRP A 30 ? 0.6392 0.6017 0.5543 -0.0573 0.1261  -0.0597 112 TRP A CB  
240 C CG  . TRP A 30 ? 0.7737 0.7224 0.6664 -0.0677 0.1387  -0.0629 112 TRP A CG  
241 C CD1 . TRP A 30 ? 0.7914 0.7125 0.6451 -0.0820 0.1488  -0.0609 112 TRP A CD1 
242 C CD2 . TRP A 30 ? 0.8486 0.8078 0.7534 -0.0651 0.1426  -0.0689 112 TRP A CD2 
243 N NE1 . TRP A 30 ? 0.7748 0.6892 0.6148 -0.0888 0.1586  -0.0654 112 TRP A NE1 
244 C CE2 . TRP A 30 ? 0.8737 0.8114 0.7451 -0.0786 0.1553  -0.0708 112 TRP A CE2 
245 C CE3 . TRP A 30 ? 0.9077 0.8903 0.8467 -0.0527 0.1366  -0.0728 112 TRP A CE3 
246 C CZ2 . TRP A 30 ? 0.9846 0.9240 0.8558 -0.0805 0.1627  -0.0775 112 TRP A CZ2 
247 C CZ3 . TRP A 30 ? 0.9363 0.9202 0.8763 -0.0541 0.1439  -0.0790 112 TRP A CZ3 
248 C CH2 . TRP A 30 ? 0.9758 0.9385 0.8823 -0.0680 0.1570  -0.0817 112 TRP A CH2 
249 N N   . ARG A 31 ? 0.5371 0.5206 0.4912 -0.0856 0.1542  -0.0861 113 ARG A N   
250 C CA  . ARG A 31 ? 0.5432 0.5336 0.5099 -0.1034 0.1741  -0.1002 113 ARG A CA  
251 C C   . ARG A 31 ? 0.5644 0.5384 0.5136 -0.1162 0.1778  -0.0989 113 ARG A C   
252 O O   . ARG A 31 ? 0.6113 0.5672 0.5382 -0.1343 0.1952  -0.1030 113 ARG A O   
253 C CB  . ARG A 31 ? 0.6267 0.6560 0.6492 -0.0990 0.1754  -0.1140 113 ARG A CB  
254 C CG  . ARG A 31 ? 0.5572 0.6002 0.6024 -0.1164 0.1926  -0.1290 113 ARG A CG  
255 C CD  . ARG A 31 ? 0.6611 0.6919 0.6891 -0.1335 0.2171  -0.1371 113 ARG A CD  
256 N NE  . ARG A 31 ? 0.6865 0.7331 0.7402 -0.1510 0.2354  -0.1524 113 ARG A NE  
257 C CZ  . ARG A 31 ? 0.7026 0.7801 0.8007 -0.1533 0.2480  -0.1686 113 ARG A CZ  
258 N NH1 . ARG A 31 ? 0.7075 0.8005 0.8268 -0.1387 0.2445  -0.1713 113 ARG A NH1 
259 N NH2 . ARG A 31 ? 0.6611 0.7537 0.7833 -0.1702 0.2650  -0.1825 113 ARG A NH2 
260 N N   . ARG A 32 ? 0.5600 0.5378 0.5170 -0.1073 0.1623  -0.0934 114 ARG A N   
261 C CA  . ARG A 32 ? 0.5333 0.4934 0.4728 -0.1187 0.1646  -0.0922 114 ARG A CA  
262 C C   . ARG A 32 ? 0.5666 0.4843 0.4509 -0.1250 0.1685  -0.0804 114 ARG A C   
263 O O   . ARG A 32 ? 0.5970 0.4942 0.4603 -0.1420 0.1809  -0.0827 114 ARG A O   
264 C CB  . ARG A 32 ? 0.5937 0.5630 0.5480 -0.1069 0.1464  -0.0883 114 ARG A CB  
265 C CG  . ARG A 32 ? 0.6734 0.6253 0.6125 -0.1191 0.1486  -0.0888 114 ARG A CG  
266 C CD  . ARG A 32 ? 0.8234 0.7827 0.7739 -0.1072 0.1303  -0.0853 114 ARG A CD  
267 N NE  . ARG A 32 ? 0.9570 0.8942 0.8873 -0.1180 0.1317  -0.0849 114 ARG A NE  
268 C CZ  . ARG A 32 ? 1.0422 0.9927 0.9948 -0.1314 0.1360  -0.0968 114 ARG A CZ  
269 N NH1 . ARG A 32 ? 0.9874 0.9754 0.9856 -0.1346 0.1389  -0.1099 114 ARG A NH1 
270 N NH2 . ARG A 32 ? 1.0814 1.0078 1.0117 -0.1415 0.1371  -0.0959 114 ARG A NH2 
271 N N   . ASP A 33 ? 0.5634 0.4674 0.4245 -0.1122 0.1581  -0.0682 115 ASP A N   
272 C CA  . ASP A 33 ? 0.6537 0.5184 0.4633 -0.1169 0.1600  -0.0568 115 ASP A CA  
273 C C   . ASP A 33 ? 0.6357 0.4860 0.4247 -0.1361 0.1805  -0.0633 115 ASP A C   
274 O O   . ASP A 33 ? 0.7028 0.5203 0.4537 -0.1492 0.1888  -0.0592 115 ASP A O   
275 C CB  . ASP A 33 ? 0.6400 0.4980 0.4341 -0.0997 0.1445  -0.0437 115 ASP A CB  
276 C CG  . ASP A 33 ? 0.7119 0.5301 0.4560 -0.1005 0.1404  -0.0299 115 ASP A CG  
277 O OD1 . ASP A 33 ? 0.7786 0.5767 0.5059 -0.1044 0.1401  -0.0261 115 ASP A OD1 
278 O OD2 . ASP A 33 ? 0.8395 0.6458 0.5608 -0.0973 0.1371  -0.0229 115 ASP A OD2 
279 N N   . GLN A 34 ? 0.6416 0.5147 0.4549 -0.1381 0.1897  -0.0739 116 GLN A N   
280 C CA  . GLN A 34 ? 0.6519 0.5124 0.4462 -0.1563 0.2110  -0.0814 116 GLN A CA  
281 C C   . GLN A 34 ? 0.7372 0.5975 0.5388 -0.1765 0.2297  -0.0927 116 GLN A C   
282 O O   . GLN A 34 ? 0.7790 0.6107 0.5443 -0.1944 0.2455  -0.0930 116 GLN A O   
283 C CB  . GLN A 34 ? 0.6302 0.5172 0.4534 -0.1527 0.2173  -0.0919 116 GLN A CB  
284 C CG  . GLN A 34 ? 0.7354 0.6216 0.5503 -0.1363 0.2023  -0.0829 116 GLN A CG  
285 C CD  . GLN A 34 ? 0.7796 0.6933 0.6287 -0.1324 0.2090  -0.0948 116 GLN A CD  
286 O OE1 . GLN A 34 ? 0.6999 0.6437 0.5941 -0.1324 0.2154  -0.1074 116 GLN A OE1 
287 N NE2 . GLN A 34 ? 0.7323 0.6356 0.5608 -0.1290 0.2072  -0.0913 116 GLN A NE2 
288 N N   . GLU A 35 ? 0.7544 0.6465 0.6027 -0.1744 0.2274  -0.1019 117 GLU A N   
289 C CA  . GLU A 35 ? 0.6920 0.5930 0.5586 -0.1940 0.2456  -0.1156 117 GLU A CA  
290 C C   . GLU A 35 ? 0.7569 0.6297 0.5956 -0.2038 0.2441  -0.1091 117 GLU A C   
291 O O   . GLU A 35 ? 0.7932 0.6416 0.6049 -0.2245 0.2620  -0.1119 117 GLU A O   
292 C CB  . GLU A 35 ? 0.6333 0.5826 0.5645 -0.1873 0.2419  -0.1289 117 GLU A CB  
293 C CG  . GLU A 35 ? 0.8204 0.7886 0.7820 -0.2075 0.2620  -0.1462 117 GLU A CG  
294 C CD  . GLU A 35 ? 0.8670 0.8847 0.8933 -0.2000 0.2618  -0.1608 117 GLU A CD  
295 O OE1 . GLU A 35 ? 0.8212 0.8563 0.8675 -0.1787 0.2434  -0.1565 117 GLU A OE1 
296 O OE2 . GLU A 35 ? 0.9071 0.9458 0.9645 -0.2154 0.2803  -0.1769 117 GLU A OE2 
297 N N   . ARG A 36 ? 0.6824 0.5562 0.5252 -0.1889 0.2234  -0.1005 118 ARG A N   
298 C CA  . ARG A 36 ? 0.7876 0.6384 0.6113 -0.1960 0.2204  -0.0962 118 ARG A CA  
299 C C   . ARG A 36 ? 0.7363 0.5475 0.5114 -0.1855 0.2070  -0.0777 118 ARG A C   
300 O O   . ARG A 36 ? 0.8996 0.6790 0.6441 -0.1939 0.2088  -0.0725 118 ARG A O   
301 C CB  . ARG A 36 ? 0.8371 0.7198 0.7052 -0.1890 0.2080  -0.1029 118 ARG A CB  
302 C CG  . ARG A 36 ? 0.9773 0.9001 0.8972 -0.2005 0.2200  -0.1218 118 ARG A CG  
303 C CD  . ARG A 36 ? 1.1081 1.0657 1.0737 -0.1896 0.2033  -0.1275 118 ARG A CD  
304 N NE  . ARG A 36 ? 1.2901 1.2286 1.2382 -0.1908 0.1927  -0.1220 118 ARG A NE  
305 C CZ  . ARG A 36 ? 1.3487 1.3099 1.3282 -0.1883 0.1807  -0.1283 118 ARG A CZ  
306 N NH1 . ARG A 36 ? 1.3694 1.3748 1.4013 -0.1836 0.1765  -0.1396 118 ARG A NH1 
307 N NH2 . ARG A 36 ? 1.3199 1.2587 1.2779 -0.1901 0.1724  -0.1234 118 ARG A NH2 
308 N N   . GLY A 37 ? 0.6954 0.5089 0.4649 -0.1668 0.1936  -0.0682 119 GLY A N   
309 C CA  . GLY A 37 ? 0.7199 0.5036 0.4528 -0.1532 0.1783  -0.0512 119 GLY A CA  
310 C C   . GLY A 37 ? 0.7430 0.5393 0.4958 -0.1365 0.1601  -0.0472 119 GLY A C   
311 O O   . GLY A 37 ? 0.8074 0.6154 0.5817 -0.1421 0.1611  -0.0553 119 GLY A O   
312 N N   . LEU A 38 ? 0.6809 0.4744 0.4259 -0.1167 0.1438  -0.0354 120 LEU A N   
313 C CA  . LEU A 38 ? 0.6879 0.4941 0.4512 -0.1005 0.1279  -0.0320 120 LEU A CA  
314 C C   . LEU A 38 ? 0.8019 0.5739 0.5328 -0.0965 0.1217  -0.0218 120 LEU A C   
315 O O   . LEU A 38 ? 0.8383 0.5768 0.5305 -0.0978 0.1229  -0.0120 120 LEU A O   
316 C CB  . LEU A 38 ? 0.6976 0.5232 0.4754 -0.0808 0.1146  -0.0258 120 LEU A CB  
317 C CG  . LEU A 38 ? 0.7216 0.5823 0.5354 -0.0804 0.1179  -0.0355 120 LEU A CG  
318 C CD1 . LEU A 38 ? 0.5351 0.4084 0.3571 -0.0612 0.1040  -0.0275 120 LEU A CD1 
319 C CD2 . LEU A 38 ? 0.5434 0.4327 0.3966 -0.0848 0.1196  -0.0485 120 LEU A CD2 
320 N N   . SER A 39 ? 0.7379 0.5174 0.4839 -0.0909 0.1141  -0.0242 121 SER A N   
321 C CA  . SER A 39 ? 0.8021 0.5517 0.5214 -0.0831 0.1067  -0.0149 121 SER A CA  
322 C C   . SER A 39 ? 0.8110 0.5605 0.5243 -0.0617 0.0934  -0.0024 121 SER A C   
323 O O   . SER A 39 ? 0.7091 0.4845 0.4427 -0.0541 0.0894  -0.0024 121 SER A O   
324 C CB  . SER A 39 ? 0.7888 0.5485 0.5267 -0.0826 0.1019  -0.0219 121 SER A CB  
325 O OG  . SER A 39 ? 0.7103 0.5032 0.4799 -0.0678 0.0904  -0.0233 121 SER A OG  
326 N N   . ALA A 40 ? 0.9008 0.6215 0.5877 -0.0522 0.0871  0.0078  122 ALA A N   
327 C CA  . ALA A 40 ? 0.7560 0.4771 0.4396 -0.0314 0.0746  0.0193  122 ALA A CA  
328 C C   . ALA A 40 ? 0.6989 0.4547 0.4170 -0.0185 0.0660  0.0163  122 ALA A C   
329 O O   . ALA A 40 ? 0.7600 0.5320 0.4886 -0.0064 0.0589  0.0217  122 ALA A O   
330 C CB  . ALA A 40 ? 0.7958 0.4815 0.4504 -0.0234 0.0705  0.0284  122 ALA A CB  
331 N N   . GLY A 41 ? 0.6561 0.4218 0.3899 -0.0218 0.0661  0.0078  123 GLY A N   
332 C CA  . GLY A 41 ? 0.5625 0.3583 0.3256 -0.0107 0.0578  0.0049  123 GLY A CA  
333 C C   . GLY A 41 ? 0.6154 0.4442 0.4075 -0.0126 0.0582  -0.0006 123 GLY A C   
334 O O   . GLY A 41 ? 0.6453 0.4938 0.4538 0.0001  0.0506  0.0027  123 GLY A O   
335 N N   . GLU A 42 ? 0.6197 0.4540 0.4184 -0.0287 0.0682  -0.0093 124 GLU A N   
336 C CA  . GLU A 42 ? 0.5165 0.3807 0.3434 -0.0302 0.0701  -0.0156 124 GLU A CA  
337 C C   . GLU A 42 ? 0.5118 0.3749 0.3301 -0.0234 0.0688  -0.0077 124 GLU A C   
338 O O   . GLU A 42 ? 0.5976 0.4841 0.4377 -0.0159 0.0646  -0.0086 124 GLU A O   
339 C CB  . GLU A 42 ? 0.5267 0.3971 0.3637 -0.0495 0.0830  -0.0276 124 GLU A CB  
340 C CG  . GLU A 42 ? 0.6244 0.5097 0.4841 -0.0560 0.0821  -0.0383 124 GLU A CG  
341 C CD  . GLU A 42 ? 0.6669 0.5512 0.5305 -0.0773 0.0968  -0.0494 124 GLU A CD  
342 O OE1 . GLU A 42 ? 0.7614 0.6156 0.5930 -0.0876 0.1063  -0.0458 124 GLU A OE1 
343 O OE2 . GLU A 42 ? 0.6282 0.5412 0.5265 -0.0837 0.0990  -0.0614 124 GLU A OE2 
344 N N   . LYS A 43 ? 0.6375 0.4721 0.4228 -0.0264 0.0720  0.0000  125 LYS A N   
345 C CA  . LYS A 43 ? 0.6737 0.5049 0.4474 -0.0201 0.0686  0.0083  125 LYS A CA  
346 C C   . LYS A 43 ? 0.6459 0.4901 0.4314 -0.0011 0.0555  0.0159  125 LYS A C   
347 O O   . LYS A 43 ? 0.5889 0.4491 0.3863 0.0047  0.0518  0.0176  125 LYS A O   
348 C CB  . LYS A 43 ? 0.7049 0.4999 0.4382 -0.0247 0.0709  0.0169  125 LYS A CB  
349 C CG  . LYS A 43 ? 0.7943 0.5737 0.5102 -0.0450 0.0856  0.0106  125 LYS A CG  
350 C CD  . LYS A 43 ? 0.9025 0.6410 0.5735 -0.0488 0.0864  0.0206  125 LYS A CD  
351 C CE  . LYS A 43 ? 1.0489 0.7702 0.6982 -0.0699 0.1021  0.0153  125 LYS A CE  
352 N NZ  . LYS A 43 ? 1.0083 0.7459 0.6646 -0.0744 0.1066  0.0111  125 LYS A NZ  
353 N N   . ARG A 44 ? 0.6447 0.4810 0.4268 0.0079  0.0496  0.0199  126 ARG A N   
354 C CA  . ARG A 44 ? 0.6890 0.5369 0.4824 0.0250  0.0393  0.0263  126 ARG A CA  
355 C C   . ARG A 44 ? 0.5825 0.4620 0.4079 0.0283  0.0366  0.0204  126 ARG A C   
356 O O   . ARG A 44 ? 0.5637 0.4568 0.3995 0.0373  0.0313  0.0247  126 ARG A O   
357 C CB  . ARG A 44 ? 0.7463 0.5794 0.5301 0.0323  0.0361  0.0293  126 ARG A CB  
358 C CG  . ARG A 44 ? 0.9391 0.7807 0.7305 0.0498  0.0276  0.0365  126 ARG A CG  
359 C CD  . ARG A 44 ? 1.0862 0.9120 0.8674 0.0571  0.0261  0.0382  126 ARG A CD  
360 N NE  . ARG A 44 ? 1.0780 0.9063 0.8612 0.0736  0.0204  0.0466  126 ARG A NE  
361 C CZ  . ARG A 44 ? 1.0568 0.9000 0.8543 0.0825  0.0173  0.0459  126 ARG A CZ  
362 N NH1 . ARG A 44 ? 1.0638 0.9195 0.8734 0.0773  0.0175  0.0379  126 ARG A NH1 
363 N NH2 . ARG A 44 ? 0.9855 0.8309 0.7853 0.0966  0.0141  0.0531  126 ARG A NH2 
364 N N   . MET A 45 ? 0.5605 0.4509 0.4016 0.0210  0.0398  0.0104  127 MET A N   
365 C CA  . MET A 45 ? 0.5736 0.4922 0.4450 0.0246  0.0361  0.0048  127 MET A CA  
366 C C   . MET A 45 ? 0.4876 0.4198 0.3708 0.0214  0.0398  0.0022  127 MET A C   
367 O O   . MET A 45 ? 0.4889 0.4378 0.3889 0.0298  0.0345  0.0036  127 MET A O   
368 C CB  . MET A 45 ? 0.5241 0.4516 0.4103 0.0166  0.0377  -0.0058 127 MET A CB  
369 C CG  . MET A 45 ? 0.4498 0.4058 0.3683 0.0193  0.0338  -0.0125 127 MET A CG  
370 S SD  . MET A 45 ? 0.4719 0.4412 0.4113 0.0093  0.0337  -0.0256 127 MET A SD  
371 C CE  . MET A 45 ? 0.4193 0.3760 0.3439 0.0166  0.0240  -0.0215 127 MET A CE  
372 N N   . LEU A 46 ? 0.4729 0.3959 0.3452 0.0088  0.0494  -0.0015 128 LEU A N   
373 C CA  . LEU A 46 ? 0.4987 0.4307 0.3776 0.0050  0.0541  -0.0044 128 LEU A CA  
374 C C   . LEU A 46 ? 0.5592 0.4879 0.4282 0.0154  0.0466  0.0061  128 LEU A C   
375 O O   . LEU A 46 ? 0.5122 0.4561 0.3965 0.0196  0.0445  0.0050  128 LEU A O   
376 C CB  . LEU A 46 ? 0.4579 0.3756 0.3198 -0.0113 0.0670  -0.0094 128 LEU A CB  
377 C CG  . LEU A 46 ? 0.5256 0.4467 0.3859 -0.0158 0.0728  -0.0117 128 LEU A CG  
378 C CD1 . LEU A 46 ? 0.5311 0.4807 0.4275 -0.0120 0.0729  -0.0203 128 LEU A CD1 
379 C CD2 . LEU A 46 ? 0.5375 0.4424 0.3782 -0.0339 0.0878  -0.0178 128 LEU A CD2 
380 N N   . ALA A 47 ? 0.5656 0.4745 0.4103 0.0198  0.0422  0.0159  129 ALA A N   
381 C CA  . ALA A 47 ? 0.6403 0.5485 0.4787 0.0298  0.0341  0.0256  129 ALA A CA  
382 C C   . ALA A 47 ? 0.6341 0.5620 0.4953 0.0427  0.0263  0.0280  129 ALA A C   
383 O O   . ALA A 47 ? 0.6223 0.5603 0.4911 0.0473  0.0223  0.0310  129 ALA A O   
384 C CB  . ALA A 47 ? 0.6610 0.5451 0.4721 0.0336  0.0302  0.0354  129 ALA A CB  
385 N N   . LYS A 48 ? 0.5769 0.5087 0.4472 0.0475  0.0244  0.0265  130 LYS A N   
386 C CA  . LYS A 48 ? 0.5104 0.4584 0.3992 0.0583  0.0180  0.0283  130 LYS A CA  
387 C C   . LYS A 48 ? 0.5797 0.5474 0.4920 0.0563  0.0189  0.0215  130 LYS A C   
388 O O   . LYS A 48 ? 0.5010 0.4791 0.4239 0.0632  0.0146  0.0248  130 LYS A O   
389 C CB  . LYS A 48 ? 0.5528 0.4980 0.4420 0.0625  0.0158  0.0275  130 LYS A CB  
390 C CG  . LYS A 48 ? 0.7476 0.6750 0.6174 0.0690  0.0140  0.0352  130 LYS A CG  
391 C CD  . LYS A 48 ? 0.9464 0.8715 0.8167 0.0735  0.0120  0.0333  130 LYS A CD  
392 C CE  . LYS A 48 ? 1.0867 0.9911 0.9368 0.0792  0.0123  0.0392  130 LYS A CE  
393 N NZ  . LYS A 48 ? 1.1517 1.0567 1.0000 0.0892  0.0093  0.0487  130 LYS A NZ  
394 N N   . ALA A 49 ? 0.4880 0.4604 0.4091 0.0469  0.0248  0.0117  131 ALA A N   
395 C CA  . ALA A 49 ? 0.4273 0.4181 0.3729 0.0460  0.0260  0.0042  131 ALA A CA  
396 C C   . ALA A 49 ? 0.4065 0.3982 0.3502 0.0452  0.0279  0.0059  131 ALA A C   
397 O O   . ALA A 49 ? 0.4901 0.4936 0.4499 0.0502  0.0252  0.0051  131 ALA A O   
398 C CB  . ALA A 49 ? 0.3893 0.3854 0.3457 0.0350  0.0338  -0.0074 131 ALA A CB  
399 N N   . ARG A 50 ? 0.4237 0.4008 0.3455 0.0383  0.0323  0.0083  132 ARG A N   
400 C CA  . ARG A 50 ? 0.5166 0.4926 0.4329 0.0359  0.0335  0.0094  132 ARG A CA  
401 C C   . ARG A 50 ? 0.4919 0.4721 0.4105 0.0468  0.0239  0.0186  132 ARG A C   
402 O O   . ARG A 50 ? 0.5455 0.5344 0.4746 0.0483  0.0227  0.0176  132 ARG A O   
403 C CB  . ARG A 50 ? 0.4868 0.4433 0.3746 0.0263  0.0385  0.0111  132 ARG A CB  
404 C CG  . ARG A 50 ? 0.5955 0.5485 0.4814 0.0126  0.0511  0.0004  132 ARG A CG  
405 C CD  . ARG A 50 ? 0.6204 0.5487 0.4726 0.0033  0.0555  0.0040  132 ARG A CD  
406 N NE  . ARG A 50 ? 0.6965 0.6138 0.5274 0.0026  0.0517  0.0101  132 ARG A NE  
407 C CZ  . ARG A 50 ? 0.8290 0.7256 0.6309 0.0026  0.0466  0.0196  132 ARG A CZ  
408 N NH1 . ARG A 50 ? 0.8948 0.7772 0.6843 0.0036  0.0458  0.0239  132 ARG A NH1 
409 N NH2 . ARG A 50 ? 0.9038 0.7928 0.6885 0.0019  0.0414  0.0245  132 ARG A NH2 
410 N N   . GLN A 51 ? 0.5382 0.5125 0.4482 0.0540  0.0181  0.0270  133 GLN A N   
411 C CA  . GLN A 51 ? 0.5831 0.5629 0.4972 0.0640  0.0104  0.0354  133 GLN A CA  
412 C C   . GLN A 51 ? 0.5534 0.5482 0.4896 0.0700  0.0081  0.0337  133 GLN A C   
413 O O   . GLN A 51 ? 0.4895 0.4912 0.4331 0.0725  0.0054  0.0362  133 GLN A O   
414 C CB  . GLN A 51 ? 0.5054 0.4761 0.4085 0.0712  0.0066  0.0429  133 GLN A CB  
415 C CG  . GLN A 51 ? 0.4869 0.4412 0.3672 0.0685  0.0056  0.0480  133 GLN A CG  
416 C CD  . GLN A 51 ? 0.6099 0.5529 0.4799 0.0758  0.0033  0.0540  133 GLN A CD  
417 O OE1 . GLN A 51 ? 0.6598 0.6048 0.5362 0.0804  0.0042  0.0525  133 GLN A OE1 
418 N NE2 . GLN A 51 ? 0.6082 0.5381 0.4610 0.0776  -0.0004 0.0608  133 GLN A NE2 
419 N N   . ILE A 52 ? 0.5331 0.5318 0.4784 0.0718  0.0088  0.0294  134 ILE A N   
420 C CA  . ILE A 52 ? 0.4344 0.4448 0.3984 0.0773  0.0058  0.0277  134 ILE A CA  
421 C C   . ILE A 52 ? 0.5019 0.5197 0.4791 0.0735  0.0086  0.0217  134 ILE A C   
422 O O   . ILE A 52 ? 0.4205 0.4440 0.4079 0.0783  0.0055  0.0238  134 ILE A O   
423 C CB  . ILE A 52 ? 0.4381 0.4509 0.4086 0.0782  0.0048  0.0229  134 ILE A CB  
424 C CG1 . ILE A 52 ? 0.4602 0.4641 0.4169 0.0834  0.0018  0.0290  134 ILE A CG1 
425 C CG2 . ILE A 52 ? 0.4081 0.4317 0.3974 0.0835  0.0006  0.0204  134 ILE A CG2 
426 C CD1 . ILE A 52 ? 0.4512 0.4548 0.4100 0.0827  0.0002  0.0239  134 ILE A CD1 
427 N N   . LEU A 53 ? 0.4407 0.4568 0.4165 0.0643  0.0155  0.0139  135 LEU A N   
428 C CA  . LEU A 53 ? 0.4569 0.4785 0.4447 0.0603  0.0201  0.0064  135 LEU A CA  
429 C C   . LEU A 53 ? 0.4476 0.4653 0.4271 0.0595  0.0189  0.0109  135 LEU A C   
430 O O   . LEU A 53 ? 0.4358 0.4586 0.4272 0.0619  0.0181  0.0093  135 LEU A O   
431 C CB  . LEU A 53 ? 0.5024 0.5220 0.4881 0.0495  0.0301  -0.0033 135 LEU A CB  
432 C CG  . LEU A 53 ? 0.5512 0.5778 0.5528 0.0460  0.0368  -0.0132 135 LEU A CG  
433 C CD1 . LEU A 53 ? 0.5378 0.5777 0.5660 0.0552  0.0319  -0.0159 135 LEU A CD1 
434 C CD2 . LEU A 53 ? 0.6195 0.6447 0.6197 0.0345  0.0489  -0.0237 135 LEU A CD2 
435 N N   . VAL A 54 ? 0.4230 0.4312 0.3819 0.0560  0.0179  0.0165  136 VAL A N   
436 C CA  . VAL A 54 ? 0.4664 0.4723 0.4178 0.0546  0.0148  0.0207  136 VAL A CA  
437 C C   . VAL A 54 ? 0.4647 0.4781 0.4271 0.0636  0.0078  0.0279  136 VAL A C   
438 O O   . VAL A 54 ? 0.4626 0.4788 0.4311 0.0628  0.0066  0.0277  136 VAL A O   
439 C CB  . VAL A 54 ? 0.4343 0.4284 0.3615 0.0503  0.0128  0.0261  136 VAL A CB  
440 C CG1 . VAL A 54 ? 0.5013 0.4957 0.4230 0.0499  0.0065  0.0314  136 VAL A CG1 
441 C CG2 . VAL A 54 ? 0.4817 0.4651 0.3941 0.0391  0.0214  0.0187  136 VAL A CG2 
442 N N   . GLY A 55 ? 0.4487 0.4639 0.4129 0.0712  0.0041  0.0337  137 GLY A N   
443 C CA  . GLY A 55 ? 0.4767 0.4981 0.4502 0.0790  -0.0005 0.0402  137 GLY A CA  
444 C C   . GLY A 55 ? 0.5161 0.5426 0.5053 0.0811  0.0000  0.0365  137 GLY A C   
445 O O   . GLY A 55 ? 0.4083 0.4372 0.4028 0.0826  -0.0021 0.0400  137 GLY A O   
446 N N   . GLU A 56 ? 0.4620 0.4898 0.4593 0.0813  0.0023  0.0296  138 GLU A N   
447 C CA  . GLU A 56 ? 0.4287 0.4602 0.4419 0.0844  0.0019  0.0258  138 GLU A CA  
448 C C   . GLU A 56 ? 0.5166 0.5467 0.5331 0.0791  0.0053  0.0213  138 GLU A C   
449 O O   . GLU A 56 ? 0.5299 0.5594 0.5549 0.0822  0.0037  0.0223  138 GLU A O   
450 C CB  . GLU A 56 ? 0.4441 0.4798 0.4688 0.0856  0.0030  0.0180  138 GLU A CB  
451 C CG  . GLU A 56 ? 0.4903 0.5271 0.5138 0.0916  -0.0023 0.0216  138 GLU A CG  
452 C CD  . GLU A 56 ? 0.6612 0.6967 0.6873 0.0999  -0.0084 0.0284  138 GLU A CD  
453 O OE1 . GLU A 56 ? 0.6169 0.6527 0.6533 0.1023  -0.0094 0.0274  138 GLU A OE1 
454 O OE2 . GLU A 56 ? 0.7178 0.7502 0.7339 0.1040  -0.0116 0.0347  138 GLU A OE2 
455 N N   . LEU A 57 ? 0.4892 0.5161 0.4967 0.0707  0.0103  0.0163  139 LEU A N   
456 C CA  . LEU A 57 ? 0.4431 0.4666 0.4502 0.0646  0.0140  0.0112  139 LEU A CA  
457 C C   . LEU A 57 ? 0.4828 0.5047 0.4845 0.0642  0.0088  0.0188  139 LEU A C   
458 O O   . LEU A 57 ? 0.4747 0.4950 0.4833 0.0638  0.0091  0.0172  139 LEU A O   
459 C CB  . LEU A 57 ? 0.5327 0.5506 0.5261 0.0545  0.0205  0.0047  139 LEU A CB  
460 C CG  . LEU A 57 ? 0.7801 0.7996 0.7833 0.0511  0.0298  -0.0074 139 LEU A CG  
461 C CD1 . LEU A 57 ? 0.7302 0.7573 0.7457 0.0563  0.0293  -0.0086 139 LEU A CD1 
462 C CD2 . LEU A 57 ? 0.8181 0.8289 0.8025 0.0395  0.0377  -0.0130 139 LEU A CD2 
463 N N   . ALA A 58 ? 0.4643 0.4869 0.4549 0.0644  0.0044  0.0266  140 ALA A N   
464 C CA  . ALA A 58 ? 0.4683 0.4932 0.4575 0.0642  -0.0008 0.0339  140 ALA A CA  
465 C C   . ALA A 58 ? 0.4091 0.4374 0.4114 0.0705  -0.0024 0.0381  140 ALA A C   
466 O O   . ALA A 58 ? 0.4906 0.5191 0.4968 0.0679  -0.0037 0.0398  140 ALA A O   
467 C CB  . ALA A 58 ? 0.4405 0.4671 0.4196 0.0660  -0.0054 0.0414  140 ALA A CB  
468 N N   . LEU A 59 ? 0.4113 0.4409 0.4188 0.0782  -0.0025 0.0399  141 LEU A N   
469 C CA  . LEU A 59 ? 0.4946 0.5239 0.5105 0.0841  -0.0040 0.0442  141 LEU A CA  
470 C C   . LEU A 59 ? 0.5190 0.5432 0.5436 0.0830  -0.0022 0.0389  141 LEU A C   
471 O O   . LEU A 59 ? 0.5122 0.5332 0.5397 0.0826  -0.0029 0.0426  141 LEU A O   
472 C CB  . LEU A 59 ? 0.4500 0.4797 0.4660 0.0919  -0.0055 0.0465  141 LEU A CB  
473 C CG  . LEU A 59 ? 0.5578 0.5841 0.5778 0.0983  -0.0076 0.0512  141 LEU A CG  
474 C CD1 . LEU A 59 ? 0.4734 0.5007 0.4899 0.0985  -0.0073 0.0599  141 LEU A CD1 
475 C CD2 . LEU A 59 ? 0.6137 0.6391 0.6321 0.1049  -0.0104 0.0512  141 LEU A CD2 
476 N N   . ALA A 60 ? 0.5382 0.5610 0.5673 0.0822  0.0006  0.0301  142 ALA A N   
477 C CA  . ALA A 60 ? 0.5474 0.5647 0.5865 0.0828  0.0029  0.0239  142 ALA A CA  
478 C C   . ALA A 60 ? 0.5016 0.5135 0.5367 0.0746  0.0052  0.0218  142 ALA A C   
479 O O   . ALA A 60 ? 0.5169 0.5215 0.5573 0.0754  0.0055  0.0215  142 ALA A O   
480 C CB  . ALA A 60 ? 0.5041 0.5237 0.5519 0.0833  0.0069  0.0136  142 ALA A CB  
481 N N   . GLU A 61 ? 0.5070 0.5208 0.5311 0.0667  0.0063  0.0205  143 GLU A N   
482 C CA  . GLU A 61 ? 0.4727 0.4818 0.4905 0.0577  0.0068  0.0184  143 GLU A CA  
483 C C   . GLU A 61 ? 0.5373 0.5478 0.5572 0.0575  0.0023  0.0270  143 GLU A C   
484 O O   . GLU A 61 ? 0.5337 0.5373 0.5559 0.0534  0.0032  0.0252  143 GLU A O   
485 C CB  . GLU A 61 ? 0.5708 0.5812 0.5735 0.0497  0.0064  0.0169  143 GLU A CB  
486 C CG  . GLU A 61 ? 0.6761 0.6819 0.6728 0.0456  0.0134  0.0068  143 GLU A CG  
487 C CD  . GLU A 61 ? 0.7285 0.7318 0.7048 0.0374  0.0124  0.0069  143 GLU A CD  
488 O OE1 . GLU A 61 ? 0.6574 0.6637 0.6266 0.0357  0.0049  0.0146  143 GLU A OE1 
489 O OE2 . GLU A 61 ? 0.7185 0.7168 0.6862 0.0326  0.0191  -0.0005 143 GLU A OE2 
490 N N   . SER A 62 ? 0.4539 0.4727 0.4729 0.0614  -0.0015 0.0358  144 SER A N   
491 C CA  . SER A 62 ? 0.5161 0.5387 0.5390 0.0612  -0.0042 0.0440  144 SER A CA  
492 C C   . SER A 62 ? 0.4759 0.4902 0.5058 0.0649  -0.0022 0.0455  144 SER A C   
493 O O   . SER A 62 ? 0.5032 0.5146 0.5357 0.0606  -0.0019 0.0485  144 SER A O   
494 C CB  . SER A 62 ? 0.3988 0.4312 0.4212 0.0671  -0.0066 0.0521  144 SER A CB  
495 O OG  . SER A 62 ? 0.4488 0.4869 0.4640 0.0643  -0.0094 0.0519  144 SER A OG  
496 N N   . THR A 63 ? 0.4839 0.4934 0.5162 0.0729  -0.0013 0.0436  145 THR A N   
497 C CA  . THR A 63 ? 0.5857 0.5848 0.6226 0.0782  -0.0011 0.0457  145 THR A CA  
498 C C   . THR A 63 ? 0.6018 0.5893 0.6420 0.0736  0.0015  0.0391  145 THR A C   
499 O O   . THR A 63 ? 0.5726 0.5500 0.6131 0.0721  0.0021  0.0427  145 THR A O   
500 C CB  . THR A 63 ? 0.5622 0.5608 0.6020 0.0883  -0.0031 0.0450  145 THR A CB  
501 O OG1 . THR A 63 ? 0.5432 0.5491 0.5775 0.0920  -0.0052 0.0517  145 THR A OG1 
502 C CG2 . THR A 63 ? 0.6070 0.5925 0.6501 0.0947  -0.0047 0.0473  145 THR A CG2 
503 N N   . ASP A 64 ? 0.5247 0.5117 0.5658 0.0707  0.0043  0.0291  146 ASP A N   
504 C CA  . ASP A 64 ? 0.5475 0.5223 0.5902 0.0658  0.0081  0.0213  146 ASP A CA  
505 C C   . ASP A 64 ? 0.5462 0.5183 0.5827 0.0547  0.0078  0.0232  146 ASP A C   
506 O O   . ASP A 64 ? 0.6124 0.5714 0.6497 0.0515  0.0095  0.0220  146 ASP A O   
507 C CB  . ASP A 64 ? 0.6731 0.6489 0.7160 0.0633  0.0129  0.0096  146 ASP A CB  
508 C CG  . ASP A 64 ? 0.6914 0.6717 0.7451 0.0732  0.0137  0.0058  146 ASP A CG  
509 O OD1 . ASP A 64 ? 0.7141 0.6922 0.7755 0.0828  0.0098  0.0110  146 ASP A OD1 
510 O OD2 . ASP A 64 ? 0.6505 0.6360 0.7042 0.0707  0.0182  -0.0023 146 ASP A OD2 
511 N N   . ASP A 65 ? 0.5073 0.4919 0.5381 0.0487  0.0050  0.0264  147 ASP A N   
512 C CA  . ASP A 65 ? 0.5057 0.4915 0.5331 0.0378  0.0030  0.0279  147 ASP A CA  
513 C C   . ASP A 65 ? 0.4514 0.4352 0.4845 0.0381  0.0025  0.0365  147 ASP A C   
514 O O   . ASP A 65 ? 0.5127 0.4882 0.5461 0.0300  0.0037  0.0352  147 ASP A O   
515 C CB  . ASP A 65 ? 0.5661 0.5667 0.5879 0.0334  -0.0018 0.0305  147 ASP A CB  
516 C CG  . ASP A 65 ? 0.6417 0.6396 0.6523 0.0280  -0.0011 0.0216  147 ASP A CG  
517 O OD1 . ASP A 65 ? 0.7396 0.7252 0.7478 0.0263  0.0044  0.0126  147 ASP A OD1 
518 O OD2 . ASP A 65 ? 0.5938 0.6005 0.5968 0.0256  -0.0056 0.0238  147 ASP A OD2 
519 N N   . ALA A 66 ? 0.4841 0.4741 0.5203 0.0467  0.0018  0.0447  148 ALA A N   
520 C CA  . ALA A 66 ? 0.5280 0.5146 0.5669 0.0467  0.0031  0.0531  148 ALA A CA  
521 C C   . ALA A 66 ? 0.5348 0.5000 0.5728 0.0473  0.0060  0.0517  148 ALA A C   
522 O O   . ALA A 66 ? 0.5305 0.4880 0.5686 0.0395  0.0081  0.0542  148 ALA A O   
523 C CB  . ALA A 66 ? 0.4818 0.4760 0.5205 0.0562  0.0026  0.0613  148 ALA A CB  
524 N N   . LYS A 67 ? 0.5114 0.4667 0.5493 0.0563  0.0060  0.0475  149 LYS A N   
525 C CA  . LYS A 67 ? 0.6077 0.5411 0.6455 0.0591  0.0077  0.0457  149 LYS A CA  
526 C C   . LYS A 67 ? 0.5778 0.5003 0.6147 0.0483  0.0109  0.0382  149 LYS A C   
527 O O   . LYS A 67 ? 0.5346 0.4401 0.5689 0.0441  0.0130  0.0404  149 LYS A O   
528 C CB  . LYS A 67 ? 0.6859 0.6151 0.7284 0.0712  0.0063  0.0406  149 LYS A CB  
529 C CG  . LYS A 67 ? 0.8089 0.7409 0.8511 0.0828  0.0020  0.0480  149 LYS A CG  
530 C CD  . LYS A 67 ? 0.9009 0.8344 0.9519 0.0932  -0.0003 0.0410  149 LYS A CD  
531 C CE  . LYS A 67 ? 0.9132 0.8519 0.9633 0.1035  -0.0062 0.0474  149 LYS A CE  
532 N NZ  . LYS A 67 ? 0.8661 0.8142 0.9279 0.1112  -0.0086 0.0395  149 LYS A NZ  
533 N N   . ALA A 68 ? 0.4918 0.4217 0.5283 0.0430  0.0115  0.0289  150 ALA A N   
534 C CA  . ALA A 68 ? 0.4803 0.3987 0.5130 0.0322  0.0145  0.0201  150 ALA A CA  
535 C C   . ALA A 68 ? 0.5765 0.4961 0.6069 0.0194  0.0133  0.0248  150 ALA A C   
536 O O   . ALA A 68 ? 0.5918 0.4948 0.6195 0.0113  0.0159  0.0215  150 ALA A O   
537 C CB  . ALA A 68 ? 0.4716 0.3986 0.5002 0.0280  0.0152  0.0103  150 ALA A CB  
538 N N   . GLU A 69 ? 0.5905 0.5304 0.6235 0.0176  0.0098  0.0323  151 GLU A N   
539 C CA  . GLU A 69 ? 0.5851 0.5326 0.6211 0.0061  0.0086  0.0372  151 GLU A CA  
540 C C   . GLU A 69 ? 0.5790 0.5111 0.6159 0.0050  0.0127  0.0437  151 GLU A C   
541 O O   . GLU A 69 ? 0.6469 0.5715 0.6842 -0.0074 0.0144  0.0425  151 GLU A O   
542 C CB  . GLU A 69 ? 0.6961 0.6690 0.7376 0.0085  0.0047  0.0442  151 GLU A CB  
543 C CG  . GLU A 69 ? 0.8753 0.8643 0.9236 -0.0037 0.0013  0.0459  151 GLU A CG  
544 C CD  . GLU A 69 ? 0.9545 0.9596 1.0009 -0.0065 -0.0058 0.0420  151 GLU A CD  
545 O OE1 . GLU A 69 ? 1.0139 1.0121 1.0503 -0.0033 -0.0063 0.0354  151 GLU A OE1 
546 O OE2 . GLU A 69 ? 0.9908 1.0151 1.0457 -0.0120 -0.0108 0.0454  151 GLU A OE2 
547 N N   . THR A 70 ? 0.6004 0.5265 0.6361 0.0171  0.0142  0.0506  152 THR A N   
548 C CA  . THR A 70 ? 0.6719 0.5799 0.7042 0.0169  0.0181  0.0581  152 THR A CA  
549 C C   . THR A 70 ? 0.6731 0.5522 0.6998 0.0146  0.0206  0.0526  152 THR A C   
550 O O   . THR A 70 ? 0.6683 0.5312 0.6914 0.0058  0.0244  0.0554  152 THR A O   
551 C CB  . THR A 70 ? 0.7524 0.6574 0.7806 0.0312  0.0175  0.0662  152 THR A CB  
552 O OG1 . THR A 70 ? 0.7121 0.6417 0.7443 0.0337  0.0160  0.0705  152 THR A OG1 
553 C CG2 . THR A 70 ? 0.8324 0.7158 0.8522 0.0301  0.0216  0.0750  152 THR A CG2 
554 N N   . ILE A 71 ? 0.6605 0.5328 0.6871 0.0224  0.0193  0.0443  153 ILE A N   
555 C CA  . ILE A 71 ? 0.7200 0.5651 0.7430 0.0219  0.0223  0.0375  153 ILE A CA  
556 C C   . ILE A 71 ? 0.6862 0.5261 0.7065 0.0045  0.0248  0.0304  153 ILE A C   
557 O O   . ILE A 71 ? 0.6735 0.4895 0.6888 -0.0018 0.0283  0.0301  153 ILE A O   
558 C CB  . ILE A 71 ? 0.6568 0.4996 0.6837 0.0338  0.0217  0.0283  153 ILE A CB  
559 C CG1 . ILE A 71 ? 0.7221 0.5651 0.7521 0.0507  0.0181  0.0352  153 ILE A CG1 
560 C CG2 . ILE A 71 ? 0.6656 0.4814 0.6902 0.0323  0.0260  0.0190  153 ILE A CG2 
561 C CD1 . ILE A 71 ? 0.7836 0.6284 0.8222 0.0627  0.0174  0.0263  153 ILE A CD1 
562 N N   . LEU A 72 ? 0.6179 0.4789 0.6404 -0.0038 0.0222  0.0247  154 LEU A N   
563 C CA  . LEU A 72 ? 0.6605 0.5175 0.6791 -0.0211 0.0228  0.0176  154 LEU A CA  
564 C C   . LEU A 72 ? 0.6645 0.5220 0.6859 -0.0331 0.0236  0.0253  154 LEU A C   
565 O O   . LEU A 72 ? 0.5818 0.4226 0.5992 -0.0462 0.0261  0.0210  154 LEU A O   
566 C CB  . LEU A 72 ? 0.6933 0.5724 0.7113 -0.0270 0.0180  0.0112  154 LEU A CB  
567 C CG  . LEU A 72 ? 0.7409 0.6157 0.7524 -0.0450 0.0165  0.0024  154 LEU A CG  
568 C CD1 . LEU A 72 ? 0.6818 0.5239 0.6848 -0.0480 0.0229  -0.0068 154 LEU A CD1 
569 C CD2 . LEU A 72 ? 0.7339 0.6255 0.7397 -0.0482 0.0113  -0.0041 154 LEU A CD2 
570 N N   . ASP A 73 ? 0.6246 0.5004 0.6528 -0.0295 0.0226  0.0361  155 ASP A N   
571 C CA  . ASP A 73 ? 0.6892 0.5671 0.7220 -0.0409 0.0255  0.0433  155 ASP A CA  
572 C C   . ASP A 73 ? 0.6865 0.5300 0.7101 -0.0425 0.0319  0.0462  155 ASP A C   
573 O O   . ASP A 73 ? 0.7683 0.6021 0.7917 -0.0578 0.0355  0.0457  155 ASP A O   
574 C CB  . ASP A 73 ? 0.7315 0.6327 0.7721 -0.0345 0.0255  0.0538  155 ASP A CB  
575 C CG  . ASP A 73 ? 0.9637 0.8986 1.0169 -0.0415 0.0202  0.0528  155 ASP A CG  
576 O OD1 . ASP A 73 ? 1.0122 0.9517 1.0690 -0.0558 0.0172  0.0462  155 ASP A OD1 
577 O OD2 . ASP A 73 ? 1.1018 1.0576 1.1609 -0.0327 0.0185  0.0584  155 ASP A OD2 
578 N N   . GLU A 74 ? 0.5972 0.4219 0.6136 -0.0268 0.0329  0.0491  156 GLU A N   
579 C CA  . GLU A 74 ? 0.6573 0.4459 0.6630 -0.0254 0.0375  0.0529  156 GLU A CA  
580 C C   . GLU A 74 ? 0.6576 0.4217 0.6582 -0.0345 0.0397  0.0422  156 GLU A C   
581 O O   . GLU A 74 ? 0.6997 0.4382 0.6929 -0.0441 0.0445  0.0443  156 GLU A O   
582 C CB  . GLU A 74 ? 0.8007 0.5771 0.8012 -0.0049 0.0352  0.0579  156 GLU A CB  
583 C CG  . GLU A 74 ? 0.8890 0.6822 0.8896 0.0025  0.0340  0.0693  156 GLU A CG  
584 C CD  . GLU A 74 ? 0.9867 0.7737 0.9836 0.0225  0.0291  0.0726  156 GLU A CD  
585 O OE1 . GLU A 74 ? 0.9616 0.7428 0.9623 0.0315  0.0260  0.0644  156 GLU A OE1 
586 O OE2 . GLU A 74 ? 1.0804 0.8692 1.0710 0.0289  0.0284  0.0829  156 GLU A OE2 
587 N N   . VAL A 75 ? 0.6832 0.4536 0.6862 -0.0323 0.0371  0.0305  157 VAL A N   
588 C CA  . VAL A 75 ? 0.7167 0.4644 0.7135 -0.0413 0.0398  0.0184  157 VAL A CA  
589 C C   . VAL A 75 ? 0.6565 0.4077 0.6527 -0.0645 0.0406  0.0153  157 VAL A C   
590 O O   . VAL A 75 ? 0.6679 0.3908 0.6562 -0.0749 0.0449  0.0112  157 VAL A O   
591 C CB  . VAL A 75 ? 0.6893 0.4450 0.6871 -0.0353 0.0382  0.0059  157 VAL A CB  
592 C CG1 . VAL A 75 ? 0.6876 0.4255 0.6771 -0.0493 0.0413  -0.0075 157 VAL A CG1 
593 C CG2 . VAL A 75 ? 0.7261 0.4701 0.7261 -0.0141 0.0391  0.0057  157 VAL A CG2 
594 N N   . LEU A 76 ? 0.6536 0.4393 0.6589 -0.0722 0.0358  0.0168  158 LEU A N   
595 C CA  . LEU A 76 ? 0.7639 0.5590 0.7729 -0.0940 0.0346  0.0138  158 LEU A CA  
596 C C   . LEU A 76 ? 0.7294 0.5129 0.7401 -0.1032 0.0404  0.0229  158 LEU A C   
597 O O   . LEU A 76 ? 0.7236 0.4932 0.7318 -0.1210 0.0431  0.0189  158 LEU A O   
598 C CB  . LEU A 76 ? 0.7062 0.5426 0.7271 -0.0975 0.0266  0.0145  158 LEU A CB  
599 C CG  . LEU A 76 ? 0.6959 0.5412 0.7110 -0.0955 0.0206  0.0040  158 LEU A CG  
600 C CD1 . LEU A 76 ? 0.7137 0.5967 0.7390 -0.0915 0.0128  0.0085  158 LEU A CD1 
601 C CD2 . LEU A 76 ? 0.6214 0.4557 0.6286 -0.1146 0.0186  -0.0079 158 LEU A CD2 
602 N N   . ALA A 77 ? 0.7598 0.5473 0.7729 -0.0917 0.0431  0.0351  159 ALA A N   
603 C CA  . ALA A 77 ? 0.7654 0.5401 0.7768 -0.0998 0.0505  0.0449  159 ALA A CA  
604 C C   . ALA A 77 ? 0.8503 0.5781 0.8454 -0.1029 0.0563  0.0433  159 ALA A C   
605 O O   . ALA A 77 ? 0.9522 0.6650 0.9446 -0.1201 0.0620  0.0443  159 ALA A O   
606 C CB  . ALA A 77 ? 0.7085 0.4925 0.7205 -0.0853 0.0521  0.0574  159 ALA A CB  
607 N N   . ALA A 78 ? 0.8685 0.5730 0.8537 -0.0862 0.0550  0.0406  160 ALA A N   
608 C CA  . ALA A 78 ? 0.9012 0.5590 0.8712 -0.0855 0.0598  0.0391  160 ALA A CA  
609 C C   . ALA A 78 ? 0.9520 0.5937 0.9183 -0.1030 0.0617  0.0258  160 ALA A C   
610 O O   . ALA A 78 ? 0.9950 0.5963 0.9485 -0.1058 0.0666  0.0237  160 ALA A O   
611 C CB  . ALA A 78 ? 0.8499 0.4914 0.8151 -0.0616 0.0570  0.0387  160 ALA A CB  
612 N N   . ALA A 79 ? 1.0117 0.6837 0.9877 -0.1147 0.0572  0.0172  161 ALA A N   
613 C CA  . ALA A 79 ? 1.0355 0.6950 1.0064 -0.1328 0.0575  0.0037  161 ALA A CA  
614 C C   . ALA A 79 ? 0.9908 0.6708 0.9709 -0.1575 0.0564  0.0035  161 ALA A C   
615 O O   . ALA A 79 ? 0.9657 0.6586 0.9545 -0.1628 0.0592  0.0143  161 ALA A O   
616 C CB  . ALA A 79 ? 1.0114 0.6833 0.9819 -0.1268 0.0523  -0.0087 161 ALA A CB  
# 
